data_8AD2
#
_entry.id   8AD2
#
_cell.length_a   66.660
_cell.length_b   146.159
_cell.length_c   81.908
_cell.angle_alpha   90.000
_cell.angle_beta   95.874
_cell.angle_gamma   90.000
#
_symmetry.space_group_name_H-M   'P 1 21 1'
#
loop_
_entity.id
_entity.type
_entity.pdbx_description
1 polymer Nictaba
2 branched 2-acetamido-2-deoxy-beta-D-glucopyranose-(1-4)-2-acetamido-2-deoxy-beta-D-glucopyranose-(1-4)-2-acetamido-2-deoxy-beta-D-glucopyranose
3 non-polymer 'ZINC ION'
4 non-polymer 'CHLORIDE ION'
5 water water
#
_entity_poly.entity_id   1
_entity_poly.type   'polypeptide(L)'
_entity_poly.pdbx_seq_one_letter_code
;MGQGQWIAARDLSITWVDNPQYWTWKTVDPNIEVAELRRVAWLDIYGKIETKNLIRKTSYAVYLVFKLTDNPRELERATA
SLRFVNEVAEGAGIEGTTVFISKKKKLPGELGRFPHLRSDGWLEIKLGEFFNNLGEDGEVEMRLMEINDKTWKSGIIVKG
FDIRPN
;
_entity_poly.pdbx_strand_id   A,B,C,D,E,F,G,H
#
loop_
_chem_comp.id
_chem_comp.type
_chem_comp.name
_chem_comp.formula
CL non-polymer 'CHLORIDE ION' 'Cl -1'
NAG D-saccharide, beta linking 2-acetamido-2-deoxy-beta-D-glucopyranose 'C8 H15 N O6'
ZN non-polymer 'ZINC ION' 'Zn 2'
#
# COMPACT_ATOMS: atom_id res chain seq x y z
N GLY A 2 32.19 10.56 -14.78
CA GLY A 2 30.83 10.44 -15.35
C GLY A 2 30.06 11.74 -15.20
N GLN A 3 28.97 11.72 -14.44
CA GLN A 3 28.23 12.98 -14.16
C GLN A 3 28.58 13.37 -12.72
N GLY A 4 29.61 12.72 -12.18
CA GLY A 4 30.05 13.05 -10.81
C GLY A 4 31.45 13.62 -10.80
N GLN A 5 32.04 13.72 -9.60
CA GLN A 5 33.37 14.36 -9.49
C GLN A 5 34.36 13.44 -8.79
N TRP A 6 35.64 13.57 -9.14
CA TRP A 6 36.69 12.80 -8.53
C TRP A 6 37.57 13.76 -7.73
N ILE A 7 37.87 13.42 -6.48
CA ILE A 7 38.92 14.12 -5.74
C ILE A 7 40.07 13.14 -5.50
N ALA A 8 41.16 13.30 -6.23
CA ALA A 8 42.34 12.48 -6.02
C ALA A 8 42.92 12.72 -4.63
N ALA A 9 43.64 11.72 -4.12
CA ALA A 9 44.20 11.79 -2.77
C ALA A 9 45.05 13.03 -2.56
N ARG A 10 45.83 13.42 -3.59
CA ARG A 10 46.67 14.62 -3.48
C ARG A 10 45.86 15.88 -3.18
N ASP A 11 44.59 15.91 -3.55
CA ASP A 11 43.75 17.08 -3.31
C ASP A 11 42.90 16.99 -2.05
N LEU A 12 42.94 15.88 -1.32
CA LEU A 12 42.24 15.78 -0.05
C LEU A 12 43.07 16.41 1.07
N SER A 13 42.45 16.66 2.21
CA SER A 13 43.14 17.14 3.41
C SER A 13 43.37 15.94 4.33
N ILE A 14 44.60 15.46 4.36
CA ILE A 14 45.00 14.28 5.11
C ILE A 14 46.07 14.76 6.10
N THR A 15 45.74 14.76 7.39
CA THR A 15 46.67 15.31 8.36
C THR A 15 47.89 14.38 8.41
N TRP A 16 49.06 14.99 8.55
CA TRP A 16 50.38 14.32 8.59
C TRP A 16 50.78 13.70 7.25
N VAL A 17 50.02 13.90 6.19
CA VAL A 17 50.31 13.16 4.96
C VAL A 17 51.56 13.64 4.25
N ASP A 18 52.11 14.81 4.57
CA ASP A 18 53.36 15.29 3.97
C ASP A 18 54.53 15.17 4.93
N ASN A 19 54.43 14.29 5.92
CA ASN A 19 55.55 13.94 6.74
C ASN A 19 55.89 12.49 6.44
N PRO A 20 57.07 12.19 5.86
CA PRO A 20 57.34 10.81 5.41
C PRO A 20 57.41 9.81 6.55
N GLN A 21 57.60 10.23 7.79
CA GLN A 21 57.61 9.23 8.85
C GLN A 21 56.26 8.54 8.99
N TYR A 22 55.19 9.17 8.51
CA TYR A 22 53.85 8.67 8.82
C TYR A 22 53.07 8.20 7.60
N TRP A 23 53.25 8.89 6.46
CA TRP A 23 52.63 8.52 5.20
C TRP A 23 53.70 8.56 4.11
N THR A 24 53.49 7.76 3.06
CA THR A 24 54.40 7.68 1.92
C THR A 24 53.59 7.89 0.67
N TRP A 25 53.96 8.90 -0.12
CA TRP A 25 53.34 9.13 -1.41
C TRP A 25 53.98 8.20 -2.44
N LYS A 26 53.16 7.50 -3.20
CA LYS A 26 53.63 6.56 -4.20
C LYS A 26 52.90 6.81 -5.52
N THR A 27 53.60 6.58 -6.61
CA THR A 27 52.98 6.48 -7.92
C THR A 27 52.72 5.00 -8.16
N VAL A 28 51.55 4.71 -8.69
CA VAL A 28 51.11 3.36 -9.04
C VAL A 28 50.34 3.38 -10.35
N ASP A 29 50.15 2.23 -10.97
CA ASP A 29 49.36 2.11 -12.19
C ASP A 29 47.91 2.61 -11.97
N PRO A 30 47.31 3.38 -12.90
CA PRO A 30 47.85 3.85 -14.17
C PRO A 30 48.43 5.27 -14.08
N ASN A 31 49.64 5.41 -13.55
CA ASN A 31 50.30 6.70 -13.32
C ASN A 31 49.48 7.68 -12.45
N ILE A 32 49.09 7.22 -11.28
CA ILE A 32 48.36 8.00 -10.26
C ILE A 32 49.19 8.07 -8.99
N GLU A 33 49.07 9.21 -8.22
CA GLU A 33 49.66 9.35 -6.90
C GLU A 33 48.64 8.90 -5.83
N VAL A 34 49.08 8.05 -4.92
CA VAL A 34 48.26 7.54 -3.83
C VAL A 34 49.06 7.69 -2.55
N ALA A 35 48.35 7.75 -1.42
CA ALA A 35 48.97 7.96 -0.12
C ALA A 35 48.84 6.70 0.73
N GLU A 36 49.99 6.17 1.15
CA GLU A 36 50.06 4.95 1.93
C GLU A 36 50.41 5.32 3.35
N LEU A 37 49.53 4.93 4.27
CA LEU A 37 49.73 5.23 5.68
C LEU A 37 50.70 4.24 6.27
N ARG A 38 51.81 4.71 6.82
CA ARG A 38 52.78 3.84 7.51
C ARG A 38 52.31 3.70 8.95
N ARG A 39 52.19 4.83 9.65
CA ARG A 39 51.63 4.83 11.02
C ARG A 39 51.12 6.23 11.37
N VAL A 40 49.99 6.32 12.08
CA VAL A 40 49.47 7.63 12.56
C VAL A 40 48.53 7.35 13.74
N ALA A 41 48.47 8.25 14.71
CA ALA A 41 47.55 8.10 15.86
C ALA A 41 46.29 8.92 15.59
N TRP A 42 46.41 9.93 14.74
CA TRP A 42 45.29 10.81 14.38
C TRP A 42 45.06 10.67 12.87
N LEU A 43 44.16 9.79 12.50
CA LEU A 43 43.86 9.52 11.11
C LEU A 43 42.64 10.35 10.72
N ASP A 44 42.84 11.27 9.77
CA ASP A 44 41.71 12.07 9.31
C ASP A 44 41.88 12.31 7.82
N ILE A 45 40.99 11.74 7.00
CA ILE A 45 40.99 11.89 5.55
C ILE A 45 39.77 12.73 5.20
N TYR A 46 39.97 13.98 4.82
CA TYR A 46 38.91 14.96 4.74
C TYR A 46 38.79 15.59 3.34
N GLY A 47 37.56 15.81 2.93
CA GLY A 47 37.32 16.54 1.70
C GLY A 47 36.05 17.38 1.85
N LYS A 48 35.96 18.37 0.98
CA LYS A 48 34.87 19.34 0.98
C LYS A 48 34.61 19.79 -0.45
N ILE A 49 33.33 19.85 -0.85
CA ILE A 49 32.94 20.21 -2.22
C ILE A 49 31.85 21.25 -2.15
N GLU A 50 31.69 21.98 -3.26
CA GLU A 50 30.61 22.93 -3.42
C GLU A 50 29.46 22.31 -4.21
N THR A 51 28.25 22.41 -3.69
CA THR A 51 27.10 21.86 -4.40
C THR A 51 26.65 22.75 -5.54
N LYS A 52 27.09 24.03 -5.57
CA LYS A 52 26.75 24.92 -6.68
C LYS A 52 27.26 24.38 -8.02
N ASN A 53 28.28 23.52 -8.00
CA ASN A 53 28.89 22.96 -9.19
C ASN A 53 28.26 21.63 -9.63
N LEU A 54 27.35 21.07 -8.84
CA LEU A 54 26.80 19.77 -9.19
C LEU A 54 25.51 19.91 -9.98
N ILE A 55 25.08 18.79 -10.55
CA ILE A 55 23.81 18.77 -11.27
C ILE A 55 22.68 18.91 -10.26
N ARG A 56 21.68 19.74 -10.57
CA ARG A 56 20.60 20.00 -9.63
C ARG A 56 19.62 18.85 -9.56
N LYS A 57 18.84 18.80 -8.47
CA LYS A 57 17.78 17.81 -8.37
C LYS A 57 18.35 16.39 -8.48
N THR A 58 19.47 16.16 -7.82
CA THR A 58 20.20 14.91 -7.90
C THR A 58 20.75 14.51 -6.53
N SER A 59 20.52 13.25 -6.16
CA SER A 59 21.18 12.62 -5.03
C SER A 59 22.56 12.12 -5.41
N TYR A 60 23.53 12.37 -4.52
CA TYR A 60 24.92 12.00 -4.71
C TYR A 60 25.37 11.17 -3.52
N ALA A 61 26.23 10.17 -3.80
CA ALA A 61 26.93 9.41 -2.77
C ALA A 61 28.41 9.71 -2.88
N VAL A 62 29.10 9.70 -1.73
CA VAL A 62 30.53 9.94 -1.67
C VAL A 62 31.20 8.69 -1.11
N TYR A 63 32.26 8.23 -1.80
CA TYR A 63 32.96 7.01 -1.42
C TYR A 63 34.44 7.29 -1.28
N LEU A 64 35.05 6.76 -0.23
CA LEU A 64 36.49 6.75 -0.06
C LEU A 64 36.99 5.52 -0.80
N VAL A 65 37.89 5.73 -1.76
CA VAL A 65 38.52 4.66 -2.53
C VAL A 65 39.88 4.37 -1.93
N PHE A 66 40.11 3.10 -1.61
CA PHE A 66 41.32 2.78 -0.85
C PHE A 66 41.69 1.32 -1.04
N LYS A 67 42.87 0.98 -0.57
CA LYS A 67 43.33 -0.40 -0.52
C LYS A 67 43.90 -0.62 0.87
N LEU A 68 44.12 -1.88 1.21
CA LEU A 68 44.79 -2.29 2.44
C LEU A 68 46.10 -3.00 2.13
N THR A 69 47.08 -2.83 3.01
CA THR A 69 48.29 -3.63 2.94
C THR A 69 48.07 -5.02 3.48
N ASP A 70 49.16 -5.80 3.52
CA ASP A 70 49.09 -7.17 4.07
C ASP A 70 48.61 -7.15 5.52
N ASN A 71 49.07 -6.17 6.29
CA ASN A 71 48.83 -6.14 7.74
C ASN A 71 48.29 -4.80 8.18
N PRO A 72 47.03 -4.52 7.91
CA PRO A 72 46.40 -3.32 8.49
C PRO A 72 46.31 -3.47 10.01
N ARG A 73 46.52 -2.37 10.71
CA ARG A 73 46.44 -2.37 12.17
C ARG A 73 45.53 -1.24 12.67
N GLU A 74 44.68 -1.61 13.62
CA GLU A 74 43.86 -0.66 14.35
C GLU A 74 42.88 0.05 13.42
N LEU A 75 42.45 -0.64 12.37
CA LEU A 75 41.54 -0.05 11.40
C LEU A 75 40.36 -0.99 11.15
N GLU A 76 40.04 -1.87 12.10
CA GLU A 76 38.84 -2.67 11.96
C GLU A 76 37.60 -1.79 11.76
N ARG A 77 37.47 -0.76 12.58
CA ARG A 77 36.40 0.21 12.52
C ARG A 77 36.97 1.61 12.37
N ALA A 78 36.12 2.52 11.87
CA ALA A 78 36.48 3.92 11.79
C ALA A 78 35.21 4.75 11.74
N THR A 79 35.38 6.06 11.73
CA THR A 79 34.26 7.00 11.79
C THR A 79 34.13 7.69 10.44
N ALA A 80 32.97 7.55 9.83
CA ALA A 80 32.67 8.23 8.58
C ALA A 80 31.70 9.37 8.85
N SER A 81 31.86 10.43 8.07
CA SER A 81 31.08 11.63 8.31
C SER A 81 30.77 12.30 7.00
N LEU A 82 29.56 12.83 6.86
CA LEU A 82 29.18 13.60 5.68
C LEU A 82 28.05 14.52 6.07
N ARG A 83 28.25 15.82 5.90
CA ARG A 83 27.19 16.74 6.25
C ARG A 83 27.33 18.03 5.45
N PHE A 84 26.24 18.77 5.37
CA PHE A 84 26.28 20.14 4.89
C PHE A 84 26.96 20.99 5.93
N VAL A 85 27.93 21.81 5.50
CA VAL A 85 28.65 22.65 6.44
C VAL A 85 27.71 23.58 7.20
N ASN A 86 26.69 24.11 6.52
CA ASN A 86 25.78 25.07 7.12
C ASN A 86 24.80 24.43 8.10
N GLU A 87 24.80 23.08 8.26
CA GLU A 87 23.89 22.41 9.17
C GLU A 87 24.57 21.97 10.48
N VAL A 88 25.76 22.47 10.74
CA VAL A 88 26.50 22.13 11.95
C VAL A 88 26.10 23.12 13.05
N ALA A 89 25.39 22.62 14.04
CA ALA A 89 25.03 23.45 15.19
C ALA A 89 26.27 23.92 15.93
N GLU A 90 26.28 25.19 16.32
CA GLU A 90 27.32 25.73 17.17
C GLU A 90 27.70 24.77 18.30
N GLY A 91 29.00 24.43 18.36
CA GLY A 91 29.51 23.62 19.44
C GLY A 91 29.37 22.13 19.24
N ALA A 92 28.72 21.69 18.15
CA ALA A 92 28.59 20.26 17.89
C ALA A 92 29.92 19.71 17.37
N GLY A 93 30.18 18.44 17.62
CA GLY A 93 31.41 17.80 17.17
C GLY A 93 31.27 17.25 15.76
N ILE A 94 32.10 16.30 15.39
CA ILE A 94 32.00 15.75 14.02
C ILE A 94 30.67 15.00 13.89
N GLU A 95 30.25 14.31 14.93
CA GLU A 95 28.95 13.59 14.99
C GLU A 95 28.78 12.70 13.77
N GLY A 96 29.65 11.68 13.56
CA GLY A 96 29.68 10.71 12.49
C GLY A 96 29.12 9.38 12.88
N THR A 97 29.47 8.36 12.09
CA THR A 97 28.89 7.04 12.17
C THR A 97 29.97 5.99 12.03
N THR A 98 29.81 4.88 12.73
CA THR A 98 30.83 3.84 12.71
C THR A 98 30.67 2.96 11.47
N VAL A 99 31.77 2.77 10.74
CA VAL A 99 31.81 1.87 9.60
C VAL A 99 32.98 0.92 9.80
N PHE A 100 32.99 -0.17 9.02
CA PHE A 100 34.07 -1.15 9.03
C PHE A 100 35.03 -0.90 7.87
N ILE A 101 36.32 -1.02 8.13
CA ILE A 101 37.33 -0.77 7.09
C ILE A 101 38.10 -2.05 6.81
N SER A 102 38.81 -2.56 7.81
CA SER A 102 39.64 -3.76 7.61
C SER A 102 38.96 -5.06 8.04
N LYS A 103 37.90 -4.98 8.82
CA LYS A 103 37.21 -6.19 9.23
C LYS A 103 36.41 -6.76 8.06
N LYS A 104 36.47 -8.08 7.89
CA LYS A 104 35.73 -8.78 6.84
C LYS A 104 34.38 -9.22 7.38
N LYS A 105 33.34 -9.11 6.55
CA LYS A 105 32.02 -9.57 6.94
C LYS A 105 32.08 -11.06 7.22
N LYS A 106 31.76 -11.43 8.47
CA LYS A 106 31.86 -12.82 8.90
C LYS A 106 30.75 -13.65 8.29
N LEU A 107 29.54 -13.47 8.81
CA LEU A 107 28.34 -14.24 8.56
C LEU A 107 27.31 -13.34 7.91
N PRO A 108 26.51 -13.86 6.98
CA PRO A 108 25.67 -12.96 6.18
C PRO A 108 24.76 -12.06 7.00
N GLY A 109 24.45 -12.43 8.25
CA GLY A 109 23.60 -11.62 9.10
C GLY A 109 24.28 -10.48 9.85
N GLU A 110 25.58 -10.31 9.64
CA GLU A 110 26.32 -9.30 10.36
C GLU A 110 25.95 -7.91 9.84
N LEU A 111 25.66 -7.00 10.75
CA LEU A 111 25.23 -5.67 10.38
C LEU A 111 26.44 -4.73 10.22
N GLY A 112 26.19 -3.61 9.57
CA GLY A 112 27.18 -2.57 9.42
C GLY A 112 27.48 -2.27 7.97
N ARG A 113 28.18 -1.17 7.78
CA ARG A 113 28.63 -0.76 6.46
C ARG A 113 30.03 -1.31 6.24
N PHE A 114 30.17 -2.17 5.24
CA PHE A 114 31.43 -2.78 4.92
C PHE A 114 31.92 -2.25 3.57
N PRO A 115 33.22 -2.32 3.32
CA PRO A 115 33.71 -1.92 2.00
C PRO A 115 33.40 -3.01 0.98
N HIS A 116 33.65 -2.69 -0.28
CA HIS A 116 33.61 -3.74 -1.29
C HIS A 116 34.47 -3.34 -2.49
N LEU A 117 34.67 -4.32 -3.36
CA LEU A 117 35.62 -4.21 -4.47
C LEU A 117 35.03 -3.45 -5.64
N ARG A 118 35.81 -2.53 -6.18
CA ARG A 118 35.45 -1.78 -7.37
C ARG A 118 36.00 -2.46 -8.62
N SER A 119 35.49 -2.01 -9.78
CA SER A 119 35.98 -2.47 -11.08
C SER A 119 37.48 -2.27 -11.20
N ASP A 120 38.01 -1.18 -10.65
CA ASP A 120 39.44 -0.90 -10.76
C ASP A 120 40.30 -1.65 -9.73
N GLY A 121 39.72 -2.62 -9.02
CA GLY A 121 40.48 -3.40 -8.07
C GLY A 121 40.71 -2.72 -6.73
N TRP A 122 40.29 -1.46 -6.58
CA TRP A 122 40.34 -0.76 -5.31
C TRP A 122 39.07 -1.03 -4.52
N LEU A 123 39.18 -0.93 -3.21
CA LEU A 123 37.99 -0.94 -2.36
C LEU A 123 37.36 0.44 -2.26
N GLU A 124 36.10 0.47 -1.87
CA GLU A 124 35.44 1.72 -1.57
C GLU A 124 34.47 1.48 -0.42
N ILE A 125 34.32 2.50 0.41
CA ILE A 125 33.39 2.57 1.53
C ILE A 125 32.57 3.85 1.37
N LYS A 126 31.27 3.73 1.44
CA LYS A 126 30.37 4.88 1.34
C LYS A 126 30.47 5.74 2.60
N LEU A 127 30.88 7.01 2.41
CA LEU A 127 30.93 7.90 3.57
C LEU A 127 29.57 8.50 3.86
N GLY A 128 28.70 8.60 2.88
CA GLY A 128 27.41 9.24 3.06
C GLY A 128 26.79 9.56 1.74
N GLU A 129 25.60 10.13 1.82
CA GLU A 129 24.73 10.50 0.69
C GLU A 129 24.09 11.86 0.97
N PHE A 130 23.85 12.65 -0.08
CA PHE A 130 23.11 13.89 0.08
C PHE A 130 22.35 14.23 -1.19
N PHE A 131 21.31 15.03 -1.02
CA PHE A 131 20.50 15.49 -2.12
C PHE A 131 20.92 16.90 -2.48
N ASN A 132 21.28 17.12 -3.73
CA ASN A 132 21.54 18.48 -4.22
C ASN A 132 20.24 19.00 -4.82
N ASN A 133 19.66 19.99 -4.17
CA ASN A 133 18.39 20.53 -4.64
C ASN A 133 18.67 21.59 -5.71
N LEU A 134 18.92 22.83 -5.31
CA LEU A 134 19.16 23.92 -6.24
C LEU A 134 20.63 24.37 -6.28
N GLY A 135 21.53 23.64 -5.61
CA GLY A 135 22.89 24.05 -5.45
C GLY A 135 23.08 25.27 -4.61
N GLU A 136 22.11 25.61 -3.76
CA GLU A 136 22.19 26.80 -2.91
C GLU A 136 22.37 26.48 -1.42
N ASP A 137 22.48 25.20 -1.04
CA ASP A 137 22.60 24.85 0.38
C ASP A 137 24.05 24.82 0.84
N GLY A 138 24.97 25.24 -0.01
CA GLY A 138 26.35 25.41 0.38
C GLY A 138 27.22 24.19 0.17
N GLU A 139 28.27 24.09 0.94
CA GLU A 139 29.23 23.01 0.83
C GLU A 139 28.88 21.80 1.67
N VAL A 140 29.43 20.67 1.24
CA VAL A 140 29.31 19.37 1.89
C VAL A 140 30.73 18.95 2.24
N GLU A 141 30.94 18.62 3.49
CA GLU A 141 32.21 18.09 3.93
C GLU A 141 32.02 16.62 4.33
N MET A 142 33.07 15.83 4.09
N MET A 142 33.07 15.83 4.11
CA MET A 142 32.98 14.38 4.42
CA MET A 142 33.00 14.39 4.41
C MET A 142 34.39 13.90 4.78
C MET A 142 34.39 13.93 4.81
N ARG A 143 34.46 12.91 5.68
CA ARG A 143 35.77 12.41 6.12
C ARG A 143 35.71 10.98 6.63
N LEU A 144 36.85 10.32 6.66
CA LEU A 144 36.95 9.03 7.37
C LEU A 144 38.04 9.29 8.41
N MET A 145 37.73 9.09 9.68
CA MET A 145 38.71 9.40 10.72
C MET A 145 38.79 8.30 11.78
N GLU A 146 39.93 8.28 12.48
CA GLU A 146 40.17 7.41 13.63
C GLU A 146 41.11 8.21 14.51
N ILE A 147 40.57 8.87 15.54
CA ILE A 147 41.35 9.81 16.33
C ILE A 147 41.51 9.33 17.77
N ASN A 148 41.56 8.03 17.96
CA ASN A 148 41.93 7.46 19.25
C ASN A 148 43.44 7.62 19.46
N ASP A 149 43.83 8.53 20.35
CA ASP A 149 45.25 8.84 20.64
C ASP A 149 46.07 7.61 21.04
N LYS A 150 45.42 6.59 21.57
CA LYS A 150 46.16 5.44 22.14
C LYS A 150 46.49 4.39 21.08
N THR A 151 46.07 4.60 19.83
CA THR A 151 46.27 3.55 18.81
C THR A 151 47.04 4.06 17.58
N TRP A 152 47.97 3.27 17.08
CA TRP A 152 48.67 3.60 15.84
C TRP A 152 47.92 2.91 14.71
N LYS A 153 47.33 3.68 13.82
CA LYS A 153 46.66 3.11 12.65
C LYS A 153 47.69 2.93 11.55
N SER A 154 47.53 1.85 10.78
CA SER A 154 48.49 1.53 9.73
C SER A 154 47.84 0.74 8.61
N GLY A 155 48.25 1.02 7.39
CA GLY A 155 48.05 0.08 6.29
C GLY A 155 46.87 0.36 5.39
N ILE A 156 46.37 1.56 5.39
CA ILE A 156 45.40 1.98 4.39
C ILE A 156 46.16 2.74 3.31
N ILE A 157 45.72 2.59 2.06
CA ILE A 157 46.28 3.30 0.92
C ILE A 157 45.15 4.08 0.28
N VAL A 158 45.28 5.40 0.30
CA VAL A 158 44.19 6.28 -0.12
C VAL A 158 44.38 6.68 -1.57
N LYS A 159 43.36 6.44 -2.38
CA LYS A 159 43.34 6.85 -3.76
C LYS A 159 42.61 8.17 -3.99
N GLY A 160 41.52 8.38 -3.26
CA GLY A 160 40.73 9.61 -3.37
C GLY A 160 39.30 9.42 -2.94
N PHE A 161 38.49 10.47 -3.14
CA PHE A 161 37.05 10.40 -2.93
C PHE A 161 36.35 10.39 -4.28
N ASP A 162 35.45 9.44 -4.45
CA ASP A 162 34.55 9.36 -5.59
C ASP A 162 33.19 9.92 -5.19
N ILE A 163 32.65 10.80 -6.02
CA ILE A 163 31.37 11.46 -5.76
C ILE A 163 30.50 11.15 -6.95
N ARG A 164 29.55 10.25 -6.78
CA ARG A 164 28.77 9.71 -7.89
C ARG A 164 27.28 9.94 -7.66
N PRO A 165 26.53 10.26 -8.72
CA PRO A 165 25.08 10.29 -8.59
C PRO A 165 24.57 8.90 -8.33
N ASN A 166 23.57 8.79 -7.46
CA ASN A 166 22.92 7.55 -7.11
C ASN A 166 22.04 7.10 -8.25
N GLY B 2 3.71 4.32 -0.94
CA GLY B 2 4.08 4.77 -2.23
C GLY B 2 5.02 5.95 -2.25
N GLN B 3 4.47 7.15 -2.48
CA GLN B 3 5.29 8.34 -2.67
C GLN B 3 5.59 8.90 -1.29
N GLY B 4 6.46 8.20 -0.60
CA GLY B 4 6.74 8.57 0.76
C GLY B 4 5.80 7.85 1.69
N GLN B 5 5.79 8.27 2.95
CA GLN B 5 5.02 7.56 3.96
C GLN B 5 4.72 8.49 5.12
N TRP B 6 3.58 8.29 5.77
CA TRP B 6 3.21 9.00 6.98
C TRP B 6 3.07 8.06 8.18
N ILE B 7 3.76 8.36 9.27
CA ILE B 7 3.65 7.59 10.52
C ILE B 7 2.89 8.48 11.49
N ALA B 8 1.66 8.11 11.82
CA ALA B 8 0.90 8.80 12.85
C ALA B 8 1.54 8.68 14.24
N ALA B 9 1.30 9.66 15.12
CA ALA B 9 1.86 9.60 16.46
C ALA B 9 1.60 8.24 17.14
N ARG B 10 0.40 7.69 16.93
CA ARG B 10 0.04 6.39 17.51
C ARG B 10 1.01 5.27 17.14
N ASP B 11 1.66 5.36 15.99
CA ASP B 11 2.51 4.28 15.50
C ASP B 11 4.00 4.55 15.74
N LEU B 12 4.35 5.70 16.26
CA LEU B 12 5.70 5.94 16.73
C LEU B 12 5.90 5.32 18.10
N SER B 13 7.14 4.93 18.38
CA SER B 13 7.54 4.52 19.72
C SER B 13 7.99 5.77 20.46
N ILE B 14 7.23 6.14 21.48
CA ILE B 14 7.48 7.35 22.26
C ILE B 14 7.53 6.93 23.71
N THR B 15 8.67 7.15 24.36
CA THR B 15 8.88 6.62 25.70
C THR B 15 7.99 7.36 26.69
N TRP B 16 7.30 6.57 27.51
CA TRP B 16 6.43 7.06 28.57
C TRP B 16 5.13 7.61 28.04
N VAL B 17 4.86 7.43 26.74
CA VAL B 17 3.77 8.16 26.11
C VAL B 17 2.42 7.71 26.62
N ASP B 18 2.31 6.50 27.16
CA ASP B 18 1.06 6.00 27.71
C ASP B 18 0.85 6.38 29.18
N ASN B 19 1.74 7.19 29.75
CA ASN B 19 1.66 7.64 31.13
C ASN B 19 1.11 9.05 31.18
N PRO B 20 -0.10 9.28 31.70
CA PRO B 20 -0.70 10.63 31.61
C PRO B 20 0.02 11.64 32.49
N GLN B 21 0.97 11.20 33.30
CA GLN B 21 1.79 12.16 34.09
C GLN B 21 2.83 12.83 33.20
N TYR B 22 3.19 12.16 32.09
CA TYR B 22 4.28 12.65 31.24
C TYR B 22 3.83 13.13 29.88
N TRP B 23 2.87 12.44 29.26
CA TRP B 23 2.28 12.86 28.00
C TRP B 23 0.76 12.84 28.06
N THR B 24 0.16 13.74 27.28
CA THR B 24 -1.28 13.95 27.22
C THR B 24 -1.73 13.78 25.77
N TRP B 25 -2.45 12.69 25.50
CA TRP B 25 -3.01 12.46 24.18
C TRP B 25 -4.20 13.37 23.94
N LYS B 26 -4.25 13.93 22.75
CA LYS B 26 -5.20 14.98 22.43
C LYS B 26 -5.69 14.77 21.01
N THR B 27 -6.88 15.28 20.73
CA THR B 27 -7.44 15.26 19.38
C THR B 27 -7.63 16.70 18.92
N VAL B 28 -7.21 17.00 17.77
CA VAL B 28 -7.25 18.33 17.16
C VAL B 28 -7.72 18.24 15.70
N ASP B 29 -8.13 19.37 15.12
CA ASP B 29 -8.61 19.46 13.75
C ASP B 29 -7.54 19.01 12.73
N PRO B 30 -7.82 18.11 11.77
CA PRO B 30 -9.07 17.42 11.47
C PRO B 30 -9.17 16.01 12.08
N ASN B 31 -9.70 15.90 13.30
CA ASN B 31 -9.92 14.64 14.00
C ASN B 31 -8.67 13.74 14.08
N ILE B 32 -7.52 14.34 14.37
CA ILE B 32 -6.23 13.66 14.50
C ILE B 32 -5.81 13.60 15.97
N GLU B 33 -5.14 12.37 16.30
CA GLU B 33 -4.63 12.26 17.65
C GLU B 33 -3.16 12.67 17.67
N VAL B 34 -2.82 13.56 18.60
CA VAL B 34 -1.44 13.99 18.81
C VAL B 34 -1.06 13.78 20.26
N ALA B 35 0.25 13.70 20.49
CA ALA B 35 0.78 13.49 21.83
C ALA B 35 1.44 14.78 22.31
N GLU B 36 0.84 15.42 23.30
CA GLU B 36 1.44 16.59 23.92
C GLU B 36 2.37 16.16 25.08
N LEU B 37 3.56 16.77 25.11
CA LEU B 37 4.56 16.46 26.14
C LEU B 37 4.29 17.33 27.36
N ARG B 38 3.79 16.73 28.45
CA ARG B 38 3.60 17.49 29.67
C ARG B 38 4.94 17.71 30.35
N ARG B 39 5.65 16.61 30.58
CA ARG B 39 6.98 16.68 31.24
C ARG B 39 7.64 15.31 31.16
N VAL B 40 8.93 15.30 30.82
CA VAL B 40 9.68 14.06 30.79
C VAL B 40 11.17 14.40 30.82
N ALA B 41 11.95 13.47 31.35
CA ALA B 41 13.41 13.61 31.41
C ALA B 41 14.09 12.82 30.33
N TRP B 42 13.49 11.69 29.93
CA TRP B 42 13.96 10.90 28.79
C TRP B 42 13.00 11.05 27.61
N LEU B 43 13.38 11.92 26.69
CA LEU B 43 12.56 12.21 25.52
C LEU B 43 13.12 11.39 24.37
N ASP B 44 12.28 10.49 23.83
CA ASP B 44 12.65 9.65 22.69
C ASP B 44 11.42 9.40 21.82
N ILE B 45 11.50 9.80 20.55
CA ILE B 45 10.41 9.70 19.59
C ILE B 45 10.97 8.99 18.39
N TYR B 46 10.55 7.73 18.16
CA TYR B 46 11.25 6.80 17.27
C TYR B 46 10.28 6.21 16.26
N GLY B 47 10.75 6.02 15.05
CA GLY B 47 9.91 5.39 14.04
C GLY B 47 10.77 4.74 12.98
N LYS B 48 10.14 3.82 12.25
CA LYS B 48 10.81 2.87 11.37
C LYS B 48 9.89 2.61 10.18
N ILE B 49 10.48 2.52 8.99
CA ILE B 49 9.77 2.18 7.75
C ILE B 49 10.52 1.11 6.97
N GLU B 50 9.79 0.42 6.09
CA GLU B 50 10.37 -0.48 5.12
C GLU B 50 10.58 0.31 3.84
N THR B 51 11.76 0.22 3.24
CA THR B 51 11.99 0.95 2.00
C THR B 51 11.38 0.24 0.78
N LYS B 52 10.94 -1.00 0.94
CA LYS B 52 10.38 -1.73 -0.18
C LYS B 52 9.08 -1.10 -0.63
N ASN B 53 8.41 -0.40 0.28
CA ASN B 53 7.14 0.25 -0.04
C ASN B 53 7.32 1.45 -0.96
N LEU B 54 8.48 2.07 -0.97
CA LEU B 54 8.66 3.42 -1.48
C LEU B 54 8.97 3.44 -2.97
N ILE B 55 8.60 4.54 -3.62
CA ILE B 55 9.00 4.72 -5.01
C ILE B 55 10.53 4.61 -5.08
N ARG B 56 11.02 3.92 -6.10
CA ARG B 56 12.43 3.60 -6.26
C ARG B 56 13.20 4.72 -6.96
N LYS B 57 14.54 4.64 -6.86
CA LYS B 57 15.49 5.60 -7.41
C LYS B 57 15.18 7.03 -6.96
N THR B 58 14.79 7.17 -5.68
CA THR B 58 14.36 8.44 -5.11
C THR B 58 15.05 8.74 -3.78
N SER B 59 15.44 10.00 -3.63
CA SER B 59 15.92 10.52 -2.37
C SER B 59 14.74 10.94 -1.51
N TYR B 60 14.77 10.54 -0.25
CA TYR B 60 13.70 10.82 0.71
C TYR B 60 14.25 11.58 1.89
N ALA B 61 13.49 12.58 2.37
CA ALA B 61 13.78 13.28 3.60
C ALA B 61 12.73 12.87 4.62
N VAL B 62 13.14 12.77 5.88
CA VAL B 62 12.26 12.37 6.98
C VAL B 62 12.20 13.48 8.01
N TYR B 63 10.96 13.93 8.32
CA TYR B 63 10.69 15.06 9.21
C TYR B 63 9.79 14.63 10.38
N LEU B 64 10.12 15.08 11.59
CA LEU B 64 9.18 15.09 12.70
C LEU B 64 8.28 16.31 12.57
N VAL B 65 6.96 16.09 12.55
CA VAL B 65 5.98 17.18 12.42
C VAL B 65 5.42 17.43 13.80
N PHE B 66 5.49 18.67 14.26
CA PHE B 66 5.16 18.98 15.64
C PHE B 66 4.82 20.46 15.79
N LYS B 67 4.25 20.79 16.94
CA LYS B 67 4.09 22.18 17.37
C LYS B 67 4.68 22.36 18.76
N LEU B 68 4.88 23.61 19.12
CA LEU B 68 5.35 23.97 20.45
C LEU B 68 4.24 24.70 21.20
N THR B 69 4.07 24.37 22.48
CA THR B 69 3.19 25.12 23.35
C THR B 69 3.75 26.52 23.55
N ASP B 70 3.05 27.36 24.33
CA ASP B 70 3.49 28.72 24.58
C ASP B 70 4.73 28.78 25.47
N ASN B 71 5.01 27.75 26.25
CA ASN B 71 6.12 27.77 27.22
C ASN B 71 6.89 26.46 27.17
N PRO B 72 7.58 26.20 26.07
CA PRO B 72 8.41 24.98 26.00
C PRO B 72 9.60 25.04 26.95
N ARG B 73 10.08 23.85 27.31
CA ARG B 73 11.15 23.77 28.30
C ARG B 73 12.22 22.81 27.83
N GLU B 74 13.48 23.28 27.88
CA GLU B 74 14.67 22.45 27.71
C GLU B 74 14.71 21.77 26.34
N LEU B 75 14.12 22.42 25.33
CA LEU B 75 14.07 21.87 23.98
C LEU B 75 14.77 22.75 22.94
N GLU B 76 15.69 23.61 23.36
CA GLU B 76 16.40 24.46 22.41
C GLU B 76 17.12 23.61 21.38
N ARG B 77 17.77 22.53 21.83
CA ARG B 77 18.46 21.56 20.99
C ARG B 77 17.98 20.15 21.31
N ALA B 78 18.24 19.24 20.38
CA ALA B 78 18.00 17.82 20.61
C ALA B 78 18.81 17.06 19.57
N THR B 79 18.76 15.74 19.63
CA THR B 79 19.53 14.86 18.78
C THR B 79 18.59 14.20 17.77
N ALA B 80 18.93 14.33 16.49
CA ALA B 80 18.24 13.63 15.44
C ALA B 80 19.10 12.48 14.96
N SER B 81 18.48 11.34 14.65
CA SER B 81 19.19 10.23 14.04
C SER B 81 18.37 9.64 12.91
N LEU B 82 19.04 9.17 11.89
CA LEU B 82 18.41 8.44 10.81
C LEU B 82 19.44 7.51 10.21
N ARG B 83 19.07 6.24 10.05
CA ARG B 83 20.04 5.28 9.57
C ARG B 83 19.29 4.06 9.04
N PHE B 84 19.97 3.35 8.13
CA PHE B 84 19.54 2.03 7.70
C PHE B 84 19.81 1.07 8.83
N VAL B 85 18.78 0.34 9.28
CA VAL B 85 18.94 -0.60 10.39
C VAL B 85 20.10 -1.55 10.12
N ASN B 86 20.24 -2.04 8.91
CA ASN B 86 21.29 -3.03 8.64
C ASN B 86 22.70 -2.46 8.63
N GLU B 87 22.86 -1.13 8.70
CA GLU B 87 24.15 -0.50 8.58
C GLU B 87 24.70 -0.15 9.95
N VAL B 88 24.02 -0.53 11.02
CA VAL B 88 24.44 -0.17 12.36
C VAL B 88 25.43 -1.23 12.83
N ALA B 89 26.67 -0.82 13.08
CA ALA B 89 27.69 -1.74 13.51
C ALA B 89 27.44 -2.20 14.94
N GLU B 90 27.74 -3.45 15.25
CA GLU B 90 27.50 -3.97 16.59
C GLU B 90 28.23 -3.10 17.61
N GLY B 91 27.51 -2.68 18.65
CA GLY B 91 28.11 -1.88 19.70
C GLY B 91 28.05 -0.40 19.47
N ALA B 92 27.71 0.03 18.26
CA ALA B 92 27.64 1.46 17.95
C ALA B 92 26.45 2.02 18.70
N GLY B 93 26.51 3.29 19.07
CA GLY B 93 25.34 3.92 19.70
C GLY B 93 24.33 4.43 18.69
N ILE B 94 23.63 5.50 19.03
N ILE B 94 23.43 5.33 19.28
CA ILE B 94 22.59 6.04 18.13
CA ILE B 94 22.61 6.18 18.38
C ILE B 94 23.28 6.88 17.05
C ILE B 94 23.52 7.31 17.95
N GLU B 95 24.35 7.59 17.40
N GLU B 95 24.11 7.20 16.77
CA GLU B 95 25.17 8.31 16.40
CA GLU B 95 25.07 8.23 16.30
C GLU B 95 24.30 9.29 15.61
C GLU B 95 24.29 9.31 15.55
N GLY B 96 23.70 10.26 16.30
CA GLY B 96 22.84 11.25 15.64
C GLY B 96 23.53 12.59 15.47
N THR B 97 22.78 13.60 15.08
CA THR B 97 23.24 14.94 14.86
C THR B 97 22.45 15.91 15.73
N THR B 98 23.07 17.02 16.12
CA THR B 98 22.37 18.03 16.91
C THR B 98 21.51 18.86 15.96
N VAL B 99 20.24 19.05 16.34
CA VAL B 99 19.32 19.93 15.64
C VAL B 99 18.68 20.84 16.68
N PHE B 100 18.09 21.93 16.20
CA PHE B 100 17.36 22.88 17.01
C PHE B 100 15.85 22.59 16.99
N ILE B 101 15.19 22.79 18.11
CA ILE B 101 13.76 22.50 18.19
C ILE B 101 13.04 23.79 18.56
N SER B 102 13.21 24.23 19.82
CA SER B 102 12.55 25.46 20.28
C SER B 102 13.36 26.72 20.00
N LYS B 103 14.67 26.61 19.81
CA LYS B 103 15.46 27.80 19.53
C LYS B 103 15.03 28.41 18.20
N LYS B 104 14.99 29.74 18.16
CA LYS B 104 14.63 30.48 16.96
C LYS B 104 15.90 30.94 16.23
N LYS B 105 15.91 30.76 14.92
CA LYS B 105 17.04 31.23 14.11
C LYS B 105 17.08 32.75 14.12
N LYS B 106 17.86 33.33 15.04
CA LYS B 106 17.88 34.78 15.18
C LYS B 106 18.78 35.45 14.16
N LEU B 107 19.79 34.74 13.66
CA LEU B 107 20.76 35.31 12.74
C LEU B 107 20.62 34.68 11.37
N PRO B 108 20.61 35.46 10.30
CA PRO B 108 20.52 34.85 8.96
C PRO B 108 21.71 33.96 8.63
N GLY B 109 22.85 34.19 9.26
CA GLY B 109 24.01 33.32 9.07
C GLY B 109 24.23 32.31 10.18
N GLU B 110 23.20 32.06 10.99
CA GLU B 110 23.33 31.06 12.04
C GLU B 110 23.33 29.65 11.44
N LEU B 111 24.24 28.82 11.91
CA LEU B 111 24.37 27.48 11.36
C LEU B 111 23.50 26.52 12.16
N GLY B 112 23.04 25.49 11.46
CA GLY B 112 22.27 24.42 12.06
C GLY B 112 20.96 24.15 11.34
N ARG B 113 20.41 22.97 11.54
CA ARG B 113 19.07 22.65 11.07
C ARG B 113 18.07 23.20 12.10
N PHE B 114 17.21 24.10 11.65
CA PHE B 114 16.11 24.63 12.43
C PHE B 114 14.77 24.12 11.89
N PRO B 115 13.72 24.21 12.70
CA PRO B 115 12.38 23.82 12.21
C PRO B 115 11.88 24.78 11.15
N HIS B 116 10.98 24.27 10.32
CA HIS B 116 10.35 25.02 9.24
C HIS B 116 8.84 24.96 9.45
N LEU B 117 8.19 26.10 9.24
CA LEU B 117 6.76 26.25 9.36
C LEU B 117 6.09 25.77 8.07
N ARG B 118 5.34 24.69 8.19
CA ARG B 118 4.71 24.10 7.02
C ARG B 118 3.44 24.86 6.60
N SER B 119 3.00 24.53 5.38
CA SER B 119 1.79 25.06 4.80
C SER B 119 0.60 24.87 5.72
N ASP B 120 0.55 23.73 6.43
CA ASP B 120 -0.58 23.45 7.30
C ASP B 120 -0.37 23.93 8.73
N GLY B 121 0.50 24.92 8.93
CA GLY B 121 0.65 25.54 10.25
C GLY B 121 1.40 24.74 11.28
N TRP B 122 1.75 23.51 10.99
CA TRP B 122 2.61 22.73 11.87
C TRP B 122 4.08 22.96 11.51
N LEU B 123 4.96 22.77 12.49
CA LEU B 123 6.39 22.83 12.33
C LEU B 123 6.92 21.47 11.89
N GLU B 124 8.07 21.50 11.21
CA GLU B 124 8.79 20.25 10.93
C GLU B 124 10.29 20.44 11.10
N ILE B 125 10.94 19.38 11.61
CA ILE B 125 12.39 19.33 11.76
C ILE B 125 12.91 18.13 10.96
N LYS B 126 13.91 18.35 10.13
CA LYS B 126 14.46 17.27 9.31
C LYS B 126 15.32 16.38 10.19
N LEU B 127 14.93 15.11 10.28
CA LEU B 127 15.71 14.17 11.06
C LEU B 127 16.89 13.62 10.26
N GLY B 128 16.74 13.48 8.95
CA GLY B 128 17.74 12.85 8.10
C GLY B 128 17.21 12.68 6.69
N GLU B 129 18.04 12.02 5.88
CA GLU B 129 17.85 11.89 4.45
C GLU B 129 18.42 10.55 3.99
N PHE B 130 17.81 9.94 2.98
CA PHE B 130 18.40 8.72 2.43
C PHE B 130 17.95 8.51 0.99
N PHE B 131 18.77 7.76 0.25
CA PHE B 131 18.43 7.38 -1.10
C PHE B 131 17.86 5.97 -1.08
N ASN B 132 16.66 5.81 -1.61
CA ASN B 132 16.08 4.49 -1.86
C ASN B 132 16.43 4.08 -3.29
N ASN B 133 17.25 3.05 -3.42
CA ASN B 133 17.65 2.56 -4.74
C ASN B 133 16.58 1.69 -5.37
N LEU B 134 16.53 0.42 -5.00
CA LEU B 134 15.57 -0.53 -5.51
C LEU B 134 14.70 -1.12 -4.41
N GLY B 135 14.65 -0.51 -3.24
CA GLY B 135 13.90 -1.07 -2.13
C GLY B 135 14.46 -2.34 -1.54
N GLU B 136 15.74 -2.63 -1.74
CA GLU B 136 16.35 -3.88 -1.28
C GLU B 136 17.27 -3.71 -0.09
N ASP B 137 17.40 -2.51 0.45
CA ASP B 137 18.35 -2.28 1.55
C ASP B 137 17.69 -2.25 2.92
N GLY B 138 16.40 -2.51 3.00
CA GLY B 138 15.80 -2.87 4.27
C GLY B 138 15.12 -1.73 4.94
N GLU B 139 15.05 -1.80 6.26
CA GLU B 139 14.38 -0.78 7.03
C GLU B 139 15.28 0.44 7.24
N VAL B 140 14.64 1.58 7.36
CA VAL B 140 15.25 2.82 7.83
C VAL B 140 14.58 3.20 9.14
N GLU B 141 15.38 3.58 10.14
CA GLU B 141 14.90 3.95 11.48
C GLU B 141 15.28 5.41 11.72
N MET B 142 14.55 6.11 12.55
CA MET B 142 14.81 7.54 12.79
C MET B 142 14.30 7.90 14.19
N ARG B 143 14.82 8.95 14.80
CA ARG B 143 14.31 9.40 16.08
C ARG B 143 14.73 10.83 16.34
N LEU B 144 14.01 11.49 17.24
CA LEU B 144 14.44 12.70 17.91
C LEU B 144 14.49 12.41 19.40
N MET B 145 15.60 12.70 20.04
CA MET B 145 15.67 12.43 21.48
C MET B 145 16.46 13.51 22.20
N GLU B 146 16.11 13.73 23.46
CA GLU B 146 16.89 14.49 24.44
C GLU B 146 16.80 13.72 25.75
N ILE B 147 17.88 13.04 26.12
CA ILE B 147 17.90 12.12 27.26
C ILE B 147 18.82 12.61 28.36
N ASN B 148 19.03 13.91 28.46
CA ASN B 148 19.69 14.48 29.61
C ASN B 148 18.86 14.19 30.84
N ASP B 149 19.38 13.34 31.76
CA ASP B 149 18.62 12.97 32.95
C ASP B 149 18.37 14.14 33.93
N LYS B 150 19.08 15.25 33.77
CA LYS B 150 19.00 16.38 34.69
C LYS B 150 17.99 17.45 34.24
N THR B 151 17.36 17.30 33.07
CA THR B 151 16.45 18.31 32.59
C THR B 151 15.09 17.70 32.30
N TRP B 152 14.06 18.51 32.50
CA TRP B 152 12.65 18.14 32.30
C TRP B 152 12.19 18.79 31.01
N LYS B 153 12.01 17.98 29.98
CA LYS B 153 11.56 18.54 28.69
C LYS B 153 10.03 18.71 28.75
N SER B 154 9.53 19.77 28.13
CA SER B 154 8.10 20.00 28.11
C SER B 154 7.76 20.86 26.90
N GLY B 155 6.60 20.60 26.31
CA GLY B 155 5.98 21.57 25.42
C GLY B 155 6.06 21.26 23.94
N ILE B 156 6.35 20.04 23.56
CA ILE B 156 6.29 19.61 22.16
C ILE B 156 5.01 18.79 21.96
N ILE B 157 4.32 19.06 20.86
CA ILE B 157 3.12 18.34 20.49
C ILE B 157 3.46 17.54 19.24
N VAL B 158 3.50 16.22 19.37
CA VAL B 158 3.97 15.34 18.30
C VAL B 158 2.80 14.89 17.41
N LYS B 159 2.90 15.19 16.12
CA LYS B 159 1.87 14.75 15.20
C LYS B 159 2.24 13.51 14.42
N GLY B 160 3.47 13.42 13.94
CA GLY B 160 3.96 12.20 13.35
C GLY B 160 5.23 12.43 12.54
N PHE B 161 5.62 11.38 11.81
CA PHE B 161 6.76 11.44 10.90
C PHE B 161 6.28 11.52 9.46
N ASP B 162 6.83 12.47 8.69
CA ASP B 162 6.51 12.66 7.29
C ASP B 162 7.76 12.24 6.51
N ILE B 163 7.67 11.10 5.83
CA ILE B 163 8.74 10.64 4.94
C ILE B 163 8.31 11.05 3.55
N ARG B 164 9.11 11.96 2.91
CA ARG B 164 8.81 12.67 1.65
C ARG B 164 9.99 12.67 0.69
N PRO B 165 9.74 12.55 -0.60
CA PRO B 165 10.82 12.76 -1.57
C PRO B 165 11.33 14.20 -1.54
N ASN B 166 12.65 14.35 -1.53
CA ASN B 166 13.27 15.69 -1.63
C ASN B 166 12.77 16.42 -2.91
N GLY C 2 -5.06 -3.82 0.61
CA GLY C 2 -4.36 -5.08 0.83
C GLY C 2 -5.31 -6.22 1.18
N GLN C 3 -5.19 -7.33 0.44
CA GLN C 3 -5.99 -8.52 0.71
C GLN C 3 -5.31 -9.25 1.86
N GLY C 4 -5.46 -8.70 3.04
CA GLY C 4 -4.69 -9.18 4.16
C GLY C 4 -3.42 -8.39 4.31
N GLN C 5 -2.55 -8.93 5.17
CA GLN C 5 -1.29 -8.29 5.49
C GLN C 5 -0.35 -9.34 6.08
N TRP C 6 0.92 -9.21 5.73
CA TRP C 6 1.99 -10.03 6.31
C TRP C 6 2.88 -9.17 7.20
N ILE C 7 3.08 -9.62 8.43
CA ILE C 7 4.06 -9.01 9.32
C ILE C 7 5.23 -9.99 9.44
N ALA C 8 6.40 -9.57 8.98
CA ALA C 8 7.61 -10.38 9.13
C ALA C 8 7.99 -10.45 10.59
N ALA C 9 8.75 -11.48 10.93
CA ALA C 9 9.25 -11.65 12.31
C ALA C 9 9.90 -10.40 12.83
N ARG C 10 10.74 -9.74 12.02
CA ARG C 10 11.46 -8.60 12.56
C ARG C 10 10.56 -7.41 12.79
N ASP C 11 9.32 -7.46 12.35
CA ASP C 11 8.39 -6.39 12.68
C ASP C 11 7.43 -6.73 13.78
N LEU C 12 7.46 -7.96 14.28
CA LEU C 12 6.78 -8.29 15.52
C LEU C 12 7.56 -7.76 16.72
N SER C 13 6.83 -7.50 17.80
CA SER C 13 7.41 -7.14 19.08
C SER C 13 7.55 -8.44 19.87
N ILE C 14 8.79 -8.91 20.00
CA ILE C 14 9.07 -10.18 20.65
C ILE C 14 9.98 -9.87 21.83
N THR C 15 9.51 -10.18 23.03
CA THR C 15 10.29 -9.86 24.22
C THR C 15 11.57 -10.68 24.21
N TRP C 16 12.69 -10.02 24.50
CA TRP C 16 14.04 -10.57 24.60
C TRP C 16 14.63 -10.97 23.27
N VAL C 17 14.03 -10.61 22.14
CA VAL C 17 14.45 -11.24 20.90
C VAL C 17 15.81 -10.73 20.43
N ASP C 18 16.27 -9.58 20.94
CA ASP C 18 17.58 -9.03 20.57
C ASP C 18 18.75 -9.58 21.39
N ASN C 19 18.49 -10.48 22.34
CA ASN C 19 19.51 -11.02 23.22
C ASN C 19 19.85 -12.43 22.77
N PRO C 20 21.05 -12.69 22.24
CA PRO C 20 21.33 -14.02 21.66
C PRO C 20 21.34 -15.14 22.68
N GLN C 21 21.31 -14.86 23.98
CA GLN C 21 21.12 -15.94 24.96
C GLN C 21 19.73 -16.57 24.86
N TYR C 22 18.70 -15.78 24.54
CA TYR C 22 17.32 -16.24 24.56
C TYR C 22 16.75 -16.52 23.17
N TRP C 23 17.10 -15.71 22.18
CA TRP C 23 16.64 -15.92 20.82
C TRP C 23 17.81 -15.87 19.84
N THR C 24 17.72 -16.64 18.77
CA THR C 24 18.71 -16.68 17.73
C THR C 24 18.07 -16.32 16.42
N TRP C 25 18.50 -15.21 15.81
CA TRP C 25 18.03 -14.87 14.48
C TRP C 25 18.76 -15.71 13.42
N LYS C 26 17.99 -16.33 12.51
CA LYS C 26 18.53 -17.16 11.45
C LYS C 26 17.89 -16.77 10.12
N THR C 27 18.51 -17.22 9.04
CA THR C 27 18.02 -16.99 7.67
C THR C 27 17.78 -18.35 7.05
N VAL C 28 16.69 -18.48 6.42
CA VAL C 28 16.25 -19.74 5.79
C VAL C 28 15.61 -19.48 4.42
N ASP C 29 15.36 -20.52 3.64
CA ASP C 29 14.72 -20.41 2.32
C ASP C 29 13.30 -19.79 2.41
N PRO C 30 12.90 -18.84 1.53
CA PRO C 30 13.66 -18.20 0.46
C PRO C 30 14.30 -16.88 0.93
N ASN C 31 15.48 -16.95 1.55
CA ASN C 31 16.22 -15.81 2.07
C ASN C 31 15.36 -14.90 2.99
N ILE C 32 14.77 -15.51 4.02
CA ILE C 32 13.92 -14.86 5.02
C ILE C 32 14.53 -14.98 6.42
N GLU C 33 14.36 -13.93 7.31
CA GLU C 33 14.88 -13.97 8.67
C GLU C 33 13.78 -14.45 9.62
N VAL C 34 14.12 -15.45 10.44
CA VAL C 34 13.20 -16.01 11.43
C VAL C 34 13.86 -15.88 12.80
N ALA C 35 13.07 -16.11 13.85
CA ALA C 35 13.56 -15.98 15.23
C ALA C 35 13.33 -17.32 15.92
N GLU C 36 14.41 -17.98 16.29
CA GLU C 36 14.34 -19.29 16.94
C GLU C 36 14.47 -19.06 18.44
N LEU C 37 13.53 -19.60 19.20
CA LEU C 37 13.54 -19.43 20.64
C LEU C 37 14.53 -20.42 21.22
N ARG C 38 15.53 -19.92 21.94
CA ARG C 38 16.49 -20.83 22.62
C ARG C 38 15.94 -21.10 24.02
N ARG C 39 15.82 -20.07 24.82
CA ARG C 39 15.22 -20.22 26.17
C ARG C 39 14.57 -18.90 26.55
N VAL C 40 13.41 -18.95 27.17
CA VAL C 40 12.80 -17.70 27.70
C VAL C 40 11.70 -18.10 28.68
N ALA C 41 11.56 -17.33 29.74
CA ALA C 41 10.43 -17.55 30.63
C ALA C 41 9.26 -16.65 30.26
N TRP C 42 9.52 -15.45 29.77
CA TRP C 42 8.47 -14.51 29.39
C TRP C 42 8.41 -14.55 27.86
N LEU C 43 7.46 -15.34 27.35
CA LEU C 43 7.28 -15.46 25.90
C LEU C 43 6.12 -14.57 25.48
N ASP C 44 6.42 -13.58 24.64
CA ASP C 44 5.39 -12.68 24.11
C ASP C 44 5.75 -12.28 22.69
N ILE C 45 4.91 -12.70 21.74
CA ILE C 45 5.06 -12.47 20.32
C ILE C 45 3.84 -11.63 19.93
N TYR C 46 4.03 -10.33 19.75
CA TYR C 46 2.98 -9.34 19.61
C TYR C 46 3.02 -8.69 18.23
N GLY C 47 1.85 -8.41 17.67
CA GLY C 47 1.76 -7.69 16.41
C GLY C 47 0.52 -6.83 16.37
N LYS C 48 0.57 -5.79 15.54
CA LYS C 48 -0.47 -4.78 15.44
C LYS C 48 -0.65 -4.39 13.98
N ILE C 49 -1.90 -4.16 13.55
CA ILE C 49 -2.17 -3.66 12.21
C ILE C 49 -3.25 -2.59 12.26
N GLU C 50 -3.21 -1.72 11.24
CA GLU C 50 -4.24 -0.73 10.98
C GLU C 50 -5.28 -1.36 10.05
N THR C 51 -6.56 -1.31 10.42
CA THR C 51 -7.57 -1.91 9.56
C THR C 51 -7.90 -1.05 8.34
N LYS C 52 -7.51 0.22 8.34
CA LYS C 52 -7.75 1.08 7.18
C LYS C 52 -7.08 0.52 5.93
N ASN C 53 -6.03 -0.26 6.09
CA ASN C 53 -5.29 -0.78 4.95
C ASN C 53 -5.84 -2.09 4.44
N LEU C 54 -7.00 -2.53 4.91
CA LEU C 54 -7.53 -3.81 4.49
C LEU C 54 -8.76 -3.64 3.60
N ILE C 55 -8.99 -4.63 2.74
CA ILE C 55 -10.26 -4.66 2.01
C ILE C 55 -11.42 -4.68 2.99
N ARG C 56 -12.45 -3.90 2.66
CA ARG C 56 -13.59 -3.64 3.53
C ARG C 56 -14.66 -4.72 3.45
N LYS C 57 -15.54 -4.69 4.45
CA LYS C 57 -16.65 -5.64 4.56
C LYS C 57 -16.16 -7.08 4.49
N THR C 58 -15.00 -7.35 5.07
CA THR C 58 -14.40 -8.68 5.00
C THR C 58 -14.02 -9.18 6.39
N SER C 59 -14.18 -10.48 6.62
CA SER C 59 -13.73 -11.13 7.85
C SER C 59 -12.30 -11.62 7.67
N TYR C 60 -11.43 -11.28 8.64
CA TYR C 60 -10.04 -11.72 8.60
C TYR C 60 -9.68 -12.58 9.80
N ALA C 61 -8.83 -13.56 9.53
CA ALA C 61 -8.21 -14.41 10.53
C ALA C 61 -6.73 -14.08 10.64
N VAL C 62 -6.18 -14.13 11.84
CA VAL C 62 -4.77 -13.86 12.06
C VAL C 62 -4.08 -15.11 12.59
N TYR C 63 -2.98 -15.47 11.91
CA TYR C 63 -2.25 -16.69 12.22
C TYR C 63 -0.80 -16.35 12.55
N LEU C 64 -0.28 -17.00 13.61
CA LEU C 64 1.16 -17.05 13.83
C LEU C 64 1.71 -18.16 12.95
N VAL C 65 2.68 -17.82 12.11
CA VAL C 65 3.33 -18.80 11.24
C VAL C 65 4.64 -19.16 11.89
N PHE C 66 4.87 -20.46 12.10
CA PHE C 66 5.97 -20.88 12.97
C PHE C 66 6.33 -22.30 12.61
N LYS C 67 7.49 -22.72 13.09
CA LYS C 67 7.89 -24.12 13.08
C LYS C 67 8.37 -24.50 14.47
N LEU C 68 8.55 -25.79 14.69
CA LEU C 68 9.08 -26.27 15.96
C LEU C 68 10.32 -27.09 15.70
N THR C 69 11.32 -26.94 16.57
CA THR C 69 12.47 -27.83 16.58
C THR C 69 12.03 -29.25 16.99
N ASP C 70 13.00 -30.17 16.98
CA ASP C 70 12.69 -31.54 17.38
C ASP C 70 12.36 -31.65 18.86
N ASN C 71 12.76 -30.67 19.67
CA ASN C 71 12.65 -30.75 21.13
C ASN C 71 11.99 -29.53 21.73
N PRO C 72 10.77 -29.22 21.34
CA PRO C 72 10.05 -28.12 22.01
C PRO C 72 9.81 -28.46 23.48
N ARG C 73 9.91 -27.43 24.33
CA ARG C 73 9.74 -27.59 25.77
C ARG C 73 8.78 -26.52 26.29
N GLU C 74 7.82 -26.96 27.10
CA GLU C 74 6.90 -26.08 27.83
C GLU C 74 6.04 -25.21 26.90
N LEU C 75 5.67 -25.77 25.74
CA LEU C 75 4.92 -25.06 24.71
C LEU C 75 3.73 -25.89 24.27
N GLU C 76 3.22 -26.77 25.11
CA GLU C 76 2.08 -27.66 24.80
C GLU C 76 0.89 -26.74 24.55
N ARG C 77 0.69 -25.76 25.42
CA ARG C 77 -0.38 -24.78 25.28
C ARG C 77 0.15 -23.39 25.56
N ALA C 78 -0.47 -22.38 24.97
CA ALA C 78 -0.14 -20.97 25.18
C ALA C 78 -1.43 -20.16 25.08
N THR C 79 -1.34 -18.88 25.34
CA THR C 79 -2.44 -17.94 25.29
C THR C 79 -2.35 -17.16 23.98
N ALA C 80 -3.42 -17.23 23.19
CA ALA C 80 -3.58 -16.39 22.01
C ALA C 80 -4.53 -15.24 22.31
N SER C 81 -4.26 -14.09 21.72
CA SER C 81 -5.12 -12.93 21.91
C SER C 81 -5.25 -12.12 20.62
N LEU C 82 -6.42 -11.56 20.37
CA LEU C 82 -6.66 -10.67 19.24
C LEU C 82 -7.79 -9.75 19.67
N ARG C 83 -7.58 -8.46 19.68
CA ARG C 83 -8.69 -7.57 19.98
C ARG C 83 -8.46 -6.25 19.29
N PHE C 84 -9.53 -5.52 19.11
CA PHE C 84 -9.44 -4.12 18.67
C PHE C 84 -8.83 -3.29 19.80
N VAL C 85 -7.74 -2.57 19.48
CA VAL C 85 -7.05 -1.75 20.48
C VAL C 85 -8.05 -0.87 21.23
N ASN C 86 -8.98 -0.25 20.51
CA ASN C 86 -9.88 0.70 21.18
C ASN C 86 -10.97 0.04 22.04
N GLU C 87 -11.11 -1.28 22.01
CA GLU C 87 -12.16 -1.94 22.76
C GLU C 87 -11.66 -2.57 24.06
N VAL C 88 -10.46 -2.20 24.50
CA VAL C 88 -9.89 -2.77 25.71
C VAL C 88 -10.25 -1.88 26.89
N ALA C 89 -11.06 -2.41 27.81
CA ALA C 89 -11.44 -1.63 28.97
C ALA C 89 -10.22 -1.34 29.83
N GLU C 90 -10.13 -0.11 30.36
CA GLU C 90 -8.99 0.28 31.17
C GLU C 90 -8.86 -0.65 32.37
N GLY C 91 -7.64 -1.13 32.61
CA GLY C 91 -7.38 -2.04 33.69
C GLY C 91 -7.70 -3.48 33.40
N ALA C 92 -8.25 -3.76 32.21
CA ALA C 92 -8.42 -5.16 31.83
C ALA C 92 -7.08 -5.65 31.31
N GLY C 93 -6.76 -6.92 31.55
N GLY C 93 -6.78 -6.93 31.49
CA GLY C 93 -5.51 -7.49 31.09
CA GLY C 93 -5.52 -7.49 31.04
C GLY C 93 -5.64 -8.07 29.70
C GLY C 93 -5.51 -7.84 29.56
N ILE C 94 -4.60 -8.79 29.29
N ILE C 94 -4.84 -8.93 29.22
CA ILE C 94 -4.68 -9.56 28.06
CA ILE C 94 -4.78 -9.36 27.82
C ILE C 94 -5.67 -10.71 28.31
C ILE C 94 -6.09 -10.04 27.41
N GLU C 95 -6.88 -10.56 27.79
N GLU C 95 -6.63 -10.89 28.27
CA GLU C 95 -7.95 -11.52 28.02
CA GLU C 95 -7.91 -11.55 28.07
C GLU C 95 -8.02 -12.45 26.80
C GLU C 95 -7.92 -12.35 26.75
N GLY C 96 -7.08 -13.39 26.75
CA GLY C 96 -6.91 -14.25 25.60
C GLY C 96 -7.57 -15.60 25.77
N THR C 97 -7.25 -16.50 24.84
CA THR C 97 -7.79 -17.85 24.83
C THR C 97 -6.65 -18.85 24.80
N THR C 98 -6.93 -20.05 25.30
CA THR C 98 -5.90 -21.11 25.38
C THR C 98 -5.84 -21.80 24.02
N VAL C 99 -4.66 -21.93 23.42
CA VAL C 99 -4.49 -22.65 22.16
C VAL C 99 -3.34 -23.62 22.33
N PHE C 100 -3.28 -24.63 21.45
CA PHE C 100 -2.20 -25.61 21.46
C PHE C 100 -1.12 -25.21 20.46
N ILE C 101 0.13 -25.39 20.86
CA ILE C 101 1.28 -25.12 20.01
C ILE C 101 2.05 -26.39 19.69
N SER C 102 2.72 -26.97 20.70
CA SER C 102 3.55 -28.16 20.44
C SER C 102 2.78 -29.46 20.60
N LYS C 103 1.57 -29.41 21.12
CA LYS C 103 0.73 -30.58 21.23
C LYS C 103 0.10 -30.90 19.89
N LYS C 104 -0.01 -32.19 19.60
CA LYS C 104 -0.67 -32.70 18.41
C LYS C 104 -2.02 -33.27 18.80
N LYS C 105 -2.95 -33.26 17.85
CA LYS C 105 -4.27 -33.88 18.07
C LYS C 105 -4.16 -35.36 17.78
N LYS C 106 -4.27 -36.19 18.81
CA LYS C 106 -4.16 -37.63 18.67
C LYS C 106 -5.49 -38.36 18.74
N LEU C 107 -6.50 -37.77 19.40
CA LEU C 107 -7.79 -38.45 19.44
C LEU C 107 -8.80 -37.71 18.57
N PRO C 108 -9.68 -38.45 17.89
CA PRO C 108 -10.51 -37.81 16.85
C PRO C 108 -11.36 -36.67 17.36
N GLY C 109 -11.87 -36.75 18.59
CA GLY C 109 -12.78 -35.74 19.08
C GLY C 109 -12.17 -34.79 20.09
N GLU C 110 -10.86 -34.60 20.03
CA GLU C 110 -10.21 -33.66 20.95
C GLU C 110 -10.53 -32.24 20.53
N LEU C 111 -11.00 -31.44 21.49
CA LEU C 111 -11.40 -30.08 21.23
C LEU C 111 -10.19 -29.14 21.32
N GLY C 112 -10.37 -27.93 20.84
CA GLY C 112 -9.37 -26.88 20.94
C GLY C 112 -8.78 -26.53 19.58
N ARG C 113 -8.14 -25.38 19.52
CA ARG C 113 -7.46 -24.95 18.31
C ARG C 113 -6.04 -25.53 18.28
N PHE C 114 -5.76 -26.32 17.26
CA PHE C 114 -4.46 -26.93 17.03
C PHE C 114 -3.77 -26.27 15.85
N PRO C 115 -2.44 -26.37 15.79
CA PRO C 115 -1.73 -25.83 14.61
C PRO C 115 -2.02 -26.62 13.36
N HIS C 116 -1.93 -25.93 12.22
CA HIS C 116 -2.20 -26.51 10.90
C HIS C 116 -0.93 -26.41 10.04
N LEU C 117 -0.66 -27.46 9.27
CA LEU C 117 0.51 -27.49 8.40
C LEU C 117 0.10 -26.86 7.04
N ARG C 118 0.67 -25.69 6.79
CA ARG C 118 0.42 -24.97 5.53
C ARG C 118 1.04 -25.70 4.34
N SER C 119 0.61 -25.27 3.15
CA SER C 119 1.20 -25.75 1.90
C SER C 119 2.70 -25.53 1.84
N ASP C 120 3.21 -24.47 2.46
CA ASP C 120 4.63 -24.17 2.36
C ASP C 120 5.47 -24.85 3.42
N GLY C 121 4.90 -25.83 4.16
CA GLY C 121 5.67 -26.56 5.14
C GLY C 121 5.77 -25.94 6.51
N TRP C 122 5.30 -24.74 6.69
CA TRP C 122 5.28 -24.10 7.99
C TRP C 122 3.94 -24.38 8.68
N LEU C 123 3.96 -24.28 10.02
CA LEU C 123 2.76 -24.44 10.83
C LEU C 123 2.12 -23.08 11.07
N GLU C 124 0.81 -23.06 11.25
CA GLU C 124 0.15 -21.85 11.71
C GLU C 124 -0.86 -22.17 12.81
N ILE C 125 -1.01 -21.23 13.71
CA ILE C 125 -1.98 -21.31 14.79
C ILE C 125 -2.83 -20.05 14.70
N LYS C 126 -4.15 -20.25 14.69
CA LYS C 126 -5.06 -19.12 14.59
C LYS C 126 -5.10 -18.40 15.91
N LEU C 127 -4.68 -17.11 15.89
CA LEU C 127 -4.74 -16.30 17.09
C LEU C 127 -6.12 -15.70 17.30
N GLY C 128 -6.89 -15.49 16.24
CA GLY C 128 -8.20 -14.88 16.39
C GLY C 128 -8.76 -14.44 15.05
N GLU C 129 -9.93 -13.80 15.12
CA GLU C 129 -10.73 -13.42 13.97
C GLU C 129 -11.31 -12.03 14.22
N PHE C 130 -11.54 -11.27 13.15
CA PHE C 130 -12.23 -9.98 13.27
C PHE C 130 -12.84 -9.58 11.94
N PHE C 131 -13.91 -8.78 12.03
CA PHE C 131 -14.60 -8.27 10.86
C PHE C 131 -14.15 -6.84 10.59
N ASN C 132 -13.69 -6.58 9.36
CA ASN C 132 -13.38 -5.22 8.94
C ASN C 132 -14.58 -4.65 8.16
N ASN C 133 -15.23 -3.66 8.73
CA ASN C 133 -16.43 -3.10 8.15
C ASN C 133 -16.00 -2.06 7.11
N LEU C 134 -15.64 -0.85 7.53
CA LEU C 134 -15.22 0.20 6.62
C LEU C 134 -13.81 0.70 6.91
N GLY C 135 -13.04 0.00 7.74
CA GLY C 135 -11.72 0.48 8.06
C GLY C 135 -11.68 1.64 9.00
N GLU C 136 -12.77 1.84 9.77
CA GLU C 136 -12.97 2.98 10.64
C GLU C 136 -12.77 2.66 12.11
N ASP C 137 -12.58 1.40 12.45
CA ASP C 137 -12.55 0.99 13.86
C ASP C 137 -11.15 0.88 14.41
N GLY C 138 -10.13 1.25 13.63
CA GLY C 138 -8.81 1.44 14.16
C GLY C 138 -7.91 0.21 14.13
N GLU C 139 -6.96 0.18 15.04
CA GLU C 139 -5.97 -0.86 15.04
C GLU C 139 -6.53 -2.14 15.66
N VAL C 140 -5.94 -3.25 15.22
CA VAL C 140 -6.16 -4.57 15.78
C VAL C 140 -4.80 -5.10 16.20
N GLU C 141 -4.70 -5.53 17.46
CA GLU C 141 -3.46 -6.09 18.03
C GLU C 141 -3.69 -7.56 18.29
N MET C 142 -2.62 -8.33 18.30
CA MET C 142 -2.69 -9.79 18.52
C MET C 142 -1.38 -10.28 19.12
N ARG C 143 -1.45 -11.33 19.92
CA ARG C 143 -0.20 -11.90 20.48
C ARG C 143 -0.33 -13.36 20.86
N LEU C 144 0.78 -14.08 20.83
CA LEU C 144 0.80 -15.45 21.40
C LEU C 144 1.76 -15.28 22.57
N MET C 145 1.40 -15.79 23.73
CA MET C 145 2.20 -15.54 24.92
C MET C 145 2.10 -16.69 25.92
N GLU C 146 3.18 -16.85 26.71
CA GLU C 146 3.25 -17.82 27.81
C GLU C 146 4.23 -17.20 28.79
N ILE C 147 3.71 -16.65 29.88
CA ILE C 147 4.51 -15.83 30.78
C ILE C 147 4.53 -16.39 32.20
N ASN C 148 4.48 -17.70 32.32
CA ASN C 148 4.74 -18.32 33.63
C ASN C 148 6.19 -18.12 34.04
N ASP C 149 6.38 -17.36 35.12
CA ASP C 149 7.73 -17.06 35.64
C ASP C 149 8.58 -18.32 35.84
N LYS C 150 7.94 -19.47 36.06
CA LYS C 150 8.64 -20.63 36.56
C LYS C 150 8.92 -21.69 35.50
N THR C 151 8.88 -21.33 34.22
CA THR C 151 9.09 -22.29 33.14
C THR C 151 9.90 -21.64 32.03
N TRP C 152 10.80 -22.42 31.42
CA TRP C 152 11.62 -22.01 30.28
C TRP C 152 10.98 -22.58 29.02
N LYS C 153 10.50 -21.70 28.16
CA LYS C 153 9.99 -22.19 26.86
C LYS C 153 11.15 -22.24 25.85
N SER C 154 11.12 -23.18 24.91
CA SER C 154 12.12 -23.25 23.86
C SER C 154 11.59 -24.06 22.68
N GLY C 155 12.18 -23.86 21.51
CA GLY C 155 11.91 -24.69 20.36
C GLY C 155 10.90 -24.17 19.36
N ILE C 156 10.46 -22.92 19.47
CA ILE C 156 9.58 -22.32 18.47
C ILE C 156 10.39 -21.41 17.55
N ILE C 157 10.07 -21.45 16.25
CA ILE C 157 10.72 -20.63 15.22
C ILE C 157 9.65 -19.75 14.58
N VAL C 158 9.71 -18.44 14.82
CA VAL C 158 8.71 -17.47 14.41
C VAL C 158 9.10 -16.95 13.03
N LYS C 159 8.21 -17.16 12.05
CA LYS C 159 8.31 -16.56 10.72
C LYS C 159 7.57 -15.23 10.62
N GLY C 160 6.37 -15.11 11.18
CA GLY C 160 5.65 -13.85 11.21
C GLY C 160 4.16 -14.10 11.44
N PHE C 161 3.37 -13.04 11.29
CA PHE C 161 1.92 -13.12 11.39
C PHE C 161 1.29 -13.00 9.99
N ASP C 162 0.38 -13.91 9.68
CA ASP C 162 -0.41 -13.87 8.45
C ASP C 162 -1.83 -13.39 8.74
N ILE C 163 -2.17 -12.22 8.25
CA ILE C 163 -3.53 -11.73 8.31
C ILE C 163 -4.18 -11.99 6.95
N ARG C 164 -5.19 -12.83 6.93
CA ARG C 164 -5.79 -13.40 5.73
C ARG C 164 -7.31 -13.33 5.83
N PRO C 165 -8.01 -13.16 4.71
CA PRO C 165 -9.47 -13.27 4.75
C PRO C 165 -9.87 -14.70 4.95
N ASN C 166 -10.94 -14.89 5.70
CA ASN C 166 -11.57 -16.20 5.90
C ASN C 166 -12.10 -16.75 4.57
N GLY D 2 -29.86 -18.22 8.17
CA GLY D 2 -30.78 -17.09 8.12
C GLY D 2 -30.18 -15.69 8.12
N GLN D 3 -30.87 -14.76 7.45
CA GLN D 3 -30.46 -13.34 7.43
C GLN D 3 -30.89 -12.71 8.76
N GLY D 4 -30.22 -13.15 9.82
CA GLY D 4 -30.51 -12.67 11.15
C GLY D 4 -31.44 -13.59 11.92
N GLN D 5 -30.89 -14.39 12.83
CA GLN D 5 -31.68 -15.20 13.72
C GLN D 5 -31.75 -14.53 15.09
N TRP D 6 -32.84 -14.81 15.81
CA TRP D 6 -33.17 -14.13 17.04
C TRP D 6 -33.44 -15.17 18.12
N ILE D 7 -32.87 -14.97 19.30
CA ILE D 7 -33.16 -15.80 20.46
C ILE D 7 -33.89 -14.97 21.50
N ALA D 8 -35.17 -15.25 21.69
CA ALA D 8 -35.93 -14.56 22.74
C ALA D 8 -35.41 -14.95 24.12
N ALA D 9 -35.56 -14.04 25.07
CA ALA D 9 -35.10 -14.29 26.44
C ALA D 9 -35.63 -15.60 27.00
N ARG D 10 -36.88 -15.94 26.72
CA ARG D 10 -37.43 -17.19 27.22
C ARG D 10 -36.66 -18.40 26.68
N ASP D 11 -35.94 -18.24 25.59
CA ASP D 11 -35.19 -19.39 25.05
C ASP D 11 -33.71 -19.36 25.41
N LEU D 12 -33.25 -18.32 26.11
CA LEU D 12 -31.88 -18.30 26.59
C LEU D 12 -31.77 -19.05 27.92
N SER D 13 -30.53 -19.38 28.29
CA SER D 13 -30.23 -19.98 29.59
C SER D 13 -29.74 -18.86 30.49
N ILE D 14 -30.61 -18.43 31.40
CA ILE D 14 -30.31 -17.38 32.37
C ILE D 14 -30.46 -17.98 33.75
N THR D 15 -29.39 -17.97 34.53
CA THR D 15 -29.38 -18.66 35.80
C THR D 15 -30.39 -18.03 36.75
N TRP D 16 -31.15 -18.87 37.45
CA TRP D 16 -32.14 -18.45 38.43
C TRP D 16 -33.37 -17.77 37.82
N VAL D 17 -33.50 -17.72 36.49
CA VAL D 17 -34.50 -16.85 35.87
C VAL D 17 -35.93 -17.29 36.14
N ASP D 18 -36.15 -18.57 36.44
CA ASP D 18 -37.45 -19.10 36.80
C ASP D 18 -37.73 -19.00 38.29
N ASN D 19 -36.90 -18.26 39.04
CA ASN D 19 -37.10 -18.07 40.46
C ASN D 19 -37.56 -16.65 40.73
N PRO D 20 -38.83 -16.42 41.05
CA PRO D 20 -39.32 -15.03 41.22
C PRO D 20 -38.61 -14.20 42.27
N GLN D 21 -37.82 -14.81 43.16
CA GLN D 21 -37.07 -14.01 44.12
C GLN D 21 -35.99 -13.18 43.44
N TYR D 22 -35.46 -13.66 42.31
CA TYR D 22 -34.27 -13.07 41.69
C TYR D 22 -34.54 -12.48 40.32
N TRP D 23 -35.41 -13.08 39.55
CA TRP D 23 -35.82 -12.54 38.25
C TRP D 23 -37.34 -12.50 38.22
N THR D 24 -37.84 -11.49 37.50
CA THR D 24 -39.26 -11.29 37.25
C THR D 24 -39.55 -11.23 35.74
N TRP D 25 -40.38 -12.15 35.26
CA TRP D 25 -40.80 -12.15 33.86
C TRP D 25 -41.92 -11.14 33.65
N LYS D 26 -41.87 -10.45 32.53
CA LYS D 26 -42.78 -9.35 32.26
C LYS D 26 -43.09 -9.30 30.78
N THR D 27 -44.30 -8.92 30.43
CA THR D 27 -44.69 -8.73 29.04
C THR D 27 -44.80 -7.22 28.78
N VAL D 28 -44.07 -6.80 27.83
CA VAL D 28 -43.91 -5.37 27.50
C VAL D 28 -44.18 -5.12 26.03
N ASP D 29 -44.39 -3.86 25.66
CA ASP D 29 -44.70 -3.49 24.29
C ASP D 29 -43.60 -3.89 23.30
N PRO D 30 -43.89 -4.56 22.17
CA PRO D 30 -45.21 -5.00 21.69
C PRO D 30 -45.49 -6.49 21.96
N ASN D 31 -46.09 -6.82 23.10
CA ASN D 31 -46.43 -8.20 23.51
C ASN D 31 -45.23 -9.18 23.43
N ILE D 32 -44.09 -8.78 24.01
CA ILE D 32 -42.88 -9.58 24.14
C ILE D 32 -42.60 -9.91 25.61
N GLU D 33 -41.98 -11.10 25.96
CA GLU D 33 -41.61 -11.47 27.32
C GLU D 33 -40.13 -11.19 27.54
N VAL D 34 -39.83 -10.42 28.57
CA VAL D 34 -38.46 -10.07 28.94
C VAL D 34 -38.25 -10.38 30.40
N ALA D 35 -37.00 -10.59 30.78
CA ALA D 35 -36.65 -10.96 32.15
C ALA D 35 -35.95 -9.79 32.80
N GLU D 36 -36.52 -9.30 33.90
CA GLU D 36 -35.97 -8.20 34.68
C GLU D 36 -35.25 -8.75 35.89
N LEU D 37 -34.00 -8.37 36.08
CA LEU D 37 -33.18 -8.91 37.17
C LEU D 37 -33.47 -8.11 38.44
N ARG D 38 -33.94 -8.78 39.49
CA ARG D 38 -34.13 -8.11 40.78
C ARG D 38 -32.85 -8.05 41.57
N ARG D 39 -32.19 -9.20 41.75
CA ARG D 39 -30.96 -9.33 42.51
C ARG D 39 -30.45 -10.74 42.23
N VAL D 40 -29.15 -10.87 41.97
CA VAL D 40 -28.55 -12.19 41.82
C VAL D 40 -27.05 -12.02 42.06
N ALA D 41 -26.45 -13.03 42.67
CA ALA D 41 -25.00 -13.04 42.84
C ALA D 41 -24.29 -13.61 41.62
N TRP D 42 -24.94 -14.53 40.92
CA TRP D 42 -24.38 -15.30 39.81
C TRP D 42 -25.18 -14.87 38.58
N LEU D 43 -24.66 -13.89 37.83
CA LEU D 43 -25.34 -13.41 36.63
C LEU D 43 -24.74 -14.11 35.42
N ASP D 44 -25.55 -14.91 34.71
CA ASP D 44 -25.09 -15.58 33.49
C ASP D 44 -26.26 -15.65 32.52
N ILE D 45 -26.10 -15.04 31.35
CA ILE D 45 -27.11 -14.97 30.30
C ILE D 45 -26.43 -15.66 29.13
N TYR D 46 -26.81 -16.92 28.84
CA TYR D 46 -26.10 -17.76 27.89
C TYR D 46 -26.99 -18.19 26.74
N GLY D 47 -26.38 -18.37 25.59
CA GLY D 47 -27.06 -18.85 24.40
C GLY D 47 -26.09 -19.62 23.51
N LYS D 48 -26.63 -20.50 22.69
CA LYS D 48 -25.84 -21.37 21.82
C LYS D 48 -26.62 -21.59 20.55
N ILE D 49 -25.95 -21.55 19.39
CA ILE D 49 -26.59 -21.78 18.11
C ILE D 49 -25.75 -22.68 17.24
N GLU D 50 -26.42 -23.39 16.32
CA GLU D 50 -25.75 -24.26 15.36
C GLU D 50 -25.44 -23.47 14.10
N THR D 51 -24.18 -23.47 13.68
CA THR D 51 -23.79 -22.73 12.49
C THR D 51 -24.33 -23.39 11.22
N LYS D 52 -24.68 -24.69 11.27
CA LYS D 52 -25.24 -25.32 10.08
C LYS D 52 -26.57 -24.70 9.67
N ASN D 53 -27.26 -24.00 10.58
CA ASN D 53 -28.49 -23.29 10.24
C ASN D 53 -28.27 -21.87 9.73
N LEU D 54 -27.03 -21.43 9.57
CA LEU D 54 -26.72 -20.07 9.14
C LEU D 54 -26.28 -20.10 7.69
N ILE D 55 -26.36 -18.94 7.04
CA ILE D 55 -25.88 -18.79 5.67
C ILE D 55 -24.37 -19.00 5.65
N ARG D 56 -23.88 -19.69 4.63
CA ARG D 56 -22.46 -19.96 4.46
C ARG D 56 -21.67 -18.71 4.04
N LYS D 57 -20.37 -18.76 4.29
CA LYS D 57 -19.45 -17.71 3.83
C LYS D 57 -19.91 -16.33 4.31
N THR D 58 -20.28 -16.28 5.58
CA THR D 58 -20.86 -15.08 6.16
C THR D 58 -20.34 -14.85 7.57
N SER D 59 -20.01 -13.60 7.85
CA SER D 59 -19.59 -13.20 9.18
C SER D 59 -20.83 -12.79 9.97
N TYR D 60 -20.94 -13.29 11.19
CA TYR D 60 -22.08 -12.98 12.07
C TYR D 60 -21.62 -12.32 13.35
N ALA D 61 -22.38 -11.33 13.80
CA ALA D 61 -22.15 -10.70 15.10
C ALA D 61 -23.33 -10.99 16.02
N VAL D 62 -23.03 -11.13 17.31
CA VAL D 62 -24.03 -11.53 18.32
C VAL D 62 -24.11 -10.44 19.37
N TYR D 63 -25.34 -9.96 19.62
CA TYR D 63 -25.61 -8.86 20.53
C TYR D 63 -26.61 -9.25 21.61
N LEU D 64 -26.33 -8.88 22.85
CA LEU D 64 -27.31 -8.97 23.93
C LEU D 64 -28.16 -7.71 23.89
N VAL D 65 -29.48 -7.87 23.74
CA VAL D 65 -30.41 -6.76 23.72
C VAL D 65 -31.04 -6.64 25.10
N PHE D 66 -30.92 -5.47 25.72
CA PHE D 66 -31.29 -5.32 27.11
C PHE D 66 -31.66 -3.86 27.39
N LYS D 67 -32.21 -3.66 28.57
CA LYS D 67 -32.43 -2.35 29.14
C LYS D 67 -31.89 -2.32 30.56
N LEU D 68 -31.72 -1.11 31.09
CA LEU D 68 -31.31 -0.93 32.46
C LEU D 68 -32.41 -0.20 33.21
N THR D 69 -32.49 -0.47 34.51
CA THR D 69 -33.45 0.25 35.37
C THR D 69 -32.79 1.58 35.75
N ASP D 70 -33.42 2.35 36.64
CA ASP D 70 -32.86 3.64 37.09
C ASP D 70 -31.66 3.44 37.98
N ASN D 71 -31.63 2.34 38.73
CA ASN D 71 -30.53 2.16 39.70
C ASN D 71 -29.92 0.77 39.51
N PRO D 72 -29.21 0.50 38.41
CA PRO D 72 -28.55 -0.77 38.27
C PRO D 72 -27.43 -0.86 39.30
N ARG D 73 -27.16 -2.04 39.82
CA ARG D 73 -26.09 -2.19 40.82
C ARG D 73 -25.03 -3.17 40.32
N GLU D 74 -23.75 -2.90 40.61
CA GLU D 74 -22.64 -3.79 40.36
C GLU D 74 -22.62 -4.32 38.93
N LEU D 75 -23.02 -3.46 37.98
CA LEU D 75 -23.07 -3.85 36.57
C LEU D 75 -22.33 -2.83 35.69
N GLU D 76 -21.39 -2.10 36.27
CA GLU D 76 -20.58 -1.16 35.51
C GLU D 76 -19.81 -1.90 34.41
N ARG D 77 -19.25 -3.07 34.76
CA ARG D 77 -18.56 -3.92 33.81
C ARG D 77 -19.15 -5.32 33.92
N ALA D 78 -18.85 -6.13 32.92
CA ALA D 78 -19.22 -7.54 32.92
C ALA D 78 -18.35 -8.25 31.91
N THR D 79 -18.49 -9.57 31.86
CA THR D 79 -17.67 -10.41 31.00
C THR D 79 -18.53 -10.88 29.85
N ALA D 80 -18.05 -10.66 28.62
CA ALA D 80 -18.67 -11.15 27.40
C ALA D 80 -17.81 -12.29 26.85
N SER D 81 -18.46 -13.32 26.34
CA SER D 81 -17.78 -14.45 25.74
C SER D 81 -18.48 -14.87 24.45
N LEU D 82 -17.71 -15.34 23.48
CA LEU D 82 -18.25 -15.95 22.28
C LEU D 82 -17.17 -16.81 21.70
N ARG D 83 -17.47 -18.08 21.46
CA ARG D 83 -16.49 -19.01 20.95
C ARG D 83 -17.20 -20.19 20.33
N PHE D 84 -16.49 -20.83 19.39
CA PHE D 84 -16.87 -22.14 18.90
C PHE D 84 -16.69 -23.13 20.04
N VAL D 85 -17.71 -23.96 20.28
CA VAL D 85 -17.67 -24.92 21.36
C VAL D 85 -16.53 -25.89 21.16
N ASN D 86 -16.25 -26.25 19.91
CA ASN D 86 -15.19 -27.19 19.55
C ASN D 86 -13.79 -26.62 19.65
N GLU D 87 -13.66 -25.33 19.98
CA GLU D 87 -12.35 -24.73 20.13
C GLU D 87 -11.95 -24.49 21.58
N VAL D 88 -12.71 -25.00 22.54
CA VAL D 88 -12.35 -24.91 23.95
C VAL D 88 -11.34 -25.98 24.29
N ALA D 89 -10.15 -25.56 24.72
CA ALA D 89 -9.12 -26.50 25.13
C ALA D 89 -9.50 -27.13 26.46
N GLU D 90 -9.19 -28.41 26.62
CA GLU D 90 -9.41 -29.17 27.85
C GLU D 90 -8.95 -28.38 29.06
N GLY D 91 -9.87 -28.15 29.98
CA GLY D 91 -9.53 -27.42 31.19
C GLY D 91 -9.51 -25.91 31.06
N ALA D 92 -9.85 -25.36 29.90
CA ALA D 92 -9.92 -23.91 29.75
C ALA D 92 -11.18 -23.39 30.42
N GLY D 93 -11.09 -22.22 31.02
CA GLY D 93 -12.25 -21.55 31.53
C GLY D 93 -13.04 -20.87 30.43
N ILE D 94 -13.88 -19.92 30.84
CA ILE D 94 -14.71 -19.25 29.87
C ILE D 94 -13.89 -18.36 28.96
N GLU D 95 -12.82 -17.74 29.47
CA GLU D 95 -11.85 -16.98 28.68
C GLU D 95 -12.54 -15.90 27.86
N GLY D 96 -13.17 -14.96 28.58
CA GLY D 96 -13.95 -13.91 28.00
C GLY D 96 -13.25 -12.57 28.06
N THR D 97 -14.02 -11.53 27.73
CA THR D 97 -13.52 -10.18 27.60
C THR D 97 -14.37 -9.25 28.44
N THR D 98 -13.74 -8.28 29.08
CA THR D 98 -14.46 -7.26 29.83
C THR D 98 -15.15 -6.28 28.90
N VAL D 99 -16.40 -5.96 29.23
CA VAL D 99 -17.17 -4.95 28.52
C VAL D 99 -17.84 -4.07 29.56
N PHE D 100 -18.37 -2.94 29.10
CA PHE D 100 -19.11 -2.03 29.96
C PHE D 100 -20.60 -2.24 29.74
N ILE D 101 -21.39 -2.10 30.82
CA ILE D 101 -22.83 -2.34 30.72
C ILE D 101 -23.58 -1.11 31.21
N SER D 102 -23.39 -0.75 32.49
CA SER D 102 -24.06 0.40 33.07
C SER D 102 -23.20 1.64 33.09
N LYS D 103 -21.88 1.51 32.98
CA LYS D 103 -21.03 2.69 32.98
C LYS D 103 -21.21 3.47 31.69
N LYS D 104 -21.15 4.80 31.76
CA LYS D 104 -21.33 5.69 30.57
C LYS D 104 -19.98 6.33 30.24
N LYS D 105 -19.72 6.65 28.98
CA LYS D 105 -18.40 7.19 28.57
C LYS D 105 -18.21 8.58 29.16
N LYS D 106 -17.20 8.79 30.00
CA LYS D 106 -16.89 10.12 30.57
C LYS D 106 -16.27 11.01 29.49
N LEU D 107 -15.37 10.48 28.68
CA LEU D 107 -14.62 11.27 27.67
C LEU D 107 -14.65 10.56 26.31
N PRO D 108 -14.50 11.27 25.17
CA PRO D 108 -14.59 10.64 23.86
C PRO D 108 -13.48 9.60 23.60
N GLY D 109 -12.30 9.77 24.18
CA GLY D 109 -11.15 8.87 23.97
C GLY D 109 -11.15 7.67 24.92
N GLU D 110 -12.14 7.54 25.81
CA GLU D 110 -12.24 6.41 26.75
C GLU D 110 -12.36 5.10 25.96
N LEU D 111 -11.59 4.07 26.31
CA LEU D 111 -11.56 2.83 25.56
C LEU D 111 -12.57 1.83 26.13
N GLY D 112 -12.91 0.84 25.32
CA GLY D 112 -13.75 -0.26 25.73
C GLY D 112 -14.99 -0.38 24.87
N ARG D 113 -15.67 -1.53 25.04
CA ARG D 113 -16.91 -1.79 24.33
C ARG D 113 -18.06 -1.29 25.19
N PHE D 114 -18.73 -0.24 24.72
CA PHE D 114 -19.88 0.32 25.47
C PHE D 114 -21.18 -0.08 24.81
N PRO D 115 -22.29 -0.09 25.56
CA PRO D 115 -23.58 -0.41 24.98
C PRO D 115 -24.06 0.76 24.11
N HIS D 116 -25.02 0.50 23.25
CA HIS D 116 -25.55 1.66 22.50
C HIS D 116 -27.04 1.48 22.15
N LEU D 117 -27.73 2.59 21.89
CA LEU D 117 -29.19 2.54 21.66
C LEU D 117 -29.56 1.97 20.30
N ARG D 118 -30.52 1.06 20.29
CA ARG D 118 -31.03 0.50 19.03
C ARG D 118 -32.27 1.28 18.60
N SER D 119 -32.79 0.98 17.42
CA SER D 119 -33.99 1.61 16.89
C SER D 119 -35.20 1.38 17.80
N ASP D 120 -35.24 0.27 18.54
CA ASP D 120 -36.38 -0.08 19.35
C ASP D 120 -36.27 0.44 20.77
N GLY D 121 -35.31 1.32 21.03
CA GLY D 121 -35.12 1.87 22.36
C GLY D 121 -34.45 0.94 23.34
N TRP D 122 -34.18 -0.30 22.95
CA TRP D 122 -33.37 -1.20 23.75
C TRP D 122 -31.89 -0.97 23.47
N LEU D 123 -31.08 -1.06 24.52
CA LEU D 123 -29.65 -1.06 24.32
C LEU D 123 -29.21 -2.39 23.74
N GLU D 124 -28.01 -2.41 23.16
CA GLU D 124 -27.37 -3.68 22.83
C GLU D 124 -25.86 -3.61 23.05
N ILE D 125 -25.28 -4.75 23.38
CA ILE D 125 -23.86 -4.88 23.66
C ILE D 125 -23.36 -6.05 22.83
N LYS D 126 -22.35 -5.80 22.02
CA LYS D 126 -21.81 -6.85 21.18
C LYS D 126 -21.08 -7.89 22.03
N LEU D 127 -21.42 -9.14 21.86
CA LEU D 127 -20.77 -10.18 22.65
C LEU D 127 -19.56 -10.72 21.91
N GLY D 128 -19.57 -10.68 20.60
CA GLY D 128 -18.50 -11.27 19.83
C GLY D 128 -18.94 -11.34 18.39
N GLU D 129 -18.05 -11.90 17.57
CA GLU D 129 -18.20 -12.01 16.11
C GLU D 129 -17.62 -13.33 15.68
N PHE D 130 -18.21 -13.98 14.68
CA PHE D 130 -17.59 -15.17 14.11
C PHE D 130 -17.87 -15.27 12.62
N PHE D 131 -17.01 -15.98 11.93
CA PHE D 131 -17.21 -16.28 10.52
C PHE D 131 -17.77 -17.68 10.37
N ASN D 132 -18.93 -17.79 9.73
CA ASN D 132 -19.49 -19.10 9.39
C ASN D 132 -18.99 -19.45 8.00
N ASN D 133 -18.13 -20.48 7.90
CA ASN D 133 -17.51 -20.90 6.65
C ASN D 133 -18.48 -21.80 5.88
N LEU D 134 -18.44 -23.10 6.17
CA LEU D 134 -19.29 -24.08 5.50
C LEU D 134 -20.40 -24.58 6.41
N GLY D 135 -20.53 -23.99 7.60
CA GLY D 135 -21.49 -24.49 8.57
C GLY D 135 -21.12 -25.82 9.17
N GLU D 136 -19.84 -26.19 9.14
CA GLU D 136 -19.35 -27.49 9.60
C GLU D 136 -18.51 -27.39 10.87
N ASP D 137 -18.34 -26.22 11.43
CA ASP D 137 -17.44 -26.06 12.56
C ASP D 137 -18.16 -26.17 13.89
N GLY D 138 -19.39 -26.66 13.88
CA GLY D 138 -20.11 -26.91 15.11
C GLY D 138 -20.91 -25.72 15.61
N GLU D 139 -21.20 -25.82 16.90
CA GLU D 139 -21.98 -24.82 17.61
C GLU D 139 -21.08 -23.69 18.09
N VAL D 140 -21.67 -22.49 18.12
CA VAL D 140 -21.10 -21.33 18.76
C VAL D 140 -21.88 -21.03 20.03
N GLU D 141 -21.18 -20.65 21.09
CA GLU D 141 -21.81 -20.28 22.34
C GLU D 141 -21.34 -18.88 22.74
N MET D 142 -22.23 -18.17 23.44
N MET D 142 -22.22 -18.18 23.44
CA MET D 142 -21.94 -16.77 23.81
CA MET D 142 -21.92 -16.79 23.82
C MET D 142 -22.60 -16.48 25.15
C MET D 142 -22.62 -16.46 25.14
N ARG D 143 -22.12 -15.47 25.88
CA ARG D 143 -22.80 -15.08 27.14
C ARG D 143 -22.38 -13.72 27.65
N LEU D 144 -23.17 -13.12 28.52
CA LEU D 144 -22.74 -11.94 29.28
C LEU D 144 -22.87 -12.42 30.72
N MET D 145 -21.87 -12.28 31.56
CA MET D 145 -21.90 -12.84 32.91
C MET D 145 -21.15 -11.91 33.85
N GLU D 146 -21.56 -11.91 35.11
CA GLU D 146 -20.88 -11.28 36.22
C GLU D 146 -21.06 -12.21 37.41
N ILE D 147 -20.00 -12.92 37.80
CA ILE D 147 -20.16 -14.05 38.71
C ILE D 147 -19.35 -13.86 39.99
N ASN D 148 -18.97 -12.63 40.31
CA ASN D 148 -18.28 -12.39 41.57
C ASN D 148 -19.23 -12.65 42.73
N ASP D 149 -18.86 -13.59 43.62
CA ASP D 149 -19.79 -14.08 44.65
C ASP D 149 -20.04 -13.08 45.77
N LYS D 150 -19.26 -12.02 45.88
CA LYS D 150 -19.44 -11.04 46.95
C LYS D 150 -20.49 -9.98 46.62
N THR D 151 -20.86 -9.80 45.35
CA THR D 151 -21.71 -8.69 44.95
C THR D 151 -23.05 -9.20 44.45
N TRP D 152 -24.09 -8.40 44.69
CA TRP D 152 -25.42 -8.65 44.17
C TRP D 152 -25.60 -7.77 42.94
N LYS D 153 -25.83 -8.39 41.79
CA LYS D 153 -26.09 -7.65 40.56
C LYS D 153 -27.59 -7.41 40.47
N SER D 154 -27.98 -6.23 39.99
CA SER D 154 -29.38 -5.84 39.88
C SER D 154 -29.60 -4.82 38.78
N GLY D 155 -30.74 -4.93 38.10
CA GLY D 155 -31.24 -3.85 37.29
C GLY D 155 -31.03 -3.94 35.78
N ILE D 156 -30.84 -5.13 35.24
CA ILE D 156 -30.80 -5.32 33.80
C ILE D 156 -32.04 -6.08 33.39
N ILE D 157 -32.58 -5.71 32.23
CA ILE D 157 -33.76 -6.35 31.65
C ILE D 157 -33.35 -7.00 30.34
N VAL D 158 -33.62 -8.30 30.21
CA VAL D 158 -33.08 -9.07 29.11
C VAL D 158 -34.17 -9.30 28.08
N LYS D 159 -33.92 -8.86 26.84
CA LYS D 159 -34.88 -9.06 25.78
C LYS D 159 -34.53 -10.26 24.91
N GLY D 160 -33.25 -10.47 24.64
CA GLY D 160 -32.82 -11.62 23.86
C GLY D 160 -31.43 -11.42 23.28
N PHE D 161 -31.03 -12.38 22.46
CA PHE D 161 -29.79 -12.32 21.70
C PHE D 161 -30.11 -12.05 20.24
N ASP D 162 -29.49 -11.05 19.65
CA ASP D 162 -29.68 -10.75 18.23
C ASP D 162 -28.42 -11.21 17.49
N ILE D 163 -28.62 -12.10 16.52
CA ILE D 163 -27.54 -12.66 15.72
C ILE D 163 -27.71 -12.14 14.30
N ARG D 164 -26.87 -11.19 13.88
CA ARG D 164 -27.01 -10.50 12.62
C ARG D 164 -25.77 -10.67 11.73
N PRO D 165 -25.97 -10.85 10.43
CA PRO D 165 -24.82 -10.80 9.50
C PRO D 165 -24.19 -9.42 9.49
N ASN D 166 -22.86 -9.39 9.57
CA ASN D 166 -22.14 -8.13 9.70
C ASN D 166 -22.22 -7.32 8.39
N GLY E 2 -21.27 -12.44 -0.11
CA GLY E 2 -20.76 -13.75 0.23
C GLY E 2 -19.24 -13.67 0.18
N GLN E 3 -18.58 -14.05 1.27
CA GLN E 3 -17.13 -14.05 1.32
C GLN E 3 -16.64 -15.38 0.74
N GLY E 4 -16.82 -15.50 -0.55
CA GLY E 4 -16.59 -16.75 -1.24
C GLY E 4 -17.91 -17.48 -1.41
N GLN E 5 -17.81 -18.75 -1.76
CA GLN E 5 -19.03 -19.54 -1.95
C GLN E 5 -18.66 -21.03 -2.00
N TRP E 6 -19.65 -21.84 -1.65
CA TRP E 6 -19.51 -23.29 -1.58
C TRP E 6 -20.51 -23.91 -2.54
N ILE E 7 -20.06 -24.81 -3.39
CA ILE E 7 -20.95 -25.60 -4.23
C ILE E 7 -20.87 -27.04 -3.74
N ALA E 8 -21.97 -27.53 -3.17
CA ALA E 8 -22.07 -28.93 -2.77
C ALA E 8 -21.99 -29.84 -3.98
N ALA E 9 -21.51 -31.06 -3.77
CA ALA E 9 -21.32 -31.99 -4.88
C ALA E 9 -22.60 -32.19 -5.69
N ARG E 10 -23.74 -32.28 -5.02
CA ARG E 10 -25.02 -32.45 -5.70
C ARG E 10 -25.38 -31.29 -6.62
N ASP E 11 -24.76 -30.14 -6.46
CA ASP E 11 -25.04 -28.99 -7.30
C ASP E 11 -24.02 -28.78 -8.41
N LEU E 12 -22.94 -29.55 -8.42
CA LEU E 12 -22.01 -29.55 -9.54
C LEU E 12 -22.57 -30.39 -10.68
N SER E 13 -21.99 -30.21 -11.87
CA SER E 13 -22.30 -31.06 -13.03
C SER E 13 -21.20 -32.11 -13.15
N ILE E 14 -21.51 -33.34 -12.82
CA ILE E 14 -20.58 -34.46 -12.89
C ILE E 14 -21.18 -35.46 -13.87
N THR E 15 -20.43 -35.79 -14.91
CA THR E 15 -20.90 -36.71 -15.94
C THR E 15 -21.07 -38.09 -15.37
N TRP E 16 -22.18 -38.73 -15.74
CA TRP E 16 -22.50 -40.11 -15.33
C TRP E 16 -22.72 -40.24 -13.82
N VAL E 17 -22.90 -39.12 -13.11
CA VAL E 17 -22.91 -39.22 -11.65
C VAL E 17 -24.20 -39.80 -11.08
N ASP E 18 -25.24 -39.94 -11.90
CA ASP E 18 -26.52 -40.48 -11.49
C ASP E 18 -26.74 -41.91 -11.98
N ASN E 19 -25.69 -42.53 -12.52
CA ASN E 19 -25.71 -43.91 -12.93
C ASN E 19 -24.95 -44.70 -11.88
N PRO E 20 -25.60 -45.60 -11.13
CA PRO E 20 -24.89 -46.31 -10.05
C PRO E 20 -23.75 -47.19 -10.53
N GLN E 21 -23.65 -47.46 -11.83
CA GLN E 21 -22.54 -48.27 -12.32
C GLN E 21 -21.21 -47.54 -12.21
N TYR E 22 -21.21 -46.22 -12.36
CA TYR E 22 -20.01 -45.41 -12.42
C TYR E 22 -19.73 -44.59 -11.17
N TRP E 23 -20.79 -44.03 -10.55
CA TRP E 23 -20.65 -43.20 -9.36
C TRP E 23 -21.61 -43.69 -8.29
N THR E 24 -21.25 -43.44 -7.03
CA THR E 24 -22.04 -43.81 -5.87
C THR E 24 -22.16 -42.58 -4.96
N TRP E 25 -23.39 -42.18 -4.68
CA TRP E 25 -23.63 -41.16 -3.68
C TRP E 25 -23.61 -41.76 -2.29
N LYS E 26 -22.89 -41.12 -1.38
CA LYS E 26 -22.71 -41.63 -0.03
C LYS E 26 -22.96 -40.51 0.97
N THR E 27 -23.05 -40.88 2.25
CA THR E 27 -22.97 -39.95 3.37
C THR E 27 -21.69 -40.23 4.14
N VAL E 28 -20.97 -39.25 4.52
CA VAL E 28 -19.80 -39.33 5.40
C VAL E 28 -19.99 -38.39 6.58
N ASP E 29 -19.37 -38.70 7.71
CA ASP E 29 -19.67 -38.00 8.97
C ASP E 29 -19.05 -36.58 9.02
N PRO E 30 -19.73 -35.58 9.62
CA PRO E 30 -21.13 -35.58 10.04
C PRO E 30 -22.09 -35.10 8.93
N ASN E 31 -22.95 -35.99 8.43
CA ASN E 31 -24.06 -35.66 7.53
C ASN E 31 -23.69 -34.97 6.20
N ILE E 32 -22.50 -35.28 5.67
CA ILE E 32 -21.99 -34.69 4.43
C ILE E 32 -22.29 -35.64 3.29
N GLU E 33 -23.02 -35.24 2.16
CA GLU E 33 -23.23 -35.98 0.93
C GLU E 33 -22.02 -35.86 0.00
N VAL E 34 -21.47 -36.99 -0.40
CA VAL E 34 -20.37 -37.02 -1.36
C VAL E 34 -20.79 -37.88 -2.53
N ALA E 35 -19.99 -37.81 -3.61
CA ALA E 35 -20.08 -38.74 -4.73
C ALA E 35 -18.73 -39.41 -4.91
N GLU E 36 -18.71 -40.75 -4.83
CA GLU E 36 -17.50 -41.54 -4.99
C GLU E 36 -17.47 -42.13 -6.38
N LEU E 37 -16.35 -41.96 -7.08
CA LEU E 37 -16.21 -42.48 -8.43
C LEU E 37 -15.92 -43.96 -8.36
N ARG E 38 -16.79 -44.78 -8.93
CA ARG E 38 -16.51 -46.21 -9.02
C ARG E 38 -15.59 -46.48 -10.19
N ARG E 39 -16.04 -46.15 -11.39
CA ARG E 39 -15.29 -46.27 -12.62
C ARG E 39 -15.96 -45.34 -13.61
N VAL E 40 -15.15 -44.66 -14.44
CA VAL E 40 -15.65 -43.92 -15.59
C VAL E 40 -14.48 -43.52 -16.47
N ALA E 41 -14.72 -43.43 -17.79
CA ALA E 41 -13.66 -43.07 -18.73
C ALA E 41 -13.74 -41.62 -19.17
N TRP E 42 -14.85 -40.95 -18.91
CA TRP E 42 -15.07 -39.54 -19.21
C TRP E 42 -15.29 -38.85 -17.86
N LEU E 43 -14.19 -38.41 -17.23
CA LEU E 43 -14.26 -37.75 -15.93
C LEU E 43 -14.36 -36.24 -16.14
N ASP E 44 -15.42 -35.62 -15.62
CA ASP E 44 -15.63 -34.18 -15.78
C ASP E 44 -16.40 -33.69 -14.57
N ILE E 45 -15.76 -32.88 -13.72
CA ILE E 45 -16.42 -32.29 -12.56
C ILE E 45 -16.48 -30.80 -12.76
N TYR E 46 -17.68 -30.25 -13.00
CA TYR E 46 -17.87 -28.90 -13.48
C TYR E 46 -18.74 -28.08 -12.54
N GLY E 47 -18.33 -26.84 -12.28
CA GLY E 47 -19.18 -25.92 -11.54
C GLY E 47 -19.09 -24.52 -12.14
N LYS E 48 -20.12 -23.74 -11.85
CA LYS E 48 -20.21 -22.37 -12.34
C LYS E 48 -20.81 -21.51 -11.24
N ILE E 49 -20.27 -20.30 -11.11
CA ILE E 49 -20.78 -19.34 -10.14
C ILE E 49 -21.02 -18.00 -10.82
N GLU E 50 -21.85 -17.20 -10.15
CA GLU E 50 -22.05 -15.80 -10.56
C GLU E 50 -21.13 -14.99 -9.63
N THR E 51 -20.56 -13.89 -10.11
CA THR E 51 -19.61 -13.08 -9.30
C THR E 51 -20.31 -11.87 -8.70
N LYS E 52 -21.55 -11.61 -9.11
CA LYS E 52 -22.31 -10.41 -8.68
C LYS E 52 -22.49 -10.36 -7.15
N ASN E 53 -22.55 -11.52 -6.50
CA ASN E 53 -22.82 -11.52 -5.03
C ASN E 53 -21.54 -11.79 -4.24
N LEU E 54 -20.40 -11.86 -4.90
CA LEU E 54 -19.13 -12.03 -4.15
C LEU E 54 -18.64 -10.67 -3.65
N ILE E 55 -17.87 -10.68 -2.57
CA ILE E 55 -17.27 -9.44 -2.02
C ILE E 55 -16.40 -8.85 -3.13
N ARG E 56 -16.44 -7.53 -3.29
CA ARG E 56 -15.75 -6.86 -4.40
C ARG E 56 -14.27 -6.58 -4.14
N LYS E 57 -13.52 -6.23 -5.20
CA LYS E 57 -12.08 -5.88 -5.08
C LYS E 57 -11.31 -6.98 -4.38
N THR E 58 -11.64 -8.24 -4.66
CA THR E 58 -11.02 -9.35 -3.95
C THR E 58 -10.59 -10.41 -4.93
N SER E 59 -9.45 -11.04 -4.66
CA SER E 59 -9.00 -12.18 -5.44
C SER E 59 -9.49 -13.47 -4.79
N TYR E 60 -9.97 -14.39 -5.64
CA TYR E 60 -10.59 -15.63 -5.22
C TYR E 60 -9.91 -16.83 -5.85
N ALA E 61 -9.68 -17.86 -5.06
CA ALA E 61 -9.22 -19.17 -5.49
C ALA E 61 -10.39 -20.16 -5.43
N VAL E 62 -10.33 -21.13 -6.33
CA VAL E 62 -11.36 -22.13 -6.49
C VAL E 62 -10.69 -23.49 -6.31
N TYR E 63 -11.18 -24.28 -5.34
CA TYR E 63 -10.62 -25.59 -5.02
C TYR E 63 -11.69 -26.65 -5.21
N LEU E 64 -11.35 -27.75 -5.91
CA LEU E 64 -12.12 -28.98 -5.74
C LEU E 64 -11.69 -29.64 -4.44
N VAL E 65 -12.63 -29.80 -3.49
CA VAL E 65 -12.39 -30.51 -2.23
C VAL E 65 -12.76 -31.96 -2.42
N PHE E 66 -11.85 -32.87 -2.09
CA PHE E 66 -12.08 -34.28 -2.37
C PHE E 66 -11.24 -35.13 -1.43
N LYS E 67 -11.48 -36.44 -1.52
CA LYS E 67 -10.62 -37.46 -0.94
C LYS E 67 -10.40 -38.52 -1.99
N LEU E 68 -9.37 -39.34 -1.80
CA LEU E 68 -9.06 -40.45 -2.69
C LEU E 68 -9.25 -41.76 -1.93
N THR E 69 -9.48 -42.84 -2.68
CA THR E 69 -9.49 -44.19 -2.11
C THR E 69 -8.07 -44.62 -1.75
N ASP E 70 -7.94 -45.88 -1.32
CA ASP E 70 -6.63 -46.48 -1.05
C ASP E 70 -5.93 -46.87 -2.33
N ASN E 71 -6.68 -47.01 -3.44
CA ASN E 71 -6.11 -47.44 -4.73
C ASN E 71 -6.78 -46.72 -5.89
N PRO E 72 -6.72 -45.40 -5.93
CA PRO E 72 -7.20 -44.67 -7.11
C PRO E 72 -6.39 -45.05 -8.34
N ARG E 73 -7.07 -45.19 -9.48
CA ARG E 73 -6.43 -45.67 -10.71
C ARG E 73 -6.55 -44.57 -11.76
N GLU E 74 -5.50 -44.39 -12.57
CA GLU E 74 -5.41 -43.47 -13.72
C GLU E 74 -5.77 -42.01 -13.40
N LEU E 75 -5.49 -41.57 -12.19
CA LEU E 75 -5.72 -40.21 -11.76
C LEU E 75 -4.44 -39.54 -11.25
N GLU E 76 -3.28 -39.94 -11.78
CA GLU E 76 -2.05 -39.23 -11.42
C GLU E 76 -2.13 -37.81 -11.91
N ARG E 77 -2.64 -37.60 -13.11
CA ARG E 77 -2.70 -36.30 -13.74
C ARG E 77 -4.15 -36.00 -14.10
N ALA E 78 -4.49 -34.72 -14.12
CA ALA E 78 -5.79 -34.29 -14.58
C ALA E 78 -5.70 -32.87 -15.09
N THR E 79 -6.70 -32.47 -15.83
CA THR E 79 -6.82 -31.13 -16.39
C THR E 79 -7.73 -30.27 -15.52
N ALA E 80 -7.19 -29.14 -15.04
CA ALA E 80 -7.95 -28.13 -14.31
C ALA E 80 -8.18 -26.94 -15.23
N SER E 81 -9.31 -26.27 -15.02
CA SER E 81 -9.68 -25.15 -15.86
C SER E 81 -10.54 -24.17 -15.09
N LEU E 82 -10.34 -22.87 -15.37
CA LEU E 82 -11.13 -21.84 -14.71
C LEU E 82 -11.09 -20.64 -15.63
N ARG E 83 -12.26 -20.12 -16.02
CA ARG E 83 -12.32 -18.97 -16.89
C ARG E 83 -13.65 -18.24 -16.67
N PHE E 84 -13.61 -16.94 -16.93
CA PHE E 84 -14.84 -16.19 -17.15
C PHE E 84 -15.52 -16.72 -18.40
N VAL E 85 -16.81 -17.07 -18.25
CA VAL E 85 -17.58 -17.59 -19.40
C VAL E 85 -17.52 -16.60 -20.53
N ASN E 86 -17.55 -15.30 -20.22
CA ASN E 86 -17.65 -14.27 -21.25
C ASN E 86 -16.36 -14.12 -22.04
N GLU E 87 -15.28 -14.79 -21.61
CA GLU E 87 -13.96 -14.61 -22.20
C GLU E 87 -13.51 -15.82 -22.99
N VAL E 88 -14.42 -16.74 -23.31
CA VAL E 88 -14.13 -17.89 -24.15
C VAL E 88 -14.31 -17.48 -25.60
N ALA E 89 -13.23 -17.56 -26.38
CA ALA E 89 -13.32 -17.30 -27.81
C ALA E 89 -14.14 -18.40 -28.46
N GLU E 90 -14.92 -18.05 -29.48
CA GLU E 90 -15.78 -19.07 -30.10
C GLU E 90 -14.90 -20.14 -30.75
N GLY E 91 -15.30 -21.39 -30.62
CA GLY E 91 -14.49 -22.47 -31.15
C GLY E 91 -13.28 -22.82 -30.33
N ALA E 92 -13.00 -22.08 -29.26
CA ALA E 92 -11.92 -22.48 -28.37
C ALA E 92 -12.34 -23.68 -27.54
N GLY E 93 -11.37 -24.54 -27.25
CA GLY E 93 -11.64 -25.67 -26.39
C GLY E 93 -11.74 -25.22 -24.94
N ILE E 94 -11.51 -26.17 -24.04
CA ILE E 94 -11.55 -25.79 -22.62
C ILE E 94 -10.26 -25.08 -22.25
N GLU E 95 -9.14 -25.46 -22.84
CA GLU E 95 -7.88 -24.73 -22.65
C GLU E 95 -7.51 -24.67 -21.18
N GLY E 96 -7.39 -25.84 -20.57
CA GLY E 96 -7.02 -25.94 -19.17
C GLY E 96 -5.53 -26.12 -18.93
N THR E 97 -5.21 -26.45 -17.66
CA THR E 97 -3.84 -26.71 -17.19
C THR E 97 -3.74 -28.08 -16.53
N THR E 98 -2.57 -28.71 -16.69
CA THR E 98 -2.32 -30.02 -16.08
C THR E 98 -1.99 -29.86 -14.60
N VAL E 99 -2.71 -30.57 -13.75
CA VAL E 99 -2.42 -30.61 -12.32
C VAL E 99 -2.24 -32.08 -11.91
N PHE E 100 -1.74 -32.26 -10.70
CA PHE E 100 -1.55 -33.60 -10.11
C PHE E 100 -2.65 -33.88 -9.11
N ILE E 101 -3.16 -35.11 -9.10
CA ILE E 101 -4.23 -35.53 -8.20
C ILE E 101 -3.75 -36.71 -7.35
N SER E 102 -3.57 -37.89 -7.96
CA SER E 102 -3.18 -39.07 -7.18
C SER E 102 -1.67 -39.15 -7.02
N LYS E 103 -0.91 -38.51 -7.91
CA LYS E 103 0.54 -38.66 -7.88
C LYS E 103 1.14 -37.86 -6.72
N LYS E 104 2.10 -38.48 -6.06
CA LYS E 104 2.76 -37.89 -4.91
C LYS E 104 4.04 -37.17 -5.36
N LYS E 105 4.31 -36.07 -4.72
CA LYS E 105 5.50 -35.28 -5.02
C LYS E 105 6.72 -36.03 -4.50
N LYS E 106 7.53 -36.53 -5.43
CA LYS E 106 8.72 -37.31 -5.10
C LYS E 106 9.90 -36.43 -4.73
N LEU E 107 9.99 -35.22 -5.29
CA LEU E 107 11.17 -34.38 -5.09
C LEU E 107 10.77 -32.98 -4.66
N PRO E 108 11.54 -32.35 -3.76
CA PRO E 108 11.11 -31.04 -3.28
C PRO E 108 11.02 -30.01 -4.38
N GLY E 109 11.97 -30.02 -5.30
CA GLY E 109 11.97 -29.13 -6.44
C GLY E 109 11.04 -29.56 -7.55
N GLU E 110 10.22 -30.58 -7.32
CA GLU E 110 9.32 -31.03 -8.37
C GLU E 110 8.27 -29.95 -8.63
N LEU E 111 8.08 -29.62 -9.90
CA LEU E 111 7.20 -28.53 -10.31
C LEU E 111 5.79 -29.05 -10.53
N GLY E 112 4.83 -28.14 -10.39
CA GLY E 112 3.44 -28.45 -10.64
C GLY E 112 2.58 -28.26 -9.40
N ARG E 113 1.27 -28.26 -9.65
CA ARG E 113 0.28 -28.08 -8.60
C ARG E 113 -0.17 -29.45 -8.12
N PHE E 114 0.00 -29.68 -6.83
CA PHE E 114 -0.39 -30.90 -6.14
C PHE E 114 -1.54 -30.59 -5.23
N PRO E 115 -2.23 -31.61 -4.71
CA PRO E 115 -3.28 -31.34 -3.72
C PRO E 115 -2.72 -30.99 -2.35
N HIS E 116 -3.51 -30.25 -1.60
CA HIS E 116 -3.16 -29.80 -0.25
C HIS E 116 -4.11 -30.45 0.75
N LEU E 117 -3.56 -30.91 1.86
CA LEU E 117 -4.38 -31.51 2.92
C LEU E 117 -4.95 -30.41 3.82
N ARG E 118 -6.27 -30.25 3.78
CA ARG E 118 -6.91 -29.15 4.48
C ARG E 118 -7.01 -29.40 5.98
N SER E 119 -7.29 -28.32 6.72
CA SER E 119 -7.46 -28.38 8.17
C SER E 119 -8.47 -29.43 8.58
N ASP E 120 -9.51 -29.62 7.76
CA ASP E 120 -10.62 -30.49 8.10
C ASP E 120 -10.43 -31.91 7.59
N GLY E 121 -9.22 -32.24 7.12
CA GLY E 121 -8.91 -33.62 6.75
C GLY E 121 -9.20 -34.01 5.32
N TRP E 122 -9.76 -33.13 4.51
CA TRP E 122 -9.99 -33.38 3.10
C TRP E 122 -8.85 -32.84 2.26
N LEU E 123 -8.72 -33.36 1.03
CA LEU E 123 -7.76 -32.81 0.07
C LEU E 123 -8.43 -31.72 -0.75
N GLU E 124 -7.63 -30.75 -1.21
CA GLU E 124 -8.09 -29.74 -2.17
C GLU E 124 -7.05 -29.56 -3.28
N ILE E 125 -7.54 -29.42 -4.51
CA ILE E 125 -6.74 -29.08 -5.67
C ILE E 125 -7.26 -27.78 -6.26
N LYS E 126 -6.36 -26.81 -6.42
CA LYS E 126 -6.69 -25.50 -6.96
C LYS E 126 -6.91 -25.57 -8.47
N LEU E 127 -8.13 -25.26 -8.86
CA LEU E 127 -8.52 -25.24 -10.26
C LEU E 127 -8.11 -23.95 -10.94
N GLY E 128 -7.93 -22.87 -10.20
CA GLY E 128 -7.70 -21.57 -10.79
C GLY E 128 -7.95 -20.47 -9.77
N GLU E 129 -7.78 -19.25 -10.27
CA GLU E 129 -7.78 -17.99 -9.51
C GLU E 129 -8.43 -16.91 -10.35
N PHE E 130 -9.18 -15.99 -9.76
CA PHE E 130 -9.67 -14.87 -10.57
C PHE E 130 -9.95 -13.68 -9.66
N PHE E 131 -9.90 -12.49 -10.26
CA PHE E 131 -10.13 -11.25 -9.53
C PHE E 131 -11.56 -10.77 -9.76
N ASN E 132 -12.28 -10.55 -8.69
CA ASN E 132 -13.58 -9.92 -8.74
C ASN E 132 -13.39 -8.43 -8.52
N ASN E 133 -13.66 -7.63 -9.54
CA ASN E 133 -13.56 -6.19 -9.35
C ASN E 133 -14.84 -5.68 -8.71
N LEU E 134 -15.93 -5.56 -9.49
CA LEU E 134 -17.20 -5.06 -8.96
C LEU E 134 -18.36 -6.02 -9.16
N GLY E 135 -18.12 -7.29 -9.46
CA GLY E 135 -19.22 -8.22 -9.71
C GLY E 135 -19.87 -8.08 -11.07
N GLU E 136 -19.23 -7.42 -12.03
CA GLU E 136 -19.84 -7.07 -13.30
C GLU E 136 -19.28 -7.83 -14.49
N ASP E 137 -18.38 -8.78 -14.27
CA ASP E 137 -17.73 -9.48 -15.36
C ASP E 137 -18.35 -10.85 -15.64
N GLY E 138 -19.50 -11.15 -15.02
CA GLY E 138 -20.25 -12.35 -15.33
C GLY E 138 -19.92 -13.60 -14.53
N GLU E 139 -20.39 -14.73 -15.05
CA GLU E 139 -20.17 -16.03 -14.47
C GLU E 139 -18.74 -16.53 -14.65
N VAL E 140 -18.29 -17.28 -13.65
CA VAL E 140 -17.04 -18.02 -13.70
C VAL E 140 -17.34 -19.52 -13.69
N GLU E 141 -16.69 -20.23 -14.61
CA GLU E 141 -16.85 -21.69 -14.76
C GLU E 141 -15.52 -22.32 -14.44
N MET E 142 -15.53 -23.56 -13.99
CA MET E 142 -14.30 -24.24 -13.56
C MET E 142 -14.54 -25.72 -13.65
N ARG E 143 -13.49 -26.50 -13.74
CA ARG E 143 -13.68 -27.95 -13.70
C ARG E 143 -12.42 -28.75 -13.54
N LEU E 144 -12.56 -30.00 -13.14
CA LEU E 144 -11.48 -30.97 -13.21
C LEU E 144 -11.93 -32.07 -14.13
N MET E 145 -11.07 -32.43 -15.09
CA MET E 145 -11.40 -33.45 -16.07
C MET E 145 -10.22 -34.33 -16.47
N GLU E 146 -10.50 -35.56 -16.90
CA GLU E 146 -9.57 -36.57 -17.44
C GLU E 146 -10.45 -37.34 -18.43
N ILE E 147 -10.41 -36.99 -19.70
CA ILE E 147 -11.38 -37.50 -20.66
C ILE E 147 -10.70 -38.38 -21.71
N ASN E 148 -9.60 -39.02 -21.36
CA ASN E 148 -8.97 -40.01 -22.26
C ASN E 148 -9.95 -41.19 -22.33
N ASP E 149 -10.50 -41.54 -23.49
CA ASP E 149 -11.52 -42.61 -23.59
C ASP E 149 -10.88 -44.00 -23.57
N LYS E 150 -9.56 -44.14 -23.54
CA LYS E 150 -8.85 -45.44 -23.40
C LYS E 150 -8.53 -45.77 -21.93
N THR E 151 -8.85 -44.94 -20.95
CA THR E 151 -8.57 -45.32 -19.53
C THR E 151 -9.84 -45.23 -18.66
N TRP E 152 -9.86 -46.01 -17.59
CA TRP E 152 -10.97 -46.06 -16.63
C TRP E 152 -10.46 -45.41 -15.33
N LYS E 153 -10.92 -44.21 -15.00
CA LYS E 153 -10.51 -43.52 -13.78
C LYS E 153 -11.36 -43.96 -12.62
N SER E 154 -10.75 -44.02 -11.43
CA SER E 154 -11.48 -44.48 -10.26
C SER E 154 -10.79 -44.01 -9.01
N GLY E 155 -11.58 -43.77 -7.96
CA GLY E 155 -11.05 -43.60 -6.63
C GLY E 155 -11.07 -42.21 -6.07
N ILE E 156 -11.79 -41.28 -6.68
CA ILE E 156 -11.91 -39.92 -6.17
C ILE E 156 -13.30 -39.75 -5.55
N ILE E 157 -13.33 -39.07 -4.40
CA ILE E 157 -14.58 -38.81 -3.68
C ILE E 157 -14.79 -37.30 -3.63
N VAL E 158 -15.87 -36.84 -4.27
CA VAL E 158 -16.11 -35.42 -4.52
C VAL E 158 -17.03 -34.87 -3.44
N LYS E 159 -16.55 -33.87 -2.71
CA LYS E 159 -17.35 -33.14 -1.73
C LYS E 159 -17.95 -31.86 -2.28
N GLY E 160 -17.16 -31.09 -3.01
CA GLY E 160 -17.66 -29.82 -3.54
C GLY E 160 -16.53 -28.93 -4.00
N PHE E 161 -16.95 -27.76 -4.50
CA PHE E 161 -16.05 -26.66 -4.87
C PHE E 161 -16.07 -25.63 -3.75
N ASP E 162 -14.89 -25.21 -3.29
CA ASP E 162 -14.71 -24.11 -2.37
C ASP E 162 -14.17 -22.90 -3.14
N ILE E 163 -14.89 -21.80 -3.08
CA ILE E 163 -14.48 -20.52 -3.67
C ILE E 163 -14.22 -19.56 -2.53
N ARG E 164 -12.94 -19.22 -2.35
CA ARG E 164 -12.44 -18.48 -1.19
C ARG E 164 -11.51 -17.36 -1.60
N PRO E 165 -11.48 -16.30 -0.81
CA PRO E 165 -10.46 -15.26 -1.00
C PRO E 165 -9.07 -15.82 -0.75
N ASN E 166 -8.13 -15.39 -1.61
CA ASN E 166 -6.70 -15.65 -1.42
C ASN E 166 -6.26 -15.00 -0.10
N GLY F 2 2.01 5.26 -8.44
CA GLY F 2 3.22 4.74 -7.80
C GLY F 2 3.21 3.25 -7.64
N GLN F 3 2.17 2.55 -8.15
CA GLN F 3 2.04 1.08 -8.09
C GLN F 3 1.97 0.56 -9.53
N GLY F 4 2.75 -0.45 -9.91
CA GLY F 4 2.75 -0.96 -11.28
C GLY F 4 4.18 -0.97 -11.81
N GLN F 5 4.64 -2.08 -12.40
CA GLN F 5 6.00 -2.25 -12.96
C GLN F 5 5.90 -2.38 -14.48
N TRP F 6 7.03 -2.24 -15.15
CA TRP F 6 7.07 -2.15 -16.60
C TRP F 6 8.27 -2.93 -17.11
N ILE F 7 8.07 -3.78 -18.11
CA ILE F 7 9.15 -4.41 -18.88
C ILE F 7 9.13 -3.82 -20.28
N ALA F 8 10.20 -3.15 -20.66
CA ALA F 8 10.32 -2.58 -22.00
C ALA F 8 10.54 -3.66 -23.04
N ALA F 9 10.17 -3.33 -24.30
CA ALA F 9 10.33 -4.31 -25.37
C ALA F 9 11.73 -4.90 -25.40
N ARG F 10 12.75 -4.08 -25.17
CA ARG F 10 14.16 -4.52 -25.25
C ARG F 10 14.47 -5.60 -24.21
N ASP F 11 13.73 -5.67 -23.10
CA ASP F 11 14.03 -6.60 -22.02
C ASP F 11 13.12 -7.83 -22.04
N LEU F 12 12.18 -7.91 -22.98
CA LEU F 12 11.43 -9.12 -23.25
C LEU F 12 12.21 -10.11 -24.12
N SER F 13 11.74 -11.34 -24.17
CA SER F 13 12.32 -12.36 -25.04
C SER F 13 11.35 -12.50 -26.21
N ILE F 14 11.74 -11.97 -27.36
CA ILE F 14 10.93 -11.96 -28.57
C ILE F 14 11.68 -12.79 -29.59
N THR F 15 11.08 -13.88 -30.06
CA THR F 15 11.81 -14.78 -30.96
C THR F 15 12.25 -14.08 -32.25
N TRP F 16 13.57 -14.12 -32.49
CA TRP F 16 14.20 -13.66 -33.73
C TRP F 16 14.01 -12.14 -33.87
N VAL F 17 13.83 -11.42 -32.77
CA VAL F 17 13.71 -9.97 -32.83
C VAL F 17 15.00 -9.26 -33.29
N ASP F 18 16.14 -9.98 -33.34
CA ASP F 18 17.38 -9.45 -33.88
C ASP F 18 17.56 -9.72 -35.38
N ASN F 19 16.59 -10.32 -36.03
CA ASN F 19 16.62 -10.54 -37.47
C ASN F 19 15.89 -9.43 -38.20
N PRO F 20 16.59 -8.56 -38.93
CA PRO F 20 15.89 -7.44 -39.56
C PRO F 20 14.94 -7.86 -40.66
N GLN F 21 14.99 -9.10 -41.15
CA GLN F 21 13.97 -9.54 -42.11
C GLN F 21 12.63 -9.68 -41.41
N TYR F 22 12.65 -9.94 -40.10
CA TYR F 22 11.45 -10.28 -39.37
C TYR F 22 10.95 -9.14 -38.49
N TRP F 23 11.85 -8.40 -37.84
CA TRP F 23 11.48 -7.40 -36.86
C TRP F 23 12.32 -6.15 -37.06
N THR F 24 11.71 -5.01 -36.84
CA THR F 24 12.41 -3.74 -36.93
C THR F 24 12.38 -3.02 -35.58
N TRP F 25 13.55 -2.69 -35.06
CA TRP F 25 13.66 -1.80 -33.91
C TRP F 25 13.55 -0.35 -34.37
N LYS F 26 12.63 0.42 -33.77
CA LYS F 26 12.50 1.86 -34.06
C LYS F 26 12.18 2.61 -32.77
N THR F 27 12.38 3.91 -32.82
CA THR F 27 12.18 4.87 -31.74
C THR F 27 10.89 5.59 -32.10
N VAL F 28 10.19 5.63 -31.08
CA VAL F 28 9.06 6.56 -31.02
C VAL F 28 9.28 7.53 -29.87
N ASP F 29 9.01 8.81 -30.07
CA ASP F 29 9.33 9.81 -29.07
C ASP F 29 8.46 9.64 -27.82
N PRO F 30 9.03 9.72 -26.61
CA PRO F 30 10.42 10.14 -26.42
C PRO F 30 11.43 9.01 -26.18
N ASN F 31 12.25 8.71 -27.18
CA ASN F 31 13.40 7.82 -27.03
C ASN F 31 12.96 6.44 -26.52
N ILE F 32 11.80 5.99 -27.00
CA ILE F 32 11.22 4.71 -26.58
C ILE F 32 11.40 3.72 -27.72
N GLU F 33 12.24 2.71 -27.50
CA GLU F 33 12.48 1.68 -28.50
C GLU F 33 11.34 0.67 -28.46
N VAL F 34 10.69 0.46 -29.61
CA VAL F 34 9.66 -0.54 -29.78
C VAL F 34 10.10 -1.48 -30.90
N ALA F 35 9.50 -2.67 -30.92
CA ALA F 35 9.83 -3.68 -31.93
C ALA F 35 8.66 -3.91 -32.87
N GLU F 36 8.88 -3.69 -34.16
CA GLU F 36 7.79 -3.82 -35.13
C GLU F 36 8.00 -5.12 -35.90
N LEU F 37 6.95 -5.93 -35.99
CA LEU F 37 7.00 -7.18 -36.72
C LEU F 37 6.71 -6.92 -38.19
N ARG F 38 7.70 -7.23 -39.05
CA ARG F 38 7.47 -7.28 -40.49
C ARG F 38 6.83 -8.61 -40.87
N ARG F 39 7.44 -9.71 -40.48
CA ARG F 39 6.91 -11.02 -40.81
C ARG F 39 7.64 -12.04 -39.95
N VAL F 40 6.94 -13.08 -39.51
CA VAL F 40 7.53 -14.16 -38.75
C VAL F 40 6.48 -15.28 -38.71
N ALA F 41 6.95 -16.52 -38.82
CA ALA F 41 6.07 -17.66 -38.78
C ALA F 41 5.91 -18.17 -37.36
N TRP F 42 6.85 -17.81 -36.49
CA TRP F 42 6.87 -18.26 -35.10
C TRP F 42 6.91 -17.03 -34.22
N LEU F 43 5.74 -16.60 -33.75
CA LEU F 43 5.62 -15.37 -33.00
C LEU F 43 5.57 -15.70 -31.52
N ASP F 44 6.47 -15.12 -30.75
CA ASP F 44 6.49 -15.44 -29.33
C ASP F 44 7.09 -14.23 -28.65
N ILE F 45 6.30 -13.63 -27.75
CA ILE F 45 6.67 -12.41 -27.04
C ILE F 45 6.58 -12.79 -25.59
N TYR F 46 7.73 -12.96 -24.91
CA TYR F 46 7.78 -13.62 -23.60
C TYR F 46 8.43 -12.75 -22.54
N GLY F 47 7.95 -12.76 -21.31
CA GLY F 47 8.54 -12.04 -20.18
C GLY F 47 8.49 -12.90 -18.94
N LYS F 48 9.20 -12.49 -17.92
CA LYS F 48 9.25 -13.18 -16.62
C LYS F 48 9.40 -12.11 -15.54
N ILE F 49 8.79 -12.30 -14.38
CA ILE F 49 8.90 -11.36 -13.24
C ILE F 49 9.08 -12.19 -11.96
N GLU F 50 9.92 -11.77 -11.04
CA GLU F 50 10.01 -12.42 -9.73
C GLU F 50 8.96 -11.83 -8.80
N THR F 51 8.20 -12.71 -8.16
CA THR F 51 7.18 -12.22 -7.23
C THR F 51 7.77 -11.53 -6.02
N LYS F 52 9.03 -11.84 -5.66
CA LYS F 52 9.61 -11.28 -4.45
C LYS F 52 9.78 -9.77 -4.57
N ASN F 53 9.78 -9.24 -5.79
CA ASN F 53 9.93 -7.82 -6.02
C ASN F 53 8.58 -7.07 -6.01
N LEU F 54 7.48 -7.79 -5.91
CA LEU F 54 6.16 -7.18 -5.93
C LEU F 54 5.64 -6.98 -4.52
N ILE F 55 4.57 -6.20 -4.42
CA ILE F 55 3.89 -5.96 -3.13
C ILE F 55 3.09 -7.18 -2.73
N ARG F 56 3.31 -7.50 -1.26
CA ARG F 56 2.58 -8.72 -0.92
C ARG F 56 1.06 -8.52 -0.98
N LYS F 57 0.27 -9.59 -0.92
CA LYS F 57 -1.18 -9.58 -0.65
C LYS F 57 -1.90 -8.75 -1.70
N THR F 58 -1.46 -8.85 -2.95
CA THR F 58 -1.97 -8.00 -4.00
C THR F 58 -2.19 -8.85 -5.25
N SER F 59 -3.36 -8.73 -5.83
CA SER F 59 -3.65 -9.30 -7.13
C SER F 59 -3.06 -8.42 -8.22
N TYR F 60 -2.44 -9.06 -9.20
CA TYR F 60 -1.80 -8.40 -10.33
C TYR F 60 -2.35 -8.91 -11.67
N ALA F 61 -2.38 -8.02 -12.66
CA ALA F 61 -2.64 -8.43 -14.03
C ALA F 61 -1.47 -7.98 -14.90
N VAL F 62 -1.26 -8.69 -15.99
CA VAL F 62 -0.14 -8.40 -16.87
C VAL F 62 -0.72 -8.20 -18.24
N TYR F 63 -0.29 -7.13 -18.90
CA TYR F 63 -0.84 -6.73 -20.19
C TYR F 63 0.30 -6.58 -21.19
N LEU F 64 0.11 -7.05 -22.38
CA LEU F 64 0.98 -6.66 -23.50
C LEU F 64 0.47 -5.35 -24.10
N VAL F 65 1.33 -4.35 -24.15
CA VAL F 65 0.99 -3.04 -24.71
C VAL F 65 1.59 -3.03 -26.11
N PHE F 66 0.74 -2.77 -27.10
CA PHE F 66 1.14 -2.88 -28.49
C PHE F 66 0.29 -1.94 -29.34
N LYS F 67 0.69 -1.87 -30.60
CA LYS F 67 -0.10 -1.25 -31.64
C LYS F 67 -0.13 -2.18 -32.85
N LEU F 68 -1.16 -2.03 -33.68
CA LEU F 68 -1.23 -2.70 -34.98
C LEU F 68 -0.82 -1.72 -36.08
N THR F 69 -0.16 -2.25 -37.11
CA THR F 69 0.12 -1.45 -38.29
C THR F 69 -1.16 -1.27 -39.11
N ASP F 70 -1.04 -0.69 -40.31
CA ASP F 70 -2.16 -0.55 -41.21
C ASP F 70 -2.51 -1.85 -41.93
N ASN F 71 -1.66 -2.86 -41.88
CA ASN F 71 -1.96 -4.15 -42.54
C ASN F 71 -1.62 -5.29 -41.57
N PRO F 72 -2.30 -5.44 -40.42
CA PRO F 72 -1.98 -6.54 -39.54
C PRO F 72 -2.44 -7.82 -40.26
N ARG F 73 -1.60 -8.84 -40.35
CA ARG F 73 -1.98 -10.07 -41.05
C ARG F 73 -1.81 -11.27 -40.09
N GLU F 74 -2.74 -12.22 -40.11
CA GLU F 74 -2.74 -13.47 -39.38
C GLU F 74 -2.67 -13.25 -37.86
N LEU F 75 -3.18 -12.11 -37.39
CA LEU F 75 -3.21 -11.82 -35.96
C LEU F 75 -4.61 -11.74 -35.41
N GLU F 76 -5.60 -12.31 -36.11
CA GLU F 76 -6.97 -12.24 -35.60
C GLU F 76 -7.08 -12.93 -34.25
N ARG F 77 -6.37 -14.04 -34.09
CA ARG F 77 -6.30 -14.79 -32.84
C ARG F 77 -4.86 -15.08 -32.45
N ALA F 78 -4.62 -15.27 -31.15
CA ALA F 78 -3.33 -15.68 -30.64
C ALA F 78 -3.54 -16.38 -29.31
N THR F 79 -2.45 -16.89 -28.77
CA THR F 79 -2.44 -17.59 -27.50
C THR F 79 -1.80 -16.70 -26.45
N ALA F 80 -2.53 -16.42 -25.37
CA ALA F 80 -1.99 -15.77 -24.19
C ALA F 80 -1.69 -16.84 -23.14
N SER F 81 -0.66 -16.64 -22.36
CA SER F 81 -0.33 -17.54 -21.27
C SER F 81 0.22 -16.70 -20.12
N LEU F 82 -0.18 -17.04 -18.91
CA LEU F 82 0.45 -16.56 -17.68
C LEU F 82 0.40 -17.69 -16.67
N ARG F 83 1.52 -17.95 -16.00
CA ARG F 83 1.55 -19.01 -15.00
C ARG F 83 2.77 -18.85 -14.12
N PHE F 84 2.67 -19.38 -12.89
CA PHE F 84 3.83 -19.51 -12.04
C PHE F 84 4.75 -20.56 -12.67
N VAL F 85 6.04 -20.24 -12.81
CA VAL F 85 6.99 -21.21 -13.36
C VAL F 85 6.95 -22.51 -12.56
N ASN F 86 6.80 -22.41 -11.23
CA ASN F 86 6.88 -23.58 -10.37
C ASN F 86 5.66 -24.49 -10.43
N GLU F 87 4.63 -24.12 -11.19
CA GLU F 87 3.39 -24.88 -11.25
C GLU F 87 3.21 -25.55 -12.59
N VAL F 88 4.25 -25.58 -13.41
CA VAL F 88 4.19 -26.24 -14.71
C VAL F 88 4.55 -27.71 -14.50
N ALA F 89 3.60 -28.60 -14.74
CA ALA F 89 3.89 -30.03 -14.57
C ALA F 89 4.90 -30.44 -15.63
N GLU F 90 5.83 -31.32 -15.25
CA GLU F 90 6.79 -31.88 -16.20
C GLU F 90 6.04 -32.50 -17.38
N GLY F 91 6.52 -32.23 -18.58
CA GLY F 91 5.85 -32.69 -19.78
C GLY F 91 4.68 -31.84 -20.25
N ALA F 92 4.21 -30.90 -19.44
CA ALA F 92 3.11 -30.07 -19.89
C ALA F 92 3.60 -29.06 -20.94
N GLY F 93 2.70 -28.64 -21.82
CA GLY F 93 3.03 -27.64 -22.84
C GLY F 93 2.80 -26.25 -22.31
N ILE F 94 2.67 -25.27 -23.16
CA ILE F 94 2.42 -23.88 -22.70
C ILE F 94 1.03 -23.83 -22.05
N GLU F 95 0.06 -24.55 -22.60
CA GLU F 95 -1.33 -24.63 -22.07
C GLU F 95 -1.87 -23.24 -21.77
N GLY F 96 -1.99 -22.32 -22.76
CA GLY F 96 -2.50 -20.96 -22.68
C GLY F 96 -3.96 -20.90 -23.08
N THR F 97 -4.40 -19.68 -23.41
CA THR F 97 -5.80 -19.45 -23.73
C THR F 97 -5.90 -18.58 -24.98
N THR F 98 -6.95 -18.80 -25.77
CA THR F 98 -7.13 -18.07 -27.02
C THR F 98 -7.63 -16.65 -26.76
N VAL F 99 -6.94 -15.67 -27.31
CA VAL F 99 -7.36 -14.28 -27.23
C VAL F 99 -7.41 -13.72 -28.65
N PHE F 100 -8.11 -12.60 -28.78
CA PHE F 100 -8.22 -11.93 -30.08
C PHE F 100 -7.25 -10.77 -30.09
N ILE F 101 -6.67 -10.48 -31.25
CA ILE F 101 -5.67 -9.41 -31.33
C ILE F 101 -6.09 -8.38 -32.37
N SER F 102 -6.25 -8.80 -33.62
CA SER F 102 -6.61 -7.87 -34.71
C SER F 102 -8.09 -7.89 -35.05
N LYS F 103 -8.80 -8.94 -34.63
CA LYS F 103 -10.24 -9.04 -34.83
C LYS F 103 -10.94 -7.95 -34.02
N LYS F 104 -12.02 -7.42 -34.58
CA LYS F 104 -12.80 -6.38 -33.91
C LYS F 104 -14.11 -6.98 -33.38
N LYS F 105 -14.51 -6.62 -32.17
CA LYS F 105 -15.76 -7.13 -31.58
C LYS F 105 -16.89 -6.45 -32.34
N LYS F 106 -17.82 -7.17 -32.95
CA LYS F 106 -18.93 -6.58 -33.77
C LYS F 106 -20.22 -6.39 -32.97
N LEU F 107 -20.58 -7.35 -32.15
CA LEU F 107 -21.85 -7.30 -31.40
C LEU F 107 -21.55 -7.23 -29.92
N PRO F 108 -22.42 -6.61 -29.10
CA PRO F 108 -22.16 -6.45 -27.67
C PRO F 108 -22.11 -7.77 -26.88
N GLY F 109 -22.71 -8.83 -27.39
CA GLY F 109 -22.72 -10.18 -26.79
C GLY F 109 -21.66 -11.12 -27.36
N GLU F 110 -20.67 -10.65 -28.12
CA GLU F 110 -19.62 -11.57 -28.66
C GLU F 110 -18.65 -11.95 -27.52
N LEU F 111 -18.40 -13.23 -27.27
CA LEU F 111 -17.55 -13.66 -26.19
C LEU F 111 -16.09 -13.58 -26.61
N GLY F 112 -15.22 -13.56 -25.60
CA GLY F 112 -13.80 -13.61 -25.82
C GLY F 112 -13.11 -12.40 -25.19
N ARG F 113 -11.80 -12.49 -25.03
CA ARG F 113 -10.98 -11.35 -24.62
C ARG F 113 -10.40 -10.65 -25.86
N PHE F 114 -10.76 -9.36 -26.03
CA PHE F 114 -10.31 -8.47 -27.03
C PHE F 114 -9.37 -7.44 -26.45
N PRO F 115 -8.45 -6.90 -27.22
CA PRO F 115 -7.69 -5.73 -26.76
C PRO F 115 -8.58 -4.50 -26.72
N HIS F 116 -8.05 -3.42 -26.15
CA HIS F 116 -8.74 -2.11 -26.09
C HIS F 116 -7.69 -1.00 -26.06
N LEU F 117 -8.02 0.17 -26.59
CA LEU F 117 -7.13 1.35 -26.59
C LEU F 117 -6.92 1.81 -25.16
N ARG F 118 -5.74 2.29 -24.85
CA ARG F 118 -5.42 2.92 -23.57
C ARG F 118 -5.51 4.42 -23.82
N SER F 119 -5.47 5.17 -22.76
CA SER F 119 -5.43 6.63 -22.84
C SER F 119 -4.25 7.11 -23.70
N ASP F 120 -3.11 6.46 -23.64
CA ASP F 120 -1.93 6.87 -24.37
C ASP F 120 -1.93 6.49 -25.85
N GLY F 121 -3.04 6.00 -26.40
CA GLY F 121 -3.06 5.69 -27.82
C GLY F 121 -2.61 4.29 -28.22
N TRP F 122 -2.05 3.50 -27.31
CA TRP F 122 -1.63 2.12 -27.51
C TRP F 122 -2.75 1.14 -27.15
N LEU F 123 -2.77 -0.01 -27.82
CA LEU F 123 -3.68 -1.08 -27.42
C LEU F 123 -3.04 -1.87 -26.28
N GLU F 124 -3.89 -2.53 -25.49
CA GLU F 124 -3.38 -3.52 -24.57
C GLU F 124 -4.26 -4.76 -24.66
N ILE F 125 -3.65 -5.91 -24.37
CA ILE F 125 -4.36 -7.17 -24.22
C ILE F 125 -3.92 -7.81 -22.91
N LYS F 126 -4.86 -8.24 -22.10
CA LYS F 126 -4.51 -8.85 -20.82
C LYS F 126 -3.99 -10.27 -21.03
N LEU F 127 -2.83 -10.58 -20.51
CA LEU F 127 -2.29 -11.93 -20.68
C LEU F 127 -2.76 -12.85 -19.57
N GLY F 128 -2.99 -12.29 -18.40
CA GLY F 128 -3.48 -13.09 -17.30
C GLY F 128 -3.41 -12.30 -16.01
N GLU F 129 -3.82 -12.99 -14.95
CA GLU F 129 -3.89 -12.42 -13.60
C GLU F 129 -3.35 -13.44 -12.62
N PHE F 130 -2.75 -12.96 -11.53
CA PHE F 130 -2.35 -13.82 -10.41
C PHE F 130 -2.37 -13.04 -9.10
N PHE F 131 -2.48 -13.78 -8.00
CA PHE F 131 -2.36 -13.23 -6.65
C PHE F 131 -0.94 -13.42 -6.15
N ASN F 132 -0.36 -12.36 -5.66
CA ASN F 132 0.95 -12.42 -5.02
C ASN F 132 0.67 -12.46 -3.53
N ASN F 133 1.03 -13.57 -2.89
CA ASN F 133 0.70 -13.77 -1.48
C ASN F 133 1.79 -13.17 -0.63
N LEU F 134 2.85 -13.95 -0.37
CA LEU F 134 3.97 -13.50 0.44
C LEU F 134 5.20 -13.20 -0.39
N GLY F 135 5.15 -13.41 -1.69
CA GLY F 135 6.28 -13.23 -2.56
C GLY F 135 7.23 -14.39 -2.54
N GLU F 136 6.79 -15.55 -2.06
CA GLU F 136 7.65 -16.71 -1.96
C GLU F 136 7.28 -17.80 -2.96
N ASP F 137 6.34 -17.55 -3.86
CA ASP F 137 5.93 -18.58 -4.83
C ASP F 137 6.76 -18.59 -6.13
N GLY F 138 7.79 -17.76 -6.21
CA GLY F 138 8.70 -17.82 -7.35
C GLY F 138 8.33 -16.88 -8.49
N GLU F 139 8.87 -17.22 -9.66
CA GLU F 139 8.69 -16.37 -10.83
C GLU F 139 7.35 -16.66 -11.51
N VAL F 140 6.79 -15.61 -12.11
CA VAL F 140 5.64 -15.71 -13.00
C VAL F 140 6.09 -15.43 -14.43
N GLU F 141 5.72 -16.28 -15.37
CA GLU F 141 6.08 -16.14 -16.79
C GLU F 141 4.80 -15.82 -17.57
N MET F 142 4.92 -15.12 -18.68
CA MET F 142 3.74 -14.70 -19.47
C MET F 142 4.16 -14.56 -20.92
N ARG F 143 3.25 -14.76 -21.86
CA ARG F 143 3.59 -14.54 -23.27
C ARG F 143 2.38 -14.40 -24.17
N LEU F 144 2.55 -13.83 -25.34
CA LEU F 144 1.51 -13.85 -26.38
C LEU F 144 2.22 -14.54 -27.53
N MET F 145 1.69 -15.62 -28.07
CA MET F 145 2.38 -16.32 -29.14
C MET F 145 1.39 -16.74 -30.23
N GLU F 146 1.92 -16.89 -31.41
CA GLU F 146 1.22 -17.55 -32.52
C GLU F 146 2.26 -18.40 -33.27
N ILE F 147 2.21 -19.73 -33.05
CA ILE F 147 3.31 -20.58 -33.53
C ILE F 147 2.84 -21.61 -34.54
N ASN F 148 1.81 -21.26 -35.30
CA ASN F 148 1.34 -22.08 -36.40
C ASN F 148 2.31 -21.93 -37.57
N ASP F 149 3.08 -22.99 -37.84
CA ASP F 149 4.25 -22.92 -38.72
C ASP F 149 3.94 -22.39 -40.11
N LYS F 150 2.67 -22.42 -40.52
CA LYS F 150 2.28 -22.25 -41.90
C LYS F 150 1.60 -20.93 -42.20
N THR F 151 1.68 -19.96 -41.32
CA THR F 151 1.19 -18.62 -41.59
C THR F 151 2.31 -17.64 -41.26
N TRP F 152 2.35 -16.55 -42.01
CA TRP F 152 3.16 -15.40 -41.69
C TRP F 152 2.37 -14.41 -40.84
N LYS F 153 2.84 -14.14 -39.65
CA LYS F 153 2.23 -13.14 -38.79
C LYS F 153 2.95 -11.84 -39.12
N SER F 154 2.19 -10.73 -39.10
CA SER F 154 2.78 -9.45 -39.45
C SER F 154 1.98 -8.30 -38.86
N GLY F 155 2.66 -7.27 -38.39
CA GLY F 155 2.01 -5.98 -38.14
C GLY F 155 1.66 -5.67 -36.70
N ILE F 156 2.34 -6.29 -35.75
CA ILE F 156 2.23 -5.89 -34.35
C ILE F 156 3.48 -5.08 -34.01
N ILE F 157 3.26 -3.99 -33.29
CA ILE F 157 4.34 -3.17 -32.74
C ILE F 157 4.33 -3.37 -31.25
N VAL F 158 5.44 -3.88 -30.69
CA VAL F 158 5.51 -4.28 -29.29
C VAL F 158 6.19 -3.16 -28.51
N LYS F 159 5.50 -2.65 -27.49
CA LYS F 159 6.00 -1.60 -26.61
C LYS F 159 6.51 -2.22 -25.32
N GLY F 160 5.83 -3.22 -24.75
CA GLY F 160 6.24 -3.81 -23.50
C GLY F 160 5.11 -4.51 -22.78
N PHE F 161 5.42 -4.98 -21.56
CA PHE F 161 4.47 -5.63 -20.65
C PHE F 161 4.22 -4.68 -19.50
N ASP F 162 2.94 -4.44 -19.22
CA ASP F 162 2.48 -3.62 -18.10
C ASP F 162 2.03 -4.59 -17.01
N ILE F 163 2.70 -4.54 -15.87
CA ILE F 163 2.32 -5.36 -14.73
C ILE F 163 1.70 -4.45 -13.70
N ARG F 164 0.37 -4.52 -13.54
CA ARG F 164 -0.42 -3.59 -12.74
C ARG F 164 -1.22 -4.33 -11.66
N PRO F 165 -1.32 -3.75 -10.47
CA PRO F 165 -2.26 -4.30 -9.47
C PRO F 165 -3.71 -4.13 -9.89
N ASN F 166 -4.51 -5.16 -9.65
CA ASN F 166 -5.92 -5.10 -9.96
C ASN F 166 -6.72 -4.12 -9.08
N GLN G 3 -6.60 0.02 -3.46
CA GLN G 3 -7.20 -0.23 -4.79
C GLN G 3 -8.21 0.89 -5.07
N GLY G 4 -8.85 0.90 -6.23
CA GLY G 4 -9.77 1.99 -6.61
C GLY G 4 -11.12 1.96 -5.91
N GLN G 5 -11.82 3.10 -5.87
CA GLN G 5 -13.19 3.21 -5.31
C GLN G 5 -14.15 3.49 -6.46
N TRP G 6 -15.47 3.40 -6.29
CA TRP G 6 -16.46 3.48 -7.34
C TRP G 6 -17.65 4.27 -6.84
N ILE G 7 -18.13 5.22 -7.62
CA ILE G 7 -19.37 5.94 -7.32
C ILE G 7 -20.34 5.61 -8.45
N ALA G 8 -21.43 4.90 -8.12
CA ALA G 8 -22.43 4.53 -9.09
C ALA G 8 -23.24 5.74 -9.51
N ALA G 9 -23.83 5.65 -10.72
CA ALA G 9 -24.62 6.73 -11.29
C ALA G 9 -25.70 7.23 -10.34
N ARG G 10 -26.37 6.32 -9.61
CA ARG G 10 -27.41 6.71 -8.66
C ARG G 10 -26.90 7.61 -7.55
N ASP G 11 -25.60 7.54 -7.18
CA ASP G 11 -25.03 8.36 -6.12
C ASP G 11 -24.33 9.61 -6.62
N LEU G 12 -24.27 9.82 -7.93
CA LEU G 12 -23.77 11.07 -8.45
C LEU G 12 -24.86 12.13 -8.40
N SER G 13 -24.46 13.38 -8.50
CA SER G 13 -25.38 14.51 -8.64
C SER G 13 -25.49 14.84 -10.10
N ILE G 14 -26.53 14.31 -10.74
CA ILE G 14 -26.76 14.50 -12.17
C ILE G 14 -27.96 15.43 -12.33
N THR G 15 -27.74 16.58 -12.90
CA THR G 15 -28.77 17.62 -12.97
C THR G 15 -30.00 17.11 -13.69
N TRP G 16 -31.12 17.12 -12.95
CA TRP G 16 -32.46 16.81 -13.47
C TRP G 16 -32.56 15.36 -13.93
N VAL G 17 -31.77 14.49 -13.29
CA VAL G 17 -31.74 13.08 -13.64
C VAL G 17 -33.05 12.39 -13.27
N ASP G 18 -33.85 12.98 -12.38
CA ASP G 18 -35.18 12.47 -12.04
C ASP G 18 -36.28 12.96 -13.00
N ASN G 19 -35.95 13.66 -14.07
CA ASN G 19 -36.97 14.15 -14.99
C ASN G 19 -37.03 13.24 -16.20
N PRO G 20 -38.10 12.43 -16.35
CA PRO G 20 -38.11 11.43 -17.44
C PRO G 20 -38.13 12.01 -18.81
N GLN G 21 -38.39 13.29 -18.95
CA GLN G 21 -38.28 13.93 -20.25
C GLN G 21 -36.83 14.11 -20.66
N TYR G 22 -35.92 14.11 -19.70
CA TYR G 22 -34.51 14.36 -19.97
C TYR G 22 -33.64 13.13 -19.82
N TRP G 23 -33.91 12.29 -18.83
CA TRP G 23 -33.09 11.13 -18.53
C TRP G 23 -33.96 9.91 -18.36
N THR G 24 -33.42 8.74 -18.76
CA THR G 24 -34.10 7.47 -18.56
C THR G 24 -33.17 6.56 -17.77
N TRP G 25 -33.61 6.12 -16.60
CA TRP G 25 -32.86 5.10 -15.86
C TRP G 25 -33.17 3.72 -16.46
N LYS G 26 -32.12 2.94 -16.70
CA LYS G 26 -32.33 1.57 -17.15
C LYS G 26 -31.31 0.66 -16.48
N THR G 27 -31.67 -0.61 -16.46
CA THR G 27 -30.91 -1.67 -15.78
C THR G 27 -30.09 -2.47 -16.78
N VAL G 28 -28.89 -2.57 -16.63
CA VAL G 28 -28.00 -3.44 -17.38
C VAL G 28 -27.45 -4.52 -16.47
N ASP G 29 -27.20 -5.71 -17.02
CA ASP G 29 -26.79 -6.87 -16.24
C ASP G 29 -25.40 -6.66 -15.60
N PRO G 30 -25.20 -7.01 -14.31
CA PRO G 30 -26.16 -7.58 -13.37
C PRO G 30 -26.76 -6.54 -12.41
N ASN G 31 -28.01 -6.14 -12.64
CA ASN G 31 -28.75 -5.22 -11.75
C ASN G 31 -28.06 -3.87 -11.52
N ILE G 32 -27.34 -3.38 -12.52
CA ILE G 32 -26.66 -2.08 -12.50
C ILE G 32 -27.57 -1.05 -13.14
N GLU G 33 -27.88 0.06 -12.38
CA GLU G 33 -28.66 1.11 -13.01
C GLU G 33 -27.75 2.18 -13.63
N VAL G 34 -28.11 2.60 -14.83
CA VAL G 34 -27.38 3.64 -15.52
C VAL G 34 -28.39 4.67 -15.98
N ALA G 35 -27.91 5.87 -16.20
CA ALA G 35 -28.76 6.98 -16.60
C ALA G 35 -28.48 7.37 -18.05
N GLU G 36 -29.48 7.19 -18.92
CA GLU G 36 -29.34 7.53 -20.33
C GLU G 36 -29.93 8.91 -20.62
N LEU G 37 -29.16 9.77 -21.27
CA LEU G 37 -29.58 11.12 -21.59
C LEU G 37 -30.38 11.18 -22.89
N ARG G 38 -31.64 11.54 -22.76
CA ARG G 38 -32.49 11.79 -23.91
C ARG G 38 -32.26 13.20 -24.45
N ARG G 39 -32.30 14.21 -23.58
CA ARG G 39 -31.99 15.57 -23.98
C ARG G 39 -31.90 16.40 -22.73
N VAL G 40 -30.97 17.36 -22.71
CA VAL G 40 -30.89 18.31 -21.63
C VAL G 40 -30.07 19.49 -22.12
N ALA G 41 -30.42 20.68 -21.62
CA ALA G 41 -29.71 21.90 -21.96
C ALA G 41 -28.58 22.18 -21.00
N TRP G 42 -28.69 21.70 -19.76
CA TRP G 42 -27.71 21.91 -18.68
C TRP G 42 -27.25 20.51 -18.30
N LEU G 43 -26.14 20.08 -18.90
CA LEU G 43 -25.59 18.78 -18.59
C LEU G 43 -24.58 18.94 -17.48
N ASP G 44 -24.83 18.32 -16.34
CA ASP G 44 -23.87 18.40 -15.25
C ASP G 44 -23.88 17.07 -14.53
N ILE G 45 -22.73 16.38 -14.55
CA ILE G 45 -22.54 15.08 -13.94
C ILE G 45 -21.43 15.26 -12.91
N TYR G 46 -21.77 15.29 -11.63
CA TYR G 46 -20.90 15.76 -10.55
C TYR G 46 -20.77 14.69 -9.48
N GLY G 47 -19.60 14.67 -8.85
CA GLY G 47 -19.34 13.82 -7.71
C GLY G 47 -18.37 14.53 -6.79
N LYS G 48 -18.32 14.04 -5.56
CA LYS G 48 -17.43 14.57 -4.55
C LYS G 48 -17.00 13.42 -3.63
N ILE G 49 -15.74 13.46 -3.21
CA ILE G 49 -15.16 12.39 -2.40
C ILE G 49 -14.31 13.01 -1.29
N GLU G 50 -14.31 12.37 -0.14
CA GLU G 50 -13.47 12.80 0.98
C GLU G 50 -12.09 12.15 0.85
N THR G 51 -11.03 12.98 0.90
CA THR G 51 -9.69 12.40 0.79
C THR G 51 -9.27 11.64 2.04
N LYS G 52 -9.94 11.83 3.18
CA LYS G 52 -9.61 11.07 4.41
C LYS G 52 -9.88 9.58 4.21
N ASN G 53 -10.80 9.24 3.31
CA ASN G 53 -11.13 7.87 2.97
C ASN G 53 -10.20 7.23 1.95
N LEU G 54 -9.23 7.97 1.43
CA LEU G 54 -8.25 7.42 0.49
C LEU G 54 -6.94 7.04 1.20
N ILE G 55 -6.11 6.29 0.48
CA ILE G 55 -4.79 5.94 0.97
C ILE G 55 -3.85 7.14 0.84
N ARG G 56 -3.07 7.38 1.91
CA ARG G 56 -2.13 8.49 1.91
C ARG G 56 -1.01 8.34 0.89
N LYS G 57 -0.35 9.46 0.58
CA LYS G 57 0.89 9.51 -0.21
C LYS G 57 0.71 8.83 -1.56
N THR G 58 -0.44 9.05 -2.19
CA THR G 58 -0.86 8.36 -3.39
C THR G 58 -1.46 9.38 -4.37
N SER G 59 -1.10 9.24 -5.63
CA SER G 59 -1.69 10.02 -6.69
C SER G 59 -2.93 9.30 -7.18
N TYR G 60 -4.01 10.05 -7.39
CA TYR G 60 -5.28 9.45 -7.77
C TYR G 60 -5.77 10.10 -9.05
N ALA G 61 -6.51 9.35 -9.85
CA ALA G 61 -7.18 9.92 -11.01
C ALA G 61 -8.64 9.48 -10.97
N VAL G 62 -9.50 10.29 -11.55
CA VAL G 62 -10.94 10.12 -11.49
C VAL G 62 -11.43 10.13 -12.92
N TYR G 63 -12.30 9.18 -13.20
CA TYR G 63 -12.75 8.94 -14.56
C TYR G 63 -14.26 8.79 -14.54
N LEU G 64 -14.89 9.36 -15.55
CA LEU G 64 -16.29 9.12 -15.83
C LEU G 64 -16.38 7.96 -16.79
N VAL G 65 -17.17 6.94 -16.41
CA VAL G 65 -17.41 5.75 -17.20
C VAL G 65 -18.80 5.88 -17.81
N PHE G 66 -18.84 5.78 -19.12
CA PHE G 66 -20.02 6.09 -19.91
C PHE G 66 -20.00 5.35 -21.24
N LYS G 67 -21.18 5.32 -21.85
CA LYS G 67 -21.35 4.91 -23.23
C LYS G 67 -21.98 6.08 -24.01
N LEU G 68 -21.87 6.01 -25.31
CA LEU G 68 -22.56 6.94 -26.19
C LEU G 68 -23.59 6.19 -27.01
N THR G 69 -24.71 6.83 -27.32
CA THR G 69 -25.60 6.33 -28.35
C THR G 69 -24.91 6.41 -29.71
N ASP G 70 -25.52 5.77 -30.71
CA ASP G 70 -24.95 5.78 -32.06
C ASP G 70 -24.91 7.17 -32.66
N ASN G 71 -25.75 8.08 -32.18
CA ASN G 71 -25.76 9.47 -32.67
C ASN G 71 -25.98 10.41 -31.50
N PRO G 72 -24.93 10.70 -30.73
CA PRO G 72 -25.06 11.68 -29.68
C PRO G 72 -25.10 13.07 -30.30
N ARG G 73 -25.76 14.02 -29.65
CA ARG G 73 -25.85 15.38 -30.21
C ARG G 73 -25.21 16.39 -29.25
N GLU G 74 -24.46 17.37 -29.74
CA GLU G 74 -23.86 18.51 -29.02
C GLU G 74 -22.94 18.04 -27.89
N LEU G 75 -22.32 16.89 -28.09
CA LEU G 75 -21.33 16.40 -27.15
C LEU G 75 -19.96 16.16 -27.79
N GLU G 76 -19.62 16.88 -28.86
CA GLU G 76 -18.27 16.73 -29.40
C GLU G 76 -17.25 17.08 -28.33
N ARG G 77 -17.44 18.23 -27.69
CA ARG G 77 -16.60 18.75 -26.62
C ARG G 77 -17.47 18.88 -25.39
N ALA G 78 -16.83 18.79 -24.22
CA ALA G 78 -17.47 19.06 -22.95
C ALA G 78 -16.41 19.67 -22.03
N THR G 79 -16.81 20.02 -20.83
CA THR G 79 -15.87 20.57 -19.84
C THR G 79 -15.65 19.55 -18.72
N ALA G 80 -14.40 19.20 -18.48
CA ALA G 80 -14.02 18.41 -17.32
C ALA G 80 -13.48 19.33 -16.24
N SER G 81 -13.79 19.01 -14.98
CA SER G 81 -13.22 19.73 -13.83
C SER G 81 -12.87 18.73 -12.73
N LEU G 82 -11.77 19.00 -12.05
CA LEU G 82 -11.45 18.28 -10.84
C LEU G 82 -10.68 19.23 -9.94
N ARG G 83 -11.11 19.40 -8.71
CA ARG G 83 -10.37 20.33 -7.86
C ARG G 83 -10.64 20.04 -6.39
N PHE G 84 -9.73 20.47 -5.52
CA PHE G 84 -10.00 20.46 -4.09
C PHE G 84 -10.99 21.58 -3.80
N VAL G 85 -12.11 21.22 -3.16
CA VAL G 85 -13.16 22.17 -2.76
C VAL G 85 -12.54 23.42 -2.14
N ASN G 86 -11.59 23.21 -1.23
CA ASN G 86 -11.00 24.27 -0.42
C ASN G 86 -10.05 25.14 -1.22
N GLU G 87 -9.75 24.80 -2.47
CA GLU G 87 -8.87 25.62 -3.30
C GLU G 87 -9.61 26.52 -4.27
N VAL G 88 -10.94 26.59 -4.18
CA VAL G 88 -11.75 27.41 -5.08
C VAL G 88 -11.80 28.84 -4.56
N ALA G 89 -11.23 29.77 -5.29
CA ALA G 89 -11.23 31.15 -4.86
C ALA G 89 -12.66 31.69 -4.93
N GLU G 90 -12.99 32.52 -3.93
CA GLU G 90 -14.34 33.09 -3.84
C GLU G 90 -14.65 33.84 -5.15
N GLY G 91 -15.81 33.56 -5.71
CA GLY G 91 -16.21 34.19 -6.96
C GLY G 91 -15.54 33.62 -8.18
N ALA G 92 -14.64 32.67 -8.03
CA ALA G 92 -14.17 31.94 -9.19
C ALA G 92 -15.28 31.01 -9.65
N GLY G 93 -15.36 30.83 -10.97
N GLY G 93 -15.32 30.78 -10.97
CA GLY G 93 -16.33 29.92 -11.54
CA GLY G 93 -16.25 29.82 -11.55
C GLY G 93 -15.81 28.50 -11.59
C GLY G 93 -15.77 28.39 -11.41
N ILE G 94 -16.54 27.65 -12.30
N ILE G 94 -16.22 27.55 -12.34
CA ILE G 94 -16.08 26.29 -12.57
CA ILE G 94 -15.84 26.15 -12.33
C ILE G 94 -14.99 26.39 -13.63
C ILE G 94 -14.37 26.00 -12.68
N GLU G 95 -13.73 26.40 -13.19
N GLU G 95 -13.92 26.69 -13.73
CA GLU G 95 -12.59 26.63 -14.07
CA GLU G 95 -12.51 26.68 -14.16
C GLU G 95 -12.05 25.27 -14.52
C GLU G 95 -12.05 25.27 -14.52
N GLY G 96 -12.74 24.68 -15.49
CA GLY G 96 -12.42 23.36 -16.00
C GLY G 96 -11.60 23.41 -17.27
N THR G 97 -11.52 22.26 -17.94
CA THR G 97 -10.77 22.13 -19.18
C THR G 97 -11.64 21.47 -20.24
N THR G 98 -11.37 21.80 -21.51
CA THR G 98 -12.12 21.25 -22.62
C THR G 98 -11.55 19.86 -22.94
N VAL G 99 -12.44 18.87 -22.97
CA VAL G 99 -12.13 17.52 -23.34
C VAL G 99 -13.09 17.13 -24.45
N PHE G 100 -12.77 16.03 -25.12
CA PHE G 100 -13.62 15.46 -26.14
C PHE G 100 -14.44 14.33 -25.55
N ILE G 101 -15.66 14.16 -26.09
CA ILE G 101 -16.56 13.11 -25.63
C ILE G 101 -17.03 12.28 -26.82
N SER G 102 -17.76 12.91 -27.75
CA SER G 102 -18.28 12.19 -28.91
C SER G 102 -17.38 12.26 -30.13
N LYS G 103 -16.41 13.16 -30.17
CA LYS G 103 -15.55 13.27 -31.33
C LYS G 103 -14.53 12.15 -31.33
N LYS G 104 -14.40 11.46 -32.47
CA LYS G 104 -13.45 10.37 -32.60
C LYS G 104 -12.13 10.91 -33.11
N LYS G 105 -11.04 10.59 -32.40
CA LYS G 105 -9.71 10.93 -32.86
C LYS G 105 -9.37 10.07 -34.07
N LYS G 106 -9.39 10.67 -35.25
CA LYS G 106 -9.13 9.90 -36.50
C LYS G 106 -7.80 10.30 -37.14
N LEU G 107 -7.07 11.24 -36.58
CA LEU G 107 -5.76 11.65 -37.12
C LEU G 107 -4.72 11.38 -36.03
N PRO G 108 -3.59 10.72 -36.32
CA PRO G 108 -2.67 10.29 -35.28
C PRO G 108 -2.03 11.38 -34.43
N GLY G 109 -1.90 12.61 -34.92
CA GLY G 109 -1.29 13.71 -34.16
C GLY G 109 -2.31 14.65 -33.51
N GLU G 110 -3.60 14.33 -33.58
CA GLU G 110 -4.69 15.17 -33.04
C GLU G 110 -4.50 15.31 -31.53
N LEU G 111 -4.37 16.52 -31.00
CA LEU G 111 -4.16 16.76 -29.59
C LEU G 111 -5.48 16.84 -28.83
N GLY G 112 -5.39 16.69 -27.53
CA GLY G 112 -6.56 16.75 -26.64
C GLY G 112 -6.78 15.46 -25.85
N ARG G 113 -7.61 15.56 -24.82
CA ARG G 113 -7.98 14.37 -24.04
C ARG G 113 -9.22 13.74 -24.67
N PHE G 114 -9.11 12.50 -25.12
CA PHE G 114 -10.24 11.79 -25.72
C PHE G 114 -10.67 10.65 -24.80
N PRO G 115 -11.91 10.16 -24.94
CA PRO G 115 -12.35 9.01 -24.19
C PRO G 115 -11.68 7.76 -24.81
N HIS G 116 -11.70 6.64 -24.10
CA HIS G 116 -11.15 5.37 -24.66
C HIS G 116 -11.97 4.20 -24.13
N LEU G 117 -12.11 3.16 -24.94
CA LEU G 117 -12.80 1.97 -24.47
C LEU G 117 -12.00 1.29 -23.36
N ARG G 118 -12.74 0.73 -22.42
CA ARG G 118 -12.22 -0.11 -21.36
C ARG G 118 -12.39 -1.58 -21.72
N SER G 119 -11.80 -2.47 -20.91
CA SER G 119 -11.97 -3.91 -21.06
C SER G 119 -13.43 -4.36 -20.96
N ASP G 120 -14.22 -3.67 -20.17
CA ASP G 120 -15.61 -4.03 -19.92
C ASP G 120 -16.57 -3.48 -20.98
N GLY G 121 -16.07 -2.87 -22.04
CA GLY G 121 -16.89 -2.40 -23.15
C GLY G 121 -17.37 -0.97 -23.01
N TRP G 122 -17.14 -0.33 -21.88
CA TRP G 122 -17.59 1.04 -21.62
C TRP G 122 -16.46 2.00 -21.96
N LEU G 123 -16.81 3.24 -22.30
CA LEU G 123 -15.82 4.29 -22.42
C LEU G 123 -15.49 4.89 -21.07
N GLU G 124 -14.34 5.58 -21.04
CA GLU G 124 -14.02 6.39 -19.88
C GLU G 124 -13.30 7.64 -20.38
N ILE G 125 -13.44 8.74 -19.64
CA ILE G 125 -12.71 9.97 -19.85
C ILE G 125 -12.18 10.38 -18.49
N LYS G 126 -10.90 10.70 -18.45
CA LYS G 126 -10.27 11.19 -17.24
C LYS G 126 -10.77 12.59 -16.96
N LEU G 127 -11.33 12.80 -15.77
CA LEU G 127 -11.81 14.12 -15.38
C LEU G 127 -10.68 14.95 -14.79
N GLY G 128 -9.68 14.29 -14.21
CA GLY G 128 -8.55 14.98 -13.60
C GLY G 128 -7.77 14.04 -12.72
N GLU G 129 -6.77 14.61 -12.07
CA GLU G 129 -5.80 13.90 -11.25
C GLU G 129 -5.49 14.75 -10.04
N PHE G 130 -5.13 14.10 -8.92
CA PHE G 130 -4.73 14.80 -7.72
C PHE G 130 -3.87 13.90 -6.83
N PHE G 131 -3.05 14.50 -6.00
CA PHE G 131 -2.23 13.77 -5.06
C PHE G 131 -2.85 13.84 -3.67
N ASN G 132 -3.11 12.71 -3.08
CA ASN G 132 -3.54 12.66 -1.70
C ASN G 132 -2.31 12.51 -0.82
N ASN G 133 -2.02 13.52 -0.02
CA ASN G 133 -0.85 13.58 0.83
C ASN G 133 -1.13 12.84 2.14
N LEU G 134 -1.70 13.54 3.12
CA LEU G 134 -2.03 12.95 4.40
C LEU G 134 -3.52 12.78 4.62
N GLY G 135 -4.33 13.04 3.60
CA GLY G 135 -5.76 12.96 3.75
C GLY G 135 -6.38 14.11 4.48
N GLU G 136 -5.69 15.23 4.60
CA GLU G 136 -6.16 16.35 5.40
C GLU G 136 -6.55 17.55 4.58
N ASP G 137 -6.47 17.49 3.26
CA ASP G 137 -6.75 18.66 2.43
C ASP G 137 -8.23 18.78 2.05
N GLY G 138 -9.08 17.91 2.62
CA GLY G 138 -10.51 18.00 2.46
C GLY G 138 -11.04 17.23 1.27
N GLU G 139 -12.19 17.70 0.78
CA GLU G 139 -12.91 16.97 -0.26
C GLU G 139 -12.41 17.40 -1.64
N VAL G 140 -12.50 16.47 -2.59
CA VAL G 140 -12.22 16.71 -4.01
C VAL G 140 -13.54 16.61 -4.75
N GLU G 141 -13.86 17.61 -5.54
CA GLU G 141 -15.03 17.52 -6.38
C GLU G 141 -14.63 17.38 -7.84
N MET G 142 -15.48 16.80 -8.65
CA MET G 142 -15.19 16.58 -10.07
C MET G 142 -16.49 16.54 -10.86
N ARG G 143 -16.39 16.80 -12.16
CA ARG G 143 -17.60 16.70 -12.98
C ARG G 143 -17.36 16.78 -14.48
N LEU G 144 -18.28 16.23 -15.27
CA LEU G 144 -18.33 16.50 -16.70
C LEU G 144 -19.57 17.34 -16.97
N MET G 145 -19.39 18.46 -17.67
CA MET G 145 -20.52 19.36 -17.85
C MET G 145 -20.49 19.99 -19.23
N GLU G 146 -21.67 20.31 -19.73
CA GLU G 146 -21.86 21.11 -20.95
C GLU G 146 -23.04 22.02 -20.64
N ILE G 147 -22.75 23.23 -20.19
CA ILE G 147 -23.79 24.11 -19.65
C ILE G 147 -24.08 25.26 -20.59
N ASN G 148 -23.90 25.03 -21.89
CA ASN G 148 -24.36 25.97 -22.91
C ASN G 148 -25.88 25.80 -23.02
N ASP G 149 -26.62 26.69 -22.33
CA ASP G 149 -28.08 26.59 -22.29
C ASP G 149 -28.74 26.53 -23.67
N LYS G 150 -28.06 27.01 -24.69
CA LYS G 150 -28.74 27.22 -25.98
C LYS G 150 -28.81 25.95 -26.79
N THR G 151 -28.12 24.91 -26.35
CA THR G 151 -28.06 23.67 -27.10
C THR G 151 -28.61 22.54 -26.26
N TRP G 152 -29.26 21.59 -26.94
CA TRP G 152 -29.69 20.32 -26.37
C TRP G 152 -28.56 19.31 -26.50
N LYS G 153 -28.13 18.73 -25.37
CA LYS G 153 -27.18 17.62 -25.37
C LYS G 153 -27.98 16.32 -25.30
N SER G 154 -27.46 15.30 -25.96
CA SER G 154 -28.13 14.01 -26.03
C SER G 154 -27.13 12.88 -26.22
N GLY G 155 -27.45 11.73 -25.62
CA GLY G 155 -26.86 10.48 -26.03
C GLY G 155 -25.70 9.96 -25.24
N ILE G 156 -25.46 10.48 -24.05
CA ILE G 156 -24.51 9.88 -23.12
C ILE G 156 -25.25 8.97 -22.13
N ILE G 157 -24.65 7.83 -21.82
CA ILE G 157 -25.18 6.87 -20.87
C ILE G 157 -24.16 6.78 -19.75
N VAL G 158 -24.54 7.27 -18.55
CA VAL G 158 -23.64 7.43 -17.41
C VAL G 158 -23.70 6.18 -16.57
N LYS G 159 -22.55 5.57 -16.29
CA LYS G 159 -22.42 4.45 -15.37
C LYS G 159 -21.93 4.85 -13.99
N GLY G 160 -20.97 5.76 -13.91
CA GLY G 160 -20.39 6.10 -12.63
C GLY G 160 -19.03 6.73 -12.79
N PHE G 161 -18.41 7.02 -11.65
CA PHE G 161 -17.09 7.61 -11.54
C PHE G 161 -16.17 6.52 -11.01
N ASP G 162 -15.06 6.30 -11.69
CA ASP G 162 -14.03 5.40 -11.23
C ASP G 162 -12.87 6.22 -10.68
N ILE G 163 -12.50 5.96 -9.45
CA ILE G 163 -11.46 6.67 -8.73
C ILE G 163 -10.31 5.70 -8.49
N ARG G 164 -9.23 5.80 -9.26
CA ARG G 164 -8.20 4.79 -9.28
C ARG G 164 -6.83 5.38 -8.96
N PRO G 165 -6.02 4.70 -8.15
CA PRO G 165 -4.63 5.16 -7.97
C PRO G 165 -3.90 5.10 -9.29
N ASN G 166 -3.07 6.10 -9.54
CA ASN G 166 -2.11 6.09 -10.64
C ASN G 166 -0.92 5.17 -10.36
N GLY H 2 15.79 14.72 -13.65
CA GLY H 2 16.18 14.21 -12.34
C GLY H 2 14.97 14.15 -11.40
N GLN H 3 15.21 14.44 -10.12
CA GLN H 3 14.17 14.36 -9.10
C GLN H 3 13.49 15.72 -9.03
N GLY H 4 12.68 15.98 -10.03
CA GLY H 4 12.18 17.33 -10.25
C GLY H 4 13.09 18.10 -11.17
N GLN H 5 12.82 19.42 -11.23
CA GLN H 5 13.61 20.29 -12.12
C GLN H 5 13.44 21.74 -11.68
N TRP H 6 14.49 22.53 -11.89
CA TRP H 6 14.49 23.94 -11.58
C TRP H 6 14.65 24.72 -12.87
N ILE H 7 13.79 25.70 -13.10
CA ILE H 7 13.92 26.59 -14.25
C ILE H 7 14.24 27.98 -13.75
N ALA H 8 15.48 28.42 -13.95
CA ALA H 8 15.89 29.77 -13.54
C ALA H 8 15.08 30.82 -14.30
N ALA H 9 14.91 31.99 -13.66
CA ALA H 9 14.11 33.05 -14.26
C ALA H 9 14.55 33.36 -15.68
N ARG H 10 15.88 33.42 -15.92
CA ARG H 10 16.40 33.72 -17.25
C ARG H 10 15.95 32.70 -18.28
N ASP H 11 15.67 31.47 -17.87
CA ASP H 11 15.21 30.44 -18.80
C ASP H 11 13.68 30.38 -18.92
N LEU H 12 12.96 31.16 -18.12
CA LEU H 12 11.53 31.25 -18.33
C LEU H 12 11.23 32.22 -19.47
N SER H 13 10.07 32.03 -20.09
CA SER H 13 9.56 32.96 -21.11
C SER H 13 8.64 33.93 -20.37
N ILE H 14 9.15 35.15 -20.16
CA ILE H 14 8.42 36.22 -19.50
C ILE H 14 8.22 37.33 -20.51
N THR H 15 6.97 37.73 -20.72
CA THR H 15 6.67 38.75 -21.71
C THR H 15 7.17 40.13 -21.26
N TRP H 16 7.84 40.83 -22.17
CA TRP H 16 8.39 42.17 -21.99
C TRP H 16 9.58 42.19 -21.06
N VAL H 17 10.12 41.02 -20.70
CA VAL H 17 11.13 40.92 -19.66
C VAL H 17 12.45 41.55 -20.06
N ASP H 18 12.72 41.59 -21.35
CA ASP H 18 13.91 42.24 -21.88
C ASP H 18 13.75 43.74 -22.10
N ASN H 19 12.59 44.31 -21.70
CA ASN H 19 12.35 45.73 -21.85
C ASN H 19 12.49 46.43 -20.53
N PRO H 20 13.55 47.23 -20.31
CA PRO H 20 13.79 47.80 -18.97
C PRO H 20 12.72 48.73 -18.46
N GLN H 21 11.79 49.16 -19.30
CA GLN H 21 10.71 50.02 -18.81
C GLN H 21 9.67 49.25 -18.01
N TYR H 22 9.60 47.92 -18.21
CA TYR H 22 8.61 47.09 -17.53
C TYR H 22 9.22 46.09 -16.57
N TRP H 23 10.39 45.55 -16.86
CA TRP H 23 11.05 44.60 -15.99
C TRP H 23 12.51 45.01 -15.80
N THR H 24 13.01 44.82 -14.59
CA THR H 24 14.40 45.11 -14.24
C THR H 24 15.07 43.82 -13.76
N TRP H 25 16.04 43.34 -14.52
CA TRP H 25 16.83 42.19 -14.07
C TRP H 25 17.80 42.63 -12.98
N LYS H 26 17.86 41.83 -11.91
CA LYS H 26 18.73 42.09 -10.76
C LYS H 26 19.48 40.80 -10.45
N THR H 27 20.53 40.95 -9.65
CA THR H 27 21.36 39.84 -9.20
C THR H 27 21.31 39.83 -7.68
N VAL H 28 20.98 38.67 -7.00
CA VAL H 28 20.72 38.51 -5.55
C VAL H 28 21.43 37.26 -5.02
N ASP H 29 21.58 37.14 -3.71
CA ASP H 29 22.23 35.98 -3.08
C ASP H 29 21.47 34.67 -3.39
N PRO H 30 22.14 33.56 -3.76
CA PRO H 30 23.59 33.38 -3.91
C PRO H 30 24.07 33.56 -5.36
N ASN H 31 24.24 34.81 -5.79
CA ASN H 31 24.61 35.20 -7.16
C ASN H 31 23.73 34.57 -8.24
N ILE H 32 22.42 34.82 -8.15
CA ILE H 32 21.41 34.41 -9.11
C ILE H 32 20.69 35.62 -9.67
N GLU H 33 20.15 35.51 -10.91
CA GLU H 33 19.46 36.61 -11.58
C GLU H 33 17.96 36.41 -11.43
N VAL H 34 17.26 37.49 -11.07
CA VAL H 34 15.81 37.50 -10.92
C VAL H 34 15.29 38.68 -11.70
N ALA H 35 13.97 38.67 -11.95
CA ALA H 35 13.32 39.71 -12.75
C ALA H 35 12.28 40.41 -11.88
N GLU H 36 12.50 41.69 -11.58
CA GLU H 36 11.56 42.50 -10.82
C GLU H 36 10.63 43.22 -11.78
N LEU H 37 9.32 43.09 -11.53
CA LEU H 37 8.31 43.70 -12.38
C LEU H 37 8.09 45.15 -11.96
N ARG H 38 8.51 46.08 -12.82
CA ARG H 38 8.21 47.49 -12.58
C ARG H 38 6.73 47.79 -12.79
N ARG H 39 6.23 47.48 -13.98
CA ARG H 39 4.83 47.66 -14.32
C ARG H 39 4.61 46.97 -15.66
N VAL H 40 3.49 46.27 -15.77
CA VAL H 40 3.13 45.63 -17.03
C VAL H 40 1.63 45.40 -17.00
N ALA H 41 1.03 45.35 -18.20
CA ALA H 41 -0.41 45.11 -18.33
C ALA H 41 -0.74 43.71 -18.82
N TRP H 42 0.13 43.15 -19.65
CA TRP H 42 0.08 41.75 -20.07
C TRP H 42 1.15 40.98 -19.29
N LEU H 43 0.74 40.42 -18.14
CA LEU H 43 1.67 39.63 -17.34
C LEU H 43 1.54 38.16 -17.70
N ASP H 44 2.62 37.54 -18.19
CA ASP H 44 2.61 36.12 -18.51
C ASP H 44 3.99 35.54 -18.19
N ILE H 45 4.04 34.70 -17.17
CA ILE H 45 5.26 34.03 -16.72
C ILE H 45 5.11 32.54 -17.01
N TYR H 46 5.84 32.07 -18.02
CA TYR H 46 5.58 30.80 -18.68
C TYR H 46 6.83 29.91 -18.66
N GLY H 47 6.60 28.63 -18.50
CA GLY H 47 7.68 27.66 -18.48
C GLY H 47 7.13 26.35 -18.99
N LYS H 48 8.03 25.57 -19.58
CA LYS H 48 7.72 24.28 -20.16
C LYS H 48 8.89 23.33 -19.85
N ILE H 49 8.54 22.05 -19.61
CA ILE H 49 9.55 21.03 -19.36
C ILE H 49 9.21 19.76 -20.13
N GLU H 50 10.20 18.93 -20.35
CA GLU H 50 10.00 17.56 -20.78
C GLU H 50 9.84 16.70 -19.54
N THR H 51 8.99 15.70 -19.61
CA THR H 51 8.82 14.77 -18.50
C THR H 51 9.69 13.51 -18.64
N LYS H 52 10.37 13.36 -19.78
CA LYS H 52 11.15 12.15 -20.01
C LYS H 52 12.37 12.05 -19.11
N ASN H 53 12.91 13.18 -18.65
CA ASN H 53 14.04 13.13 -17.73
C ASN H 53 13.65 12.95 -16.26
N LEU H 54 12.36 13.07 -15.93
CA LEU H 54 11.95 13.01 -14.52
C LEU H 54 11.82 11.57 -14.01
N ILE H 55 12.11 11.39 -12.72
CA ILE H 55 11.85 10.10 -12.08
C ILE H 55 10.43 9.64 -12.34
N ARG H 56 10.27 8.34 -12.56
CA ARG H 56 9.03 7.76 -13.03
C ARG H 56 8.12 7.40 -11.89
N LYS H 57 6.83 7.22 -12.24
CA LYS H 57 5.79 6.79 -11.28
C LYS H 57 5.65 7.74 -10.07
N THR H 58 5.78 9.04 -10.34
CA THR H 58 5.86 10.05 -9.31
C THR H 58 4.94 11.22 -9.62
N SER H 59 4.27 11.74 -8.57
CA SER H 59 3.48 12.96 -8.69
C SER H 59 4.34 14.19 -8.47
N TYR H 60 4.22 15.17 -9.36
CA TYR H 60 5.02 16.39 -9.27
C TYR H 60 4.10 17.57 -9.07
N ALA H 61 4.48 18.48 -8.19
CA ALA H 61 3.89 19.81 -8.12
C ALA H 61 4.84 20.84 -8.75
N VAL H 62 4.26 21.90 -9.29
CA VAL H 62 5.05 22.95 -9.91
C VAL H 62 4.74 24.27 -9.23
N TYR H 63 5.79 24.96 -8.78
CA TYR H 63 5.64 26.22 -8.07
C TYR H 63 6.36 27.36 -8.79
N LEU H 64 5.73 28.55 -8.77
CA LEU H 64 6.41 29.77 -9.12
C LEU H 64 7.04 30.28 -7.83
N VAL H 65 8.36 30.48 -7.84
CA VAL H 65 9.08 30.99 -6.66
C VAL H 65 9.27 32.48 -6.87
N PHE H 66 8.82 33.30 -5.93
CA PHE H 66 8.81 34.74 -6.15
C PHE H 66 8.87 35.47 -4.81
N LYS H 67 9.08 36.78 -4.91
CA LYS H 67 8.89 37.68 -3.78
C LYS H 67 8.03 38.85 -4.24
N LEU H 68 7.57 39.63 -3.28
CA LEU H 68 6.78 40.85 -3.60
C LEU H 68 7.49 42.08 -3.04
N THR H 69 7.37 43.21 -3.72
CA THR H 69 7.87 44.51 -3.25
C THR H 69 6.90 44.93 -2.15
N ASP H 70 7.21 45.96 -1.40
CA ASP H 70 6.32 46.48 -0.32
C ASP H 70 5.04 47.04 -0.95
N ASN H 71 5.10 47.56 -2.18
CA ASN H 71 3.93 48.19 -2.88
C ASN H 71 3.55 47.38 -4.12
N PRO H 72 3.03 46.14 -3.99
CA PRO H 72 2.53 45.41 -5.16
C PRO H 72 1.18 45.96 -5.62
N ARG H 73 0.94 45.91 -6.92
CA ARG H 73 -0.28 46.51 -7.48
C ARG H 73 -0.99 45.54 -8.42
N GLU H 74 -2.32 45.47 -8.26
CA GLU H 74 -3.20 44.68 -9.11
C GLU H 74 -2.77 43.22 -9.20
N LEU H 75 -2.21 42.69 -8.11
CA LEU H 75 -1.79 41.30 -8.09
C LEU H 75 -2.47 40.53 -6.96
N GLU H 76 -3.64 40.98 -6.52
CA GLU H 76 -4.36 40.23 -5.49
C GLU H 76 -4.72 38.84 -6.00
N ARG H 77 -5.14 38.73 -7.24
CA ARG H 77 -5.51 37.46 -7.85
C ARG H 77 -4.76 37.32 -9.15
N ALA H 78 -4.51 36.07 -9.55
CA ALA H 78 -3.93 35.81 -10.85
C ALA H 78 -4.41 34.46 -11.34
N THR H 79 -4.07 34.15 -12.60
CA THR H 79 -4.47 32.91 -13.23
C THR H 79 -3.26 31.97 -13.33
N ALA H 80 -3.40 30.79 -12.78
CA ALA H 80 -2.37 29.77 -12.84
C ALA H 80 -2.83 28.74 -13.84
N SER H 81 -1.89 28.19 -14.59
CA SER H 81 -2.17 27.16 -15.56
C SER H 81 -1.09 26.09 -15.51
N LEU H 82 -1.49 24.85 -15.76
CA LEU H 82 -0.56 23.74 -15.89
C LEU H 82 -1.30 22.65 -16.65
N ARG H 83 -0.68 22.14 -17.70
CA ARG H 83 -1.33 21.09 -18.47
C ARG H 83 -0.30 20.42 -19.35
N PHE H 84 -0.56 19.16 -19.67
CA PHE H 84 0.19 18.49 -20.72
C PHE H 84 -0.13 19.16 -22.06
N VAL H 85 0.92 19.61 -22.75
CA VAL H 85 0.82 20.17 -24.09
C VAL H 85 -0.04 19.30 -24.98
N ASN H 86 0.13 17.98 -24.92
CA ASN H 86 -0.67 17.10 -25.78
C ASN H 86 -2.14 16.97 -25.36
N GLU H 87 -2.57 17.54 -24.25
CA GLU H 87 -3.96 17.43 -23.87
C GLU H 87 -4.73 18.72 -24.13
N VAL H 88 -4.16 19.70 -24.83
CA VAL H 88 -4.87 20.92 -25.20
C VAL H 88 -5.73 20.64 -26.42
N ALA H 89 -7.04 20.75 -26.28
CA ALA H 89 -7.90 20.55 -27.45
C ALA H 89 -7.72 21.70 -28.44
N GLU H 90 -7.71 21.37 -29.75
CA GLU H 90 -7.51 22.38 -30.78
C GLU H 90 -8.52 23.51 -30.61
N GLY H 91 -8.01 24.73 -30.50
CA GLY H 91 -8.84 25.89 -30.38
C GLY H 91 -9.22 26.23 -28.98
N ALA H 92 -8.98 25.36 -28.01
CA ALA H 92 -9.15 25.73 -26.62
C ALA H 92 -8.15 26.81 -26.23
N GLY H 93 -8.48 27.52 -25.16
N GLY H 93 -8.46 27.58 -25.30
CA GLY H 93 -7.55 28.54 -24.63
CA GLY H 93 -7.57 28.59 -24.76
C GLY H 93 -6.79 28.03 -23.42
C GLY H 93 -6.82 28.08 -23.56
N ILE H 94 -6.26 28.94 -22.59
N ILE H 94 -6.08 28.98 -22.91
CA ILE H 94 -5.42 28.54 -21.43
CA ILE H 94 -5.49 28.71 -21.61
C ILE H 94 -6.20 27.68 -20.43
C ILE H 94 -6.65 28.60 -20.64
N GLU H 95 -7.43 28.04 -20.10
N GLU H 95 -6.87 27.42 -20.10
CA GLU H 95 -8.26 27.24 -19.15
CA GLU H 95 -8.00 27.14 -19.22
C GLU H 95 -7.49 27.08 -17.84
C GLU H 95 -7.44 27.00 -17.82
N GLY H 96 -7.15 28.19 -17.20
CA GLY H 96 -6.44 28.22 -15.94
C GLY H 96 -7.38 28.19 -14.76
N THR H 97 -6.80 28.43 -13.57
CA THR H 97 -7.54 28.53 -12.32
C THR H 97 -7.05 29.77 -11.56
N THR H 98 -7.95 30.37 -10.81
CA THR H 98 -7.64 31.58 -10.05
C THR H 98 -6.89 31.22 -8.78
N VAL H 99 -5.74 31.85 -8.57
CA VAL H 99 -4.98 31.71 -7.34
C VAL H 99 -4.76 33.13 -6.79
N PHE H 100 -4.56 33.23 -5.48
CA PHE H 100 -4.16 34.48 -4.84
C PHE H 100 -2.64 34.63 -4.84
N ILE H 101 -2.20 35.87 -4.98
CA ILE H 101 -0.79 36.22 -5.00
C ILE H 101 -0.53 37.24 -3.91
N SER H 102 -1.05 38.47 -4.10
CA SER H 102 -0.76 39.58 -3.21
C SER H 102 -1.72 39.65 -2.03
N LYS H 103 -2.92 39.10 -2.16
CA LYS H 103 -3.93 39.17 -1.12
C LYS H 103 -3.61 38.25 0.05
N LYS H 104 -3.71 38.80 1.27
CA LYS H 104 -3.51 38.01 2.48
C LYS H 104 -4.75 37.18 2.78
N LYS H 105 -4.55 35.99 3.29
CA LYS H 105 -5.66 35.18 3.75
C LYS H 105 -6.24 35.80 5.02
N LYS H 106 -7.51 36.21 4.98
CA LYS H 106 -8.06 36.90 6.14
C LYS H 106 -8.67 35.98 7.18
N LEU H 107 -9.40 34.93 6.78
CA LEU H 107 -10.00 33.98 7.72
C LEU H 107 -9.38 32.61 7.60
N PRO H 108 -9.47 31.78 8.66
CA PRO H 108 -8.97 30.40 8.53
C PRO H 108 -9.71 29.58 7.50
N GLY H 109 -11.02 29.79 7.38
CA GLY H 109 -11.82 29.10 6.40
C GLY H 109 -11.85 29.74 5.03
N GLU H 110 -11.05 30.77 4.78
CA GLU H 110 -11.03 31.38 3.46
C GLU H 110 -10.47 30.39 2.44
N LEU H 111 -11.25 30.09 1.42
CA LEU H 111 -10.88 29.10 0.44
C LEU H 111 -9.93 29.69 -0.60
N GLY H 112 -9.19 28.81 -1.25
CA GLY H 112 -8.31 29.24 -2.30
C GLY H 112 -6.86 28.89 -2.08
N ARG H 113 -6.09 28.89 -3.17
CA ARG H 113 -4.66 28.65 -3.10
C ARG H 113 -3.97 29.96 -2.78
N PHE H 114 -3.19 29.97 -1.71
CA PHE H 114 -2.40 31.13 -1.30
C PHE H 114 -0.92 30.81 -1.36
N PRO H 115 -0.06 31.81 -1.38
CA PRO H 115 1.38 31.55 -1.37
C PRO H 115 1.87 31.00 -0.04
N HIS H 116 3.00 30.30 -0.09
CA HIS H 116 3.66 29.73 1.07
C HIS H 116 5.09 30.26 1.18
N LEU H 117 5.48 30.62 2.40
CA LEU H 117 6.84 31.06 2.68
C LEU H 117 7.76 29.85 2.74
N ARG H 118 8.74 29.80 1.86
CA ARG H 118 9.70 28.67 1.84
C ARG H 118 10.78 28.90 2.89
N SER H 119 11.54 27.85 3.21
CA SER H 119 12.68 27.96 4.18
C SER H 119 13.71 28.95 3.64
N ASP H 120 13.84 29.06 2.32
CA ASP H 120 14.84 29.96 1.71
C ASP H 120 14.36 31.41 1.69
N GLY H 121 13.20 31.71 2.29
CA GLY H 121 12.77 33.07 2.37
C GLY H 121 11.99 33.58 1.18
N TRP H 122 11.96 32.83 0.09
CA TRP H 122 11.10 33.18 -1.02
C TRP H 122 9.68 32.66 -0.79
N LEU H 123 8.73 33.27 -1.48
CA LEU H 123 7.37 32.78 -1.54
C LEU H 123 7.24 31.78 -2.69
N GLU H 124 6.19 30.96 -2.66
CA GLU H 124 5.89 30.07 -3.75
C GLU H 124 4.39 29.94 -3.91
N ILE H 125 3.92 29.87 -5.14
CA ILE H 125 2.53 29.64 -5.43
C ILE H 125 2.48 28.40 -6.30
N LYS H 126 1.61 27.46 -5.93
CA LYS H 126 1.45 26.23 -6.69
C LYS H 126 0.64 26.50 -7.95
N LEU H 127 1.22 26.17 -9.11
CA LEU H 127 0.57 26.34 -10.39
C LEU H 127 -0.26 25.12 -10.75
N GLY H 128 0.20 23.94 -10.35
CA GLY H 128 -0.52 22.73 -10.69
C GLY H 128 0.29 21.54 -10.21
N GLU H 129 -0.26 20.36 -10.58
CA GLU H 129 0.21 19.04 -10.21
C GLU H 129 0.02 18.12 -11.39
N PHE H 130 0.92 17.15 -11.57
CA PHE H 130 0.81 16.18 -12.64
C PHE H 130 1.49 14.88 -12.23
N PHE H 131 0.95 13.76 -12.68
CA PHE H 131 1.57 12.46 -12.47
C PHE H 131 2.43 12.14 -13.67
N ASN H 132 3.67 11.72 -13.42
CA ASN H 132 4.59 11.18 -14.43
C ASN H 132 4.60 9.66 -14.30
N ASN H 133 3.99 9.01 -15.27
CA ASN H 133 3.98 7.56 -15.32
C ASN H 133 5.34 7.03 -15.77
N LEU H 134 5.58 7.01 -17.08
CA LEU H 134 6.84 6.52 -17.64
C LEU H 134 7.59 7.59 -18.42
N GLY H 135 7.22 8.84 -18.27
CA GLY H 135 7.92 9.86 -19.00
C GLY H 135 7.59 9.85 -20.46
N GLU H 136 6.45 9.28 -20.82
CA GLU H 136 6.06 9.08 -22.21
C GLU H 136 4.92 9.99 -22.64
N ASP H 137 4.43 10.87 -21.76
CA ASP H 137 3.26 11.70 -22.07
C ASP H 137 3.64 13.10 -22.53
N GLY H 138 4.91 13.36 -22.81
CA GLY H 138 5.29 14.61 -23.49
C GLY H 138 5.58 15.71 -22.50
N GLU H 139 5.50 16.93 -23.01
CA GLU H 139 5.88 18.10 -22.23
C GLU H 139 4.72 18.61 -21.39
N VAL H 140 5.08 19.30 -20.31
CA VAL H 140 4.15 19.99 -19.43
C VAL H 140 4.46 21.48 -19.47
N GLU H 141 3.44 22.28 -19.64
CA GLU H 141 3.60 23.72 -19.67
C GLU H 141 2.83 24.28 -18.49
N MET H 142 3.35 25.39 -17.94
N MET H 142 3.34 25.39 -17.95
CA MET H 142 2.72 26.01 -16.76
CA MET H 142 2.70 26.03 -16.78
C MET H 142 2.87 27.52 -16.92
C MET H 142 2.95 27.53 -16.82
N ARG H 143 2.03 28.31 -16.25
CA ARG H 143 2.18 29.78 -16.27
C ARG H 143 1.43 30.47 -15.15
N LEU H 144 1.87 31.67 -14.79
CA LEU H 144 1.10 32.53 -13.89
C LEU H 144 0.85 33.76 -14.77
N MET H 145 -0.39 34.17 -14.93
CA MET H 145 -0.75 35.24 -15.86
C MET H 145 -1.75 36.17 -15.23
N GLU H 146 -1.70 37.45 -15.63
CA GLU H 146 -2.75 38.45 -15.38
C GLU H 146 -2.74 39.33 -16.62
N ILE H 147 -3.65 39.06 -17.58
CA ILE H 147 -3.63 39.72 -18.89
C ILE H 147 -4.82 40.67 -19.07
N ASN H 148 -5.32 41.24 -17.99
CA ASN H 148 -6.31 42.29 -18.13
C ASN H 148 -5.65 43.56 -18.65
N ASP H 149 -5.90 43.91 -19.93
CA ASP H 149 -5.24 45.09 -20.50
C ASP H 149 -5.62 46.40 -19.80
N LYS H 150 -6.59 46.39 -18.87
CA LYS H 150 -7.06 47.61 -18.21
C LYS H 150 -6.29 47.91 -16.94
N THR H 151 -5.35 47.05 -16.52
CA THR H 151 -4.67 47.19 -15.24
C THR H 151 -3.16 47.09 -15.44
N TRP H 152 -2.42 47.85 -14.64
CA TRP H 152 -0.96 47.79 -14.63
C TRP H 152 -0.55 46.97 -13.41
N LYS H 153 0.06 45.82 -13.65
CA LYS H 153 0.54 44.95 -12.58
C LYS H 153 1.96 45.35 -12.24
N SER H 154 2.27 45.35 -10.95
CA SER H 154 3.62 45.73 -10.52
C SER H 154 3.92 45.07 -9.18
N GLY H 155 5.20 44.74 -8.96
CA GLY H 155 5.67 44.40 -7.65
C GLY H 155 6.01 42.95 -7.41
N ILE H 156 6.11 42.13 -8.45
CA ILE H 156 6.48 40.74 -8.27
C ILE H 156 7.93 40.57 -8.71
N ILE H 157 8.66 39.71 -8.00
CA ILE H 157 10.06 39.42 -8.29
C ILE H 157 10.15 37.92 -8.53
N VAL H 158 10.46 37.52 -9.76
CA VAL H 158 10.38 36.15 -10.20
C VAL H 158 11.76 35.52 -10.09
N LYS H 159 11.84 34.44 -9.29
CA LYS H 159 13.08 33.69 -9.17
C LYS H 159 13.15 32.52 -10.16
N GLY H 160 12.05 31.77 -10.31
CA GLY H 160 12.11 30.56 -11.12
C GLY H 160 10.92 29.68 -10.87
N PHE H 161 10.88 28.58 -11.61
CA PHE H 161 9.88 27.53 -11.36
C PHE H 161 10.56 26.34 -10.68
N ASP H 162 9.94 25.81 -9.65
CA ASP H 162 10.42 24.64 -8.94
C ASP H 162 9.46 23.49 -9.27
N ILE H 163 9.99 22.44 -9.88
CA ILE H 163 9.22 21.25 -10.17
C ILE H 163 9.70 20.19 -9.20
N ARG H 164 8.85 19.78 -8.24
CA ARG H 164 9.21 18.90 -7.13
C ARG H 164 8.22 17.76 -6.96
N PRO H 165 8.69 16.59 -6.56
CA PRO H 165 7.74 15.52 -6.18
C PRO H 165 6.91 15.96 -4.98
N ASN H 166 5.63 15.64 -5.02
CA ASN H 166 4.75 15.83 -3.87
C ASN H 166 5.27 15.01 -2.67
C1 NAG I . 51.35 8.65 20.93
C2 NAG I . 50.25 9.47 21.59
C3 NAG I . 49.38 10.13 20.52
C4 NAG I . 50.22 10.88 19.50
C5 NAG I . 51.40 10.03 19.01
C6 NAG I . 52.40 10.81 18.19
C7 NAG I . 48.90 9.06 23.60
C8 NAG I . 48.10 8.04 24.37
N2 NAG I . 49.44 8.63 22.46
O1 NAG I . 52.12 8.07 21.93
O3 NAG I . 48.46 11.02 21.14
O4 NAG I . 49.42 11.22 18.38
O5 NAG I . 52.13 9.48 20.12
O6 NAG I . 52.89 11.94 18.91
O7 NAG I . 49.03 10.21 24.00
C1 NAG I . 49.13 12.63 18.34
C2 NAG I . 48.87 12.98 16.87
C3 NAG I . 48.46 14.44 16.74
C4 NAG I . 47.31 14.77 17.68
C5 NAG I . 47.65 14.33 19.10
C6 NAG I . 46.51 14.50 20.07
C7 NAG I . 50.08 11.75 15.11
C8 NAG I . 51.38 11.61 14.38
N2 NAG I . 50.05 12.69 16.06
O3 NAG I . 48.07 14.69 15.39
O4 NAG I . 47.07 16.17 17.69
O5 NAG I . 47.99 12.93 19.11
O6 NAG I . 46.81 13.89 21.32
O7 NAG I . 49.11 11.05 14.86
C1 NAG I . 45.91 16.47 16.89
C2 NAG I . 45.22 17.70 17.50
C3 NAG I . 44.08 18.19 16.60
C4 NAG I . 44.54 18.34 15.16
C5 NAG I . 45.18 17.04 14.69
C6 NAG I . 45.71 17.09 13.28
C7 NAG I . 44.88 18.17 19.89
C8 NAG I . 44.27 17.68 21.17
N2 NAG I . 44.71 17.38 18.82
O3 NAG I . 43.63 19.45 17.10
O4 NAG I . 43.42 18.64 14.33
O5 NAG I . 46.28 16.74 15.56
O6 NAG I . 46.72 18.10 13.13
O7 NAG I . 45.49 19.23 19.83
C1 NAG J . 14.66 12.80 37.83
C2 NAG J . 15.89 12.00 37.39
C3 NAG J . 15.65 11.38 36.01
C4 NAG J . 14.35 10.59 35.98
C5 NAG J . 13.19 11.43 36.52
C6 NAG J . 11.90 10.64 36.68
C7 NAG J . 18.08 12.74 38.25
C8 NAG J . 17.92 11.69 39.31
N2 NAG J . 17.07 12.85 37.37
O1 NAG J . 14.86 13.32 39.09
O3 NAG J . 16.75 10.55 35.67
O4 NAG J . 14.06 10.24 34.63
O5 NAG J . 13.52 11.95 37.81
O6 NAG J . 12.13 9.41 37.37
O7 NAG J . 19.06 13.47 38.21
C1 NAG J . 14.36 8.85 34.39
C2 NAG J . 13.51 8.39 33.19
C3 NAG J . 13.84 6.94 32.85
C4 NAG J . 15.34 6.72 32.71
C5 NAG J . 16.09 7.30 33.91
C6 NAG J . 17.59 7.26 33.75
C7 NAG J . 11.36 9.56 33.02
C8 NAG J . 9.92 9.54 33.41
N2 NAG J . 12.10 8.54 33.49
O3 NAG J . 13.18 6.60 31.64
O4 NAG J . 15.61 5.32 32.68
O5 NAG J . 15.73 8.68 34.09
O6 NAG J . 18.05 8.34 32.94
O7 NAG J . 11.84 10.43 32.30
C1 NAG J . 15.95 4.85 31.35
C2 NAG J . 16.62 3.49 31.55
C3 NAG J . 16.95 2.87 30.19
C4 NAG J . 15.72 2.84 29.29
C5 NAG J . 15.12 4.24 29.19
C6 NAG J . 13.83 4.27 28.39
C7 NAG J . 17.81 3.33 33.68
C8 NAG J . 19.12 3.49 34.38
N2 NAG J . 17.81 3.59 32.37
O3 NAG J . 17.44 1.54 30.38
O4 NAG J . 16.07 2.38 27.98
O5 NAG J . 14.81 4.72 30.50
O6 NAG J . 12.84 3.47 29.01
O7 NAG J . 16.80 2.96 34.26
C1 NAG K . -15.38 -48.24 -23.60
C2 NAG K . -14.91 -47.17 -24.57
C3 NAG K . -15.05 -45.79 -23.94
C4 NAG K . -16.48 -45.58 -23.41
C5 NAG K . -16.91 -46.75 -22.53
C6 NAG K . -18.37 -46.70 -22.14
C7 NAG K . -13.19 -47.95 -26.15
C8 NAG K . -14.32 -48.34 -27.06
N2 NAG K . -13.53 -47.39 -24.98
O1 NAG K . -15.27 -49.50 -24.20
O3 NAG K . -14.75 -44.78 -24.90
O4 NAG K . -16.53 -44.38 -22.64
O5 NAG K . -16.72 -47.99 -23.24
O6 NAG K . -19.22 -46.83 -23.27
O7 NAG K . -12.02 -48.13 -26.46
C1 NAG K . -17.42 -43.45 -23.29
C2 NAG K . -17.94 -42.48 -22.23
C3 NAG K . -18.88 -41.45 -22.87
C4 NAG K . -18.22 -40.78 -24.07
C5 NAG K . -17.62 -41.82 -25.02
C6 NAG K . -16.79 -41.20 -26.13
C7 NAG K . -18.11 -43.36 -19.95
C8 NAG K . -18.95 -44.13 -18.97
N2 NAG K . -18.63 -43.20 -21.16
O3 NAG K . -19.24 -40.48 -21.91
O4 NAG K . -19.19 -40.04 -24.79
O5 NAG K . -16.75 -42.71 -24.31
O6 NAG K . -15.51 -40.83 -25.66
O7 NAG K . -17.01 -42.91 -19.63
C1 NAG K . -18.99 -38.62 -24.64
C2 NAG K . -19.48 -37.94 -25.91
C3 NAG K . -19.36 -36.42 -25.78
C4 NAG K . -20.06 -35.94 -24.51
C5 NAG K . -19.52 -36.70 -23.31
C6 NAG K . -20.25 -36.34 -22.02
C7 NAG K . -19.33 -38.75 -28.23
C8 NAG K . -18.43 -39.21 -29.31
N2 NAG K . -18.75 -38.41 -27.07
O3 NAG K . -19.95 -35.81 -26.93
O4 NAG K . -19.84 -34.54 -24.34
O5 NAG K . -19.70 -38.10 -23.51
O6 NAG K . -21.55 -36.92 -21.99
O7 NAG K . -20.55 -38.68 -28.38
C1 NAG L . -2.42 50.50 -21.97
C2 NAG L . -3.35 49.56 -22.73
C3 NAG L . -2.79 48.14 -22.72
C4 NAG L . -1.34 48.12 -23.18
C5 NAG L . -0.51 49.17 -22.45
C6 NAG L . 0.89 49.31 -23.01
C7 NAG L . -5.66 50.39 -22.60
C8 NAG L . -6.98 50.28 -21.88
N2 NAG L . -4.69 49.58 -22.16
O1 NAG L . -2.92 51.80 -22.01
O3 NAG L . -3.59 47.31 -23.56
O4 NAG L . -0.78 46.84 -22.88
O5 NAG L . -1.13 50.45 -22.55
O6 NAG L . 0.88 49.34 -24.43
O7 NAG L . -5.49 51.18 -23.53
C1 NAG L . -0.74 46.00 -24.06
C2 NAG L . 0.41 45.01 -23.85
C3 NAG L . 0.49 44.05 -25.03
C4 NAG L . -0.86 43.40 -25.31
C5 NAG L . -1.95 44.46 -25.40
C6 NAG L . -3.34 43.88 -25.51
C7 NAG L . 2.23 45.88 -22.46
C8 NAG L . 3.53 46.62 -22.44
N2 NAG L . 1.67 45.70 -23.66
O3 NAG L . 1.47 43.06 -24.75
O4 NAG L . -0.83 42.70 -26.55
O5 NAG L . -1.95 45.30 -24.24
O6 NAG L . -4.34 44.89 -25.48
O7 NAG L . 1.70 45.47 -21.43
C1 NAG L . -0.49 41.31 -26.37
C2 NAG L . -1.20 40.50 -27.46
C3 NAG L . -0.78 39.03 -27.41
C4 NAG L . 0.74 38.91 -27.43
C5 NAG L . 1.34 39.75 -26.31
C6 NAG L . 2.85 39.76 -26.32
C7 NAG L . -3.40 41.42 -28.10
C8 NAG L . -2.67 42.21 -29.13
N2 NAG L . -2.65 40.61 -27.33
O3 NAG L . -1.33 38.34 -28.52
O4 NAG L . 1.14 37.55 -27.26
O5 NAG L . 0.92 41.12 -26.48
O6 NAG L . 3.36 40.55 -27.39
O7 NAG L . -4.61 41.50 -27.95
ZN ZN M . 30.34 0.80 -3.72
CL CL N . 37.46 27.23 5.13
ZN ZN O . 7.45 24.95 3.35
ZN ZN P . 10.14 -3.34 9.33
ZN ZN Q . 19.16 0.10 15.22
ZN ZN R . 19.31 23.90 29.23
ZN ZN S . 21.83 -1.46 -2.09
ZN ZN T . -4.03 -25.40 4.62
ZN ZN U . -1.27 1.80 14.09
ZN ZN V . -4.09 -3.10 23.99
ZN ZN W . -7.92 -18.32 2.98
ZN ZN X . -18.19 -25.07 26.09
ZN ZN Y . -25.13 -2.14 17.95
ZN ZN Z . -45.55 -16.77 27.00
ZN ZN AA . -8.67 -50.87 -1.26
ZN ZN BA . -14.06 -5.65 -15.12
ZN ZN CA . -17.93 -22.11 -21.70
ZN ZN DA . -6.93 -3.28 -20.37
ZN ZN EA . -5.60 -16.71 -39.49
ZN ZN FA . 5.50 0.01 -40.09
ZN ZN GA . 0.45 1.31 -16.91
ZN ZN HA . -8.55 5.65 -19.24
ZN ZN IA . -11.95 0.49 -12.10
ZN ZN JA . -17.17 24.08 -5.29
#